data_4FU6
# 
_entry.id   4FU6 
# 
_audit_conform.dict_name       mmcif_pdbx.dic 
_audit_conform.dict_version    5.379 
_audit_conform.dict_location   http://mmcif.pdb.org/dictionaries/ascii/mmcif_pdbx.dic 
# 
loop_
_database_2.database_id 
_database_2.database_code 
_database_2.pdbx_database_accession 
_database_2.pdbx_DOI 
PDB   4FU6         pdb_00004fu6 10.2210/pdb4fu6/pdb 
RCSB  RCSB073360   ?            ?                   
WWPDB D_1000073360 ?            ?                   
# 
_pdbx_database_status.entry_id                        4FU6 
_pdbx_database_status.status_code                     REL 
_pdbx_database_status.deposit_site                    RCSB 
_pdbx_database_status.process_site                    RCSB 
_pdbx_database_status.recvd_initial_deposition_date   2012-06-28 
_pdbx_database_status.status_code_sf                  REL 
_pdbx_database_status.status_code_mr                  ? 
_pdbx_database_status.SG_entry                        Y 
_pdbx_database_status.status_code_cs                  ? 
_pdbx_database_status.methods_development_category    ? 
_pdbx_database_status.pdb_format_compatible           Y 
_pdbx_database_status.status_code_nmr_data            ? 
# 
loop_
_audit_author.name 
_audit_author.pdbx_ordinal 
'Qin, S.'                              1  
'Tempel, W.'                           2  
'Xu, C.'                               3  
'Wu, H.'                               4  
'Dong, A.'                             5  
'Cerovina, T.'                         6  
'Bountra, C.'                          7  
'Arrowsmith, C.H.'                     8  
'Edwards, A.M.'                        9  
'Min, J.'                              10 
'Structural Genomics Consortium (SGC)' 11 
# 
_citation.id                        primary 
_citation.title                     'Structure and function of the nucleosome-binding PWWP domain.' 
_citation.journal_abbrev            'Trends Biochem.Sci.' 
_citation.journal_volume            39 
_citation.page_first                536 
_citation.page_last                 547 
_citation.year                      2014 
_citation.journal_id_ASTM           TBSCDB 
_citation.country                   NE 
_citation.journal_id_ISSN           0968-0004 
_citation.journal_id_CSD            0946 
_citation.book_publisher            ? 
_citation.pdbx_database_id_PubMed   25277115 
_citation.pdbx_database_id_DOI      10.1016/j.tibs.2014.09.001 
# 
loop_
_citation_author.citation_id 
_citation_author.name 
_citation_author.ordinal 
_citation_author.identifier_ORCID 
primary 'Qin, S.' 1 ? 
primary 'Min, J.' 2 ? 
# 
_cell.entry_id           4FU6 
_cell.length_a           45.960 
_cell.length_b           45.960 
_cell.length_c           156.240 
_cell.angle_alpha        90.000 
_cell.angle_beta         90.000 
_cell.angle_gamma        90.000 
_cell.pdbx_unique_axis   ? 
_cell.Z_PDB              8 
_cell.length_a_esd       ? 
_cell.length_b_esd       ? 
_cell.length_c_esd       ? 
_cell.angle_alpha_esd    ? 
_cell.angle_beta_esd     ? 
_cell.angle_gamma_esd    ? 
# 
_symmetry.entry_id                         4FU6 
_symmetry.space_group_name_H-M             'P 43 21 2' 
_symmetry.Int_Tables_number                96 
_symmetry.pdbx_full_space_group_name_H-M   ? 
_symmetry.cell_setting                     ? 
_symmetry.space_group_name_Hall            ? 
# 
loop_
_entity.id 
_entity.type 
_entity.src_method 
_entity.pdbx_description 
_entity.formula_weight 
_entity.pdbx_number_of_molecules 
_entity.pdbx_ec 
_entity.pdbx_mutation 
_entity.pdbx_fragment 
_entity.details 
1 polymer     man 'PC4 and SFRS1-interacting protein' 17518.379 1  ? ? 'UNP residues 1-135' ? 
2 non-polymer syn 'SULFATE ION'                       96.063    3  ? ? ?                    ? 
3 non-polymer syn GLYCEROL                            92.094    1  ? ? ?                    ? 
4 non-polymer syn 'UNKNOWN ATOM OR ION'               ?         5  ? ? ?                    ? 
5 water       nat water                               18.015    30 ? ? ?                    ? 
# 
_entity_name_com.entity_id   1 
_entity_name_com.name        
;CLL-associated antigen KW-7, Dense fine speckles 70 kDa protein, DFS 70, Lens epithelium-derived growth factor, Transcriptional coactivator p75/p52
;
# 
_entity_poly.entity_id                      1 
_entity_poly.type                           'polypeptide(L)' 
_entity_poly.nstd_linkage                   no 
_entity_poly.nstd_monomer                   no 
_entity_poly.pdbx_seq_one_letter_code       
;MHHHHHHSSGRENLYFQGMTRDFKPGDLIFAKMKGYPHWPARVDEVPDGAVKPPTNKLPIFFFGTHETAFLGPKDIFPYS
ENKEKYGKPNKRKGFNEGLWEIDNNPKVKFSSQQAATKQSNASSDVEVEEKETSVSKEDTDHEEKASNEDVTK
;
_entity_poly.pdbx_seq_one_letter_code_can   
;MHHHHHHSSGRENLYFQGMTRDFKPGDLIFAKMKGYPHWPARVDEVPDGAVKPPTNKLPIFFFGTHETAFLGPKDIFPYS
ENKEKYGKPNKRKGFNEGLWEIDNNPKVKFSSQQAATKQSNASSDVEVEEKETSVSKEDTDHEEKASNEDVTK
;
_entity_poly.pdbx_strand_id                 A 
_entity_poly.pdbx_target_identifier         ? 
# 
loop_
_entity_poly_seq.entity_id 
_entity_poly_seq.num 
_entity_poly_seq.mon_id 
_entity_poly_seq.hetero 
1 1   MET n 
1 2   HIS n 
1 3   HIS n 
1 4   HIS n 
1 5   HIS n 
1 6   HIS n 
1 7   HIS n 
1 8   SER n 
1 9   SER n 
1 10  GLY n 
1 11  ARG n 
1 12  GLU n 
1 13  ASN n 
1 14  LEU n 
1 15  TYR n 
1 16  PHE n 
1 17  GLN n 
1 18  GLY n 
1 19  MET n 
1 20  THR n 
1 21  ARG n 
1 22  ASP n 
1 23  PHE n 
1 24  LYS n 
1 25  PRO n 
1 26  GLY n 
1 27  ASP n 
1 28  LEU n 
1 29  ILE n 
1 30  PHE n 
1 31  ALA n 
1 32  LYS n 
1 33  MET n 
1 34  LYS n 
1 35  GLY n 
1 36  TYR n 
1 37  PRO n 
1 38  HIS n 
1 39  TRP n 
1 40  PRO n 
1 41  ALA n 
1 42  ARG n 
1 43  VAL n 
1 44  ASP n 
1 45  GLU n 
1 46  VAL n 
1 47  PRO n 
1 48  ASP n 
1 49  GLY n 
1 50  ALA n 
1 51  VAL n 
1 52  LYS n 
1 53  PRO n 
1 54  PRO n 
1 55  THR n 
1 56  ASN n 
1 57  LYS n 
1 58  LEU n 
1 59  PRO n 
1 60  ILE n 
1 61  PHE n 
1 62  PHE n 
1 63  PHE n 
1 64  GLY n 
1 65  THR n 
1 66  HIS n 
1 67  GLU n 
1 68  THR n 
1 69  ALA n 
1 70  PHE n 
1 71  LEU n 
1 72  GLY n 
1 73  PRO n 
1 74  LYS n 
1 75  ASP n 
1 76  ILE n 
1 77  PHE n 
1 78  PRO n 
1 79  TYR n 
1 80  SER n 
1 81  GLU n 
1 82  ASN n 
1 83  LYS n 
1 84  GLU n 
1 85  LYS n 
1 86  TYR n 
1 87  GLY n 
1 88  LYS n 
1 89  PRO n 
1 90  ASN n 
1 91  LYS n 
1 92  ARG n 
1 93  LYS n 
1 94  GLY n 
1 95  PHE n 
1 96  ASN n 
1 97  GLU n 
1 98  GLY n 
1 99  LEU n 
1 100 TRP n 
1 101 GLU n 
1 102 ILE n 
1 103 ASP n 
1 104 ASN n 
1 105 ASN n 
1 106 PRO n 
1 107 LYS n 
1 108 VAL n 
1 109 LYS n 
1 110 PHE n 
1 111 SER n 
1 112 SER n 
1 113 GLN n 
1 114 GLN n 
1 115 ALA n 
1 116 ALA n 
1 117 THR n 
1 118 LYS n 
1 119 GLN n 
1 120 SER n 
1 121 ASN n 
1 122 ALA n 
1 123 SER n 
1 124 SER n 
1 125 ASP n 
1 126 VAL n 
1 127 GLU n 
1 128 VAL n 
1 129 GLU n 
1 130 GLU n 
1 131 LYS n 
1 132 GLU n 
1 133 THR n 
1 134 SER n 
1 135 VAL n 
1 136 SER n 
1 137 LYS n 
1 138 GLU n 
1 139 ASP n 
1 140 THR n 
1 141 ASP n 
1 142 HIS n 
1 143 GLU n 
1 144 GLU n 
1 145 LYS n 
1 146 ALA n 
1 147 SER n 
1 148 ASN n 
1 149 GLU n 
1 150 ASP n 
1 151 VAL n 
1 152 THR n 
1 153 LYS n 
# 
_entity_src_gen.entity_id                          1 
_entity_src_gen.pdbx_src_id                        1 
_entity_src_gen.pdbx_alt_source_flag               sample 
_entity_src_gen.pdbx_seq_type                      ? 
_entity_src_gen.pdbx_beg_seq_num                   ? 
_entity_src_gen.pdbx_end_seq_num                   ? 
_entity_src_gen.gene_src_common_name               human 
_entity_src_gen.gene_src_genus                     ? 
_entity_src_gen.pdbx_gene_src_gene                 'PSIP1, DFS70, LEDGF, PSIP2' 
_entity_src_gen.gene_src_species                   ? 
_entity_src_gen.gene_src_strain                    ? 
_entity_src_gen.gene_src_tissue                    ? 
_entity_src_gen.gene_src_tissue_fraction           ? 
_entity_src_gen.gene_src_details                   ? 
_entity_src_gen.pdbx_gene_src_fragment             ? 
_entity_src_gen.pdbx_gene_src_scientific_name      'Homo sapiens' 
_entity_src_gen.pdbx_gene_src_ncbi_taxonomy_id     9606 
_entity_src_gen.pdbx_gene_src_variant              ? 
_entity_src_gen.pdbx_gene_src_cell_line            ? 
_entity_src_gen.pdbx_gene_src_atcc                 ? 
_entity_src_gen.pdbx_gene_src_organ                ? 
_entity_src_gen.pdbx_gene_src_organelle            ? 
_entity_src_gen.pdbx_gene_src_cell                 ? 
_entity_src_gen.pdbx_gene_src_cellular_location    ? 
_entity_src_gen.host_org_common_name               ? 
_entity_src_gen.pdbx_host_org_scientific_name      'Escherichia coli' 
_entity_src_gen.pdbx_host_org_ncbi_taxonomy_id     469008 
_entity_src_gen.host_org_genus                     ? 
_entity_src_gen.pdbx_host_org_gene                 ? 
_entity_src_gen.pdbx_host_org_organ                ? 
_entity_src_gen.host_org_species                   ? 
_entity_src_gen.pdbx_host_org_tissue               ? 
_entity_src_gen.pdbx_host_org_tissue_fraction      ? 
_entity_src_gen.pdbx_host_org_strain               'BL21(DE3)' 
_entity_src_gen.pdbx_host_org_variant              ? 
_entity_src_gen.pdbx_host_org_cell_line            ? 
_entity_src_gen.pdbx_host_org_atcc                 ? 
_entity_src_gen.pdbx_host_org_culture_collection   ? 
_entity_src_gen.pdbx_host_org_cell                 ? 
_entity_src_gen.pdbx_host_org_organelle            ? 
_entity_src_gen.pdbx_host_org_cellular_location    ? 
_entity_src_gen.pdbx_host_org_vector_type          plasmid 
_entity_src_gen.pdbx_host_org_vector               ? 
_entity_src_gen.host_org_details                   ? 
_entity_src_gen.expression_system_id               ? 
_entity_src_gen.plasmid_name                       pET28-MHL 
_entity_src_gen.plasmid_details                    ? 
_entity_src_gen.pdbx_description                   ? 
# 
_struct_ref.id                         1 
_struct_ref.db_name                    UNP 
_struct_ref.db_code                    PSIP1_HUMAN 
_struct_ref.pdbx_db_accession          O75475 
_struct_ref.entity_id                  1 
_struct_ref.pdbx_seq_one_letter_code   
;MTRDFKPGDLIFAKMKGYPHWPARVDEVPDGAVKPPTNKLPIFFFGTHETAFLGPKDIFPYSENKEKYGKPNKRKGFNEG
LWEIDNNPKVKFSSQQAATKQSNASSDVEVEEKETSVSKEDTDHEEKASNEDVTK
;
_struct_ref.pdbx_align_begin           1 
_struct_ref.pdbx_db_isoform            ? 
# 
_struct_ref_seq.align_id                      1 
_struct_ref_seq.ref_id                        1 
_struct_ref_seq.pdbx_PDB_id_code              4FU6 
_struct_ref_seq.pdbx_strand_id                A 
_struct_ref_seq.seq_align_beg                 19 
_struct_ref_seq.pdbx_seq_align_beg_ins_code   ? 
_struct_ref_seq.seq_align_end                 153 
_struct_ref_seq.pdbx_seq_align_end_ins_code   ? 
_struct_ref_seq.pdbx_db_accession             O75475 
_struct_ref_seq.db_align_beg                  1 
_struct_ref_seq.pdbx_db_align_beg_ins_code    ? 
_struct_ref_seq.db_align_end                  135 
_struct_ref_seq.pdbx_db_align_end_ins_code    ? 
_struct_ref_seq.pdbx_auth_seq_align_beg       1 
_struct_ref_seq.pdbx_auth_seq_align_end       135 
# 
loop_
_struct_ref_seq_dif.align_id 
_struct_ref_seq_dif.pdbx_pdb_id_code 
_struct_ref_seq_dif.mon_id 
_struct_ref_seq_dif.pdbx_pdb_strand_id 
_struct_ref_seq_dif.seq_num 
_struct_ref_seq_dif.pdbx_pdb_ins_code 
_struct_ref_seq_dif.pdbx_seq_db_name 
_struct_ref_seq_dif.pdbx_seq_db_accession_code 
_struct_ref_seq_dif.db_mon_id 
_struct_ref_seq_dif.pdbx_seq_db_seq_num 
_struct_ref_seq_dif.details 
_struct_ref_seq_dif.pdbx_auth_seq_num 
_struct_ref_seq_dif.pdbx_ordinal 
1 4FU6 MET A 1  ? UNP O75475 ? ? 'expression tag' -17 1  
1 4FU6 HIS A 2  ? UNP O75475 ? ? 'expression tag' -16 2  
1 4FU6 HIS A 3  ? UNP O75475 ? ? 'expression tag' -15 3  
1 4FU6 HIS A 4  ? UNP O75475 ? ? 'expression tag' -14 4  
1 4FU6 HIS A 5  ? UNP O75475 ? ? 'expression tag' -13 5  
1 4FU6 HIS A 6  ? UNP O75475 ? ? 'expression tag' -12 6  
1 4FU6 HIS A 7  ? UNP O75475 ? ? 'expression tag' -11 7  
1 4FU6 SER A 8  ? UNP O75475 ? ? 'expression tag' -10 8  
1 4FU6 SER A 9  ? UNP O75475 ? ? 'expression tag' -9  9  
1 4FU6 GLY A 10 ? UNP O75475 ? ? 'expression tag' -8  10 
1 4FU6 ARG A 11 ? UNP O75475 ? ? 'expression tag' -7  11 
1 4FU6 GLU A 12 ? UNP O75475 ? ? 'expression tag' -6  12 
1 4FU6 ASN A 13 ? UNP O75475 ? ? 'expression tag' -5  13 
1 4FU6 LEU A 14 ? UNP O75475 ? ? 'expression tag' -4  14 
1 4FU6 TYR A 15 ? UNP O75475 ? ? 'expression tag' -3  15 
1 4FU6 PHE A 16 ? UNP O75475 ? ? 'expression tag' -2  16 
1 4FU6 GLN A 17 ? UNP O75475 ? ? 'expression tag' -1  17 
1 4FU6 GLY A 18 ? UNP O75475 ? ? 'expression tag' 0   18 
# 
loop_
_chem_comp.id 
_chem_comp.type 
_chem_comp.mon_nstd_flag 
_chem_comp.name 
_chem_comp.pdbx_synonyms 
_chem_comp.formula 
_chem_comp.formula_weight 
ALA 'L-peptide linking' y ALANINE               ?                               'C3 H7 N O2'     89.093  
ARG 'L-peptide linking' y ARGININE              ?                               'C6 H15 N4 O2 1' 175.209 
ASN 'L-peptide linking' y ASPARAGINE            ?                               'C4 H8 N2 O3'    132.118 
ASP 'L-peptide linking' y 'ASPARTIC ACID'       ?                               'C4 H7 N O4'     133.103 
GLN 'L-peptide linking' y GLUTAMINE             ?                               'C5 H10 N2 O3'   146.144 
GLU 'L-peptide linking' y 'GLUTAMIC ACID'       ?                               'C5 H9 N O4'     147.129 
GLY 'peptide linking'   y GLYCINE               ?                               'C2 H5 N O2'     75.067  
GOL non-polymer         . GLYCEROL              'GLYCERIN; PROPANE-1,2,3-TRIOL' 'C3 H8 O3'       92.094  
HIS 'L-peptide linking' y HISTIDINE             ?                               'C6 H10 N3 O2 1' 156.162 
HOH non-polymer         . WATER                 ?                               'H2 O'           18.015  
ILE 'L-peptide linking' y ISOLEUCINE            ?                               'C6 H13 N O2'    131.173 
LEU 'L-peptide linking' y LEUCINE               ?                               'C6 H13 N O2'    131.173 
LYS 'L-peptide linking' y LYSINE                ?                               'C6 H15 N2 O2 1' 147.195 
MET 'L-peptide linking' y METHIONINE            ?                               'C5 H11 N O2 S'  149.211 
PHE 'L-peptide linking' y PHENYLALANINE         ?                               'C9 H11 N O2'    165.189 
PRO 'L-peptide linking' y PROLINE               ?                               'C5 H9 N O2'     115.130 
SER 'L-peptide linking' y SERINE                ?                               'C3 H7 N O3'     105.093 
SO4 non-polymer         . 'SULFATE ION'         ?                               'O4 S -2'        96.063  
THR 'L-peptide linking' y THREONINE             ?                               'C4 H9 N O3'     119.119 
TRP 'L-peptide linking' y TRYPTOPHAN            ?                               'C11 H12 N2 O2'  204.225 
TYR 'L-peptide linking' y TYROSINE              ?                               'C9 H11 N O3'    181.189 
UNX non-polymer         . 'UNKNOWN ATOM OR ION' ?                               ?                ?       
VAL 'L-peptide linking' y VALINE                ?                               'C5 H11 N O2'    117.146 
# 
_exptl.crystals_number   1 
_exptl.entry_id          4FU6 
_exptl.method            'X-RAY DIFFRACTION' 
# 
_exptl_crystal.id                    1 
_exptl_crystal.density_percent_sol   47.77 
_exptl_crystal.density_Matthews      2.35 
_exptl_crystal.density_meas          ? 
_exptl_crystal.description           ? 
_exptl_crystal.F_000                 ? 
_exptl_crystal.preparation           ? 
# 
_exptl_crystal_grow.crystal_id      1 
_exptl_crystal_grow.method          'VAPOR DIFFUSION' 
_exptl_crystal_grow.pH              8.5 
_exptl_crystal_grow.temp            291 
_exptl_crystal_grow.pdbx_details    
'The protein sample was treated with V8 protease. 2.5M ammonium sulfate, 0.1M TRIS, pH 8.5, vapor diffusion, temperature 291K' 
_exptl_crystal_grow.temp_details    ? 
_exptl_crystal_grow.pdbx_pH_range   ? 
# 
_diffrn.id                     1 
_diffrn.ambient_temp           100 
_diffrn.ambient_temp_details   ? 
_diffrn.crystal_id             1 
# 
_diffrn_detector.diffrn_id              1 
_diffrn_detector.detector               'IMAGE PLATE' 
_diffrn_detector.type                   'MAR scanner 300 mm plate' 
_diffrn_detector.pdbx_collection_date   2012-06-22 
_diffrn_detector.details                ? 
# 
_diffrn_radiation.diffrn_id                        1 
_diffrn_radiation.pdbx_diffrn_protocol             'SINGLE WAVELENGTH' 
_diffrn_radiation.monochromator                    ? 
_diffrn_radiation.wavelength_id                    1 
_diffrn_radiation.pdbx_monochromatic_or_laue_m_l   M 
_diffrn_radiation.pdbx_scattering_type             x-ray 
# 
_diffrn_radiation_wavelength.id           1 
_diffrn_radiation_wavelength.wavelength   0.97944 
_diffrn_radiation_wavelength.wt           1.0 
# 
_diffrn_source.diffrn_id                   1 
_diffrn_source.source                      SYNCHROTRON 
_diffrn_source.type                        'APS BEAMLINE 23-ID-D' 
_diffrn_source.pdbx_wavelength_list        0.97944 
_diffrn_source.pdbx_wavelength             ? 
_diffrn_source.pdbx_synchrotron_site       APS 
_diffrn_source.pdbx_synchrotron_beamline   23-ID-D 
# 
_reflns.entry_id                     4FU6 
_reflns.d_resolution_high            2.100 
_reflns.d_resolution_low             50.000 
_reflns.number_obs                   10584 
_reflns.pdbx_Rmerge_I_obs            0.081 
_reflns.pdbx_netI_over_sigmaI        10.200 
_reflns.pdbx_chi_squared             1.763 
_reflns.pdbx_redundancy              13.400 
_reflns.percent_possible_obs         100.0 
_reflns.observed_criterion_sigma_F   ? 
_reflns.observed_criterion_sigma_I   ? 
_reflns.number_all                   ? 
_reflns.pdbx_Rsym_value              ? 
_reflns.B_iso_Wilson_estimate        ? 
_reflns.R_free_details               ? 
_reflns.limit_h_max                  ? 
_reflns.limit_h_min                  ? 
_reflns.limit_k_max                  ? 
_reflns.limit_k_min                  ? 
_reflns.limit_l_max                  ? 
_reflns.limit_l_min                  ? 
_reflns.observed_criterion_F_max     ? 
_reflns.observed_criterion_F_min     ? 
_reflns.pdbx_scaling_rejects         ? 
_reflns.pdbx_ordinal                 1 
_reflns.pdbx_diffrn_id               1 
# 
loop_
_reflns_shell.d_res_high 
_reflns_shell.d_res_low 
_reflns_shell.number_measured_obs 
_reflns_shell.number_measured_all 
_reflns_shell.number_unique_obs 
_reflns_shell.Rmerge_I_obs 
_reflns_shell.meanI_over_sigI_obs 
_reflns_shell.pdbx_Rsym_value 
_reflns_shell.pdbx_chi_squared 
_reflns_shell.pdbx_redundancy 
_reflns_shell.percent_possible_obs 
_reflns_shell.number_unique_all 
_reflns_shell.percent_possible_all 
_reflns_shell.pdbx_ordinal 
_reflns_shell.pdbx_diffrn_id 
2.100 2.140  ? ? ? 0.981 ? ? 1.241 11.400 ? 482 100.000 1  1 
2.140 2.180  ? ? ? 0.843 ? ? 1.250 12.000 ? 532 100.000 2  1 
2.180 2.220  ? ? ? 0.815 ? ? 1.328 12.900 ? 495 100.000 3  1 
2.220 2.260  ? ? ? 0.759 ? ? 1.404 13.200 ? 510 100.000 4  1 
2.260 2.310  ? ? ? 0.577 ? ? 1.312 13.700 ? 520 100.000 5  1 
2.310 2.370  ? ? ? 0.479 ? ? 1.318 14.000 ? 502 100.000 6  1 
2.370 2.420  ? ? ? 0.444 ? ? 1.288 14.000 ? 535 100.000 7  1 
2.420 2.490  ? ? ? 0.381 ? ? 1.421 14.100 ? 500 100.000 8  1 
2.490 2.560  ? ? ? 0.284 ? ? 1.405 14.000 ? 539 100.000 9  1 
2.560 2.650  ? ? ? 0.269 ? ? 1.421 14.200 ? 503 100.000 10 1 
2.650 2.740  ? ? ? 0.203 ? ? 1.556 14.000 ? 524 100.000 11 1 
2.740 2.850  ? ? ? 0.153 ? ? 1.525 14.200 ? 524 100.000 12 1 
2.850 2.980  ? ? ? 0.124 ? ? 1.539 13.900 ? 525 100.000 13 1 
2.980 3.140  ? ? ? 0.100 ? ? 1.859 14.000 ? 529 100.000 14 1 
3.140 3.330  ? ? ? 0.085 ? ? 2.371 13.700 ? 535 100.000 15 1 
3.330 3.590  ? ? ? 0.071 ? ? 2.968 13.500 ? 529 100.000 16 1 
3.590 3.950  ? ? ? 0.060 ? ? 2.983 13.400 ? 540 99.800  17 1 
3.950 4.520  ? ? ? 0.048 ? ? 2.698 13.300 ? 549 99.500  18 1 
4.520 5.700  ? ? ? 0.042 ? ? 2.210 12.900 ? 570 100.000 19 1 
5.700 50.000 ? ? ? 0.036 ? ? 1.902 11.400 ? 641 100.000 20 1 
# 
_refine.entry_id                                 4FU6 
_refine.ls_d_res_high                            2.1000 
_refine.ls_d_res_low                             40.0000 
_refine.pdbx_ls_sigma_F                          0.000 
_refine.pdbx_data_cutoff_high_absF               ? 
_refine.pdbx_data_cutoff_low_absF                ? 
_refine.ls_percent_reflns_obs                    99.9710 
_refine.ls_number_reflns_obs                     10481 
_refine.ls_number_reflns_all                     ? 
_refine.pdbx_ls_cross_valid_method               THROUGHOUT 
_refine.pdbx_R_Free_selection_details            RANDOM 
_refine.details                                  
;HYDROGENS HAVE BEEN ADDED IN THE RIDING POSITIONS U VALUES      : WITH TLS ADDED. the program COOT and the molprobity server were also used. CAVEAT: the C-terminal direction of the protein main chain at LYS-91 is not resolved by electron density.
;
_refine.ls_R_factor_all                          ? 
_refine.ls_R_factor_obs                          0.2010 
_refine.ls_R_factor_R_work                       0.1999 
_refine.ls_wR_factor_R_work                      0.1980 
_refine.ls_R_factor_R_free                       0.2318 
_refine.ls_wR_factor_R_free                      0.2280 
_refine.ls_percent_reflns_R_free                 4.7420 
_refine.ls_number_reflns_R_free                  497 
_refine.ls_R_factor_R_free_error                 ? 
_refine.B_iso_mean                               46.0120 
_refine.solvent_model_param_bsol                 ? 
_refine.solvent_model_param_ksol                 ? 
_refine.pdbx_isotropic_thermal_model             ? 
_refine.aniso_B[1][1]                            0.5600 
_refine.aniso_B[2][2]                            0.5600 
_refine.aniso_B[3][3]                            -1.1190 
_refine.aniso_B[1][2]                            0.0000 
_refine.aniso_B[1][3]                            0.0000 
_refine.aniso_B[2][3]                            0.0000 
_refine.correlation_coeff_Fo_to_Fc               0.9570 
_refine.correlation_coeff_Fo_to_Fc_free          0.9420 
_refine.overall_SU_R_Cruickshank_DPI             ? 
_refine.overall_SU_R_free                        ? 
_refine.pdbx_overall_ESU_R                       0.1480 
_refine.pdbx_overall_ESU_R_Free                  0.1410 
_refine.overall_SU_ML                            0.1030 
_refine.overall_SU_B                             7.8750 
_refine.solvent_model_details                    'MASK BULK SOLVENT' 
_refine.pdbx_solvent_vdw_probe_radii             1.2000 
_refine.pdbx_solvent_ion_probe_radii             0.8000 
_refine.pdbx_solvent_shrinkage_radii             0.8000 
_refine.ls_number_parameters                     ? 
_refine.ls_number_restraints                     ? 
_refine.pdbx_starting_model                      'pdb entry 3QBY' 
_refine.pdbx_method_to_determine_struct          'MOLECULAR REPLACEMENT' 
_refine.pdbx_stereochemistry_target_values       'MAXIMUM LIKELIHOOD' 
_refine.pdbx_stereochem_target_val_spec_case     ? 
_refine.overall_FOM_work_R_set                   ? 
_refine.B_iso_max                                107.070 
_refine.B_iso_min                                27.010 
_refine.pdbx_overall_phase_error                 ? 
_refine.occupancy_max                            1.000 
_refine.occupancy_min                            0.500 
_refine.pdbx_ls_sigma_I                          ? 
_refine.ls_redundancy_reflns_obs                 ? 
_refine.ls_R_factor_R_free_error_details         ? 
_refine.pdbx_data_cutoff_high_rms_absF           ? 
_refine.overall_FOM_free_R_set                   ? 
_refine.pdbx_diffrn_id                           1 
_refine.pdbx_refine_id                           'X-RAY DIFFRACTION' 
_refine.pdbx_TLS_residual_ADP_flag               ? 
_refine.pdbx_overall_SU_R_free_Cruickshank_DPI   ? 
_refine.pdbx_overall_SU_R_Blow_DPI               ? 
_refine.pdbx_overall_SU_R_free_Blow_DPI          ? 
# 
_refine_hist.pdbx_refine_id                   'X-RAY DIFFRACTION' 
_refine_hist.cycle_id                         LAST 
_refine_hist.pdbx_number_atoms_protein        752 
_refine_hist.pdbx_number_atoms_nucleic_acid   0 
_refine_hist.pdbx_number_atoms_ligand         26 
_refine_hist.number_atoms_solvent             30 
_refine_hist.number_atoms_total               808 
_refine_hist.d_res_high                       2.1000 
_refine_hist.d_res_low                        40.0000 
# 
loop_
_refine_ls_restr.type 
_refine_ls_restr.number 
_refine_ls_restr.dev_ideal 
_refine_ls_restr.dev_ideal_target 
_refine_ls_restr.weight 
_refine_ls_restr.pdbx_restraint_function 
_refine_ls_restr.pdbx_refine_id 
r_bond_refined_d       797  0.014  0.020  ? ? 'X-RAY DIFFRACTION' 
r_bond_other_d         699  0.002  0.020  ? ? 'X-RAY DIFFRACTION' 
r_angle_refined_deg    1081 1.468  1.971  ? ? 'X-RAY DIFFRACTION' 
r_angle_other_deg      1617 0.801  3.000  ? ? 'X-RAY DIFFRACTION' 
r_dihedral_angle_1_deg 93   6.521  5.000  ? ? 'X-RAY DIFFRACTION' 
r_dihedral_angle_2_deg 37   36.061 23.784 ? ? 'X-RAY DIFFRACTION' 
r_dihedral_angle_3_deg 115  13.557 15.000 ? ? 'X-RAY DIFFRACTION' 
r_dihedral_angle_4_deg 3    14.306 15.000 ? ? 'X-RAY DIFFRACTION' 
r_chiral_restr         105  0.089  0.200  ? ? 'X-RAY DIFFRACTION' 
r_gen_planes_refined   888  0.006  0.021  ? ? 'X-RAY DIFFRACTION' 
r_gen_planes_other     191  0.001  0.020  ? ? 'X-RAY DIFFRACTION' 
# 
loop_
_refine_ls_shell.pdbx_total_number_of_bins_used 
_refine_ls_shell.d_res_low 
_refine_ls_shell.d_res_high 
_refine_ls_shell.number_reflns_all 
_refine_ls_shell.percent_reflns_obs 
_refine_ls_shell.number_reflns_R_work 
_refine_ls_shell.R_factor_R_work 
_refine_ls_shell.number_reflns_R_free 
_refine_ls_shell.R_factor_R_free 
_refine_ls_shell.number_reflns_obs 
_refine_ls_shell.R_factor_R_free_error 
_refine_ls_shell.percent_reflns_R_free 
_refine_ls_shell.redundancy_reflns_obs 
_refine_ls_shell.R_factor_all 
_refine_ls_shell.pdbx_refine_id 
20 2.154  2.100 734 99.864  706 0.310 27 0.267 . . . . . 'X-RAY DIFFRACTION' 
20 2.213  2.154 728 99.863  691 0.261 36 0.388 . . . . . 'X-RAY DIFFRACTION' 
20 2.277  2.213 713 100.000 674 0.239 39 0.253 . . . . . 'X-RAY DIFFRACTION' 
20 2.347  2.277 691 100.000 656 0.214 35 0.282 . . . . . 'X-RAY DIFFRACTION' 
20 2.424  2.347 686 100.000 649 0.200 37 0.279 . . . . . 'X-RAY DIFFRACTION' 
20 2.508  2.424 648 100.000 623 0.201 25 0.310 . . . . . 'X-RAY DIFFRACTION' 
20 2.603  2.508 627 100.000 593 0.211 34 0.195 . . . . . 'X-RAY DIFFRACTION' 
20 2.709  2.603 636 100.000 600 0.202 36 0.238 . . . . . 'X-RAY DIFFRACTION' 
20 2.828  2.709 560 100.000 518 0.193 42 0.245 . . . . . 'X-RAY DIFFRACTION' 
20 2.966  2.828 568 100.000 539 0.209 29 0.257 . . . . . 'X-RAY DIFFRACTION' 
20 3.125  2.966 535 100.000 515 0.209 20 0.211 . . . . . 'X-RAY DIFFRACTION' 
20 3.314  3.125 523 100.000 505 0.212 18 0.240 . . . . . 'X-RAY DIFFRACTION' 
20 3.541  3.314 484 100.000 473 0.188 11 0.291 . . . . . 'X-RAY DIFFRACTION' 
20 3.822  3.541 458 100.000 439 0.171 19 0.200 . . . . . 'X-RAY DIFFRACTION' 
20 4.183  3.822 420 99.762  400 0.166 19 0.180 . . . . . 'X-RAY DIFFRACTION' 
20 4.670  4.183 395 100.000 373 0.139 22 0.150 . . . . . 'X-RAY DIFFRACTION' 
20 5.380  4.670 344 100.000 325 0.179 19 0.205 . . . . . 'X-RAY DIFFRACTION' 
20 6.560  5.380 312 100.000 296 0.236 16 0.301 . . . . . 'X-RAY DIFFRACTION' 
20 9.155  6.560 246 100.000 237 0.218 9  0.209 . . . . . 'X-RAY DIFFRACTION' 
20 40.000 9.155 164 100.000 160 0.313 4  0.428 . . . . . 'X-RAY DIFFRACTION' 
# 
_struct.entry_id                  4FU6 
_struct.title                     'Crystal structure of the PSIP1 PWWP domain' 
_struct.pdbx_model_details        ? 
_struct.pdbx_CASP_flag            ? 
_struct.pdbx_model_type_details   ? 
# 
_struct_keywords.entry_id        4FU6 
_struct_keywords.text            'Structural Genomics Consortium, SGC, TRANSCRIPTION' 
_struct_keywords.pdbx_keywords   TRANSCRIPTION 
# 
loop_
_struct_asym.id 
_struct_asym.pdbx_blank_PDB_chainid_flag 
_struct_asym.pdbx_modified 
_struct_asym.entity_id 
_struct_asym.details 
A N N 1 ? 
B N N 2 ? 
C N N 2 ? 
D N N 2 ? 
E N N 3 ? 
F N N 4 ? 
G N N 4 ? 
H N N 4 ? 
I N N 4 ? 
J N N 4 ? 
K N N 5 ? 
# 
_struct_biol.id        1 
_struct_biol.details   ? 
# 
loop_
_struct_conf.conf_type_id 
_struct_conf.id 
_struct_conf.pdbx_PDB_helix_id 
_struct_conf.beg_label_comp_id 
_struct_conf.beg_label_asym_id 
_struct_conf.beg_label_seq_id 
_struct_conf.pdbx_beg_PDB_ins_code 
_struct_conf.end_label_comp_id 
_struct_conf.end_label_asym_id 
_struct_conf.end_label_seq_id 
_struct_conf.pdbx_end_PDB_ins_code 
_struct_conf.beg_auth_comp_id 
_struct_conf.beg_auth_asym_id 
_struct_conf.beg_auth_seq_id 
_struct_conf.end_auth_comp_id 
_struct_conf.end_auth_asym_id 
_struct_conf.end_auth_seq_id 
_struct_conf.pdbx_PDB_helix_class 
_struct_conf.details 
_struct_conf.pdbx_PDB_helix_length 
HELX_P HELX_P1 1 MET A 19 ? PHE A 23  ? MET A 1  PHE A 5  5 ? 5  
HELX_P HELX_P2 2 GLY A 72 ? LYS A 74  ? GLY A 54 LYS A 56 5 ? 3  
HELX_P HELX_P3 3 TYR A 79 ? GLY A 87  ? TYR A 61 GLY A 69 1 ? 9  
HELX_P HELX_P4 4 GLY A 94 ? ASN A 105 ? GLY A 76 ASN A 87 1 ? 12 
# 
_struct_conf_type.id          HELX_P 
_struct_conf_type.criteria    ? 
_struct_conf_type.reference   ? 
# 
_struct_sheet.id               A 
_struct_sheet.type             ? 
_struct_sheet.number_strands   5 
_struct_sheet.details          ? 
# 
loop_
_struct_sheet_order.sheet_id 
_struct_sheet_order.range_id_1 
_struct_sheet_order.range_id_2 
_struct_sheet_order.offset 
_struct_sheet_order.sense 
A 1 2 ? anti-parallel 
A 2 3 ? anti-parallel 
A 3 4 ? anti-parallel 
A 4 5 ? anti-parallel 
# 
loop_
_struct_sheet_range.sheet_id 
_struct_sheet_range.id 
_struct_sheet_range.beg_label_comp_id 
_struct_sheet_range.beg_label_asym_id 
_struct_sheet_range.beg_label_seq_id 
_struct_sheet_range.pdbx_beg_PDB_ins_code 
_struct_sheet_range.end_label_comp_id 
_struct_sheet_range.end_label_asym_id 
_struct_sheet_range.end_label_seq_id 
_struct_sheet_range.pdbx_end_PDB_ins_code 
_struct_sheet_range.beg_auth_comp_id 
_struct_sheet_range.beg_auth_asym_id 
_struct_sheet_range.beg_auth_seq_id 
_struct_sheet_range.end_auth_comp_id 
_struct_sheet_range.end_auth_asym_id 
_struct_sheet_range.end_auth_seq_id 
A 1 THR A 68 ? LEU A 71 ? THR A 50 LEU A 53 
A 2 LEU A 58 ? PHE A 62 ? LEU A 40 PHE A 44 
A 3 TRP A 39 ? VAL A 43 ? TRP A 21 VAL A 25 
A 4 LEU A 28 ? ALA A 31 ? LEU A 10 ALA A 13 
A 5 ILE A 76 ? PRO A 78 ? ILE A 58 PRO A 60 
# 
loop_
_pdbx_struct_sheet_hbond.sheet_id 
_pdbx_struct_sheet_hbond.range_id_1 
_pdbx_struct_sheet_hbond.range_id_2 
_pdbx_struct_sheet_hbond.range_1_label_atom_id 
_pdbx_struct_sheet_hbond.range_1_label_comp_id 
_pdbx_struct_sheet_hbond.range_1_label_asym_id 
_pdbx_struct_sheet_hbond.range_1_label_seq_id 
_pdbx_struct_sheet_hbond.range_1_PDB_ins_code 
_pdbx_struct_sheet_hbond.range_1_auth_atom_id 
_pdbx_struct_sheet_hbond.range_1_auth_comp_id 
_pdbx_struct_sheet_hbond.range_1_auth_asym_id 
_pdbx_struct_sheet_hbond.range_1_auth_seq_id 
_pdbx_struct_sheet_hbond.range_2_label_atom_id 
_pdbx_struct_sheet_hbond.range_2_label_comp_id 
_pdbx_struct_sheet_hbond.range_2_label_asym_id 
_pdbx_struct_sheet_hbond.range_2_label_seq_id 
_pdbx_struct_sheet_hbond.range_2_PDB_ins_code 
_pdbx_struct_sheet_hbond.range_2_auth_atom_id 
_pdbx_struct_sheet_hbond.range_2_auth_comp_id 
_pdbx_struct_sheet_hbond.range_2_auth_asym_id 
_pdbx_struct_sheet_hbond.range_2_auth_seq_id 
A 1 2 O ALA A 69 ? O ALA A 51 N ILE A 60 ? N ILE A 42 
A 2 3 O PHE A 61 ? O PHE A 43 N ARG A 42 ? N ARG A 24 
A 3 4 O ALA A 41 ? O ALA A 23 N ILE A 29 ? N ILE A 11 
A 4 5 N PHE A 30 ? N PHE A 12 O PHE A 77 ? O PHE A 59 
# 
loop_
_struct_site.id 
_struct_site.pdbx_evidence_code 
_struct_site.pdbx_auth_asym_id 
_struct_site.pdbx_auth_comp_id 
_struct_site.pdbx_auth_seq_id 
_struct_site.pdbx_auth_ins_code 
_struct_site.pdbx_num_residues 
_struct_site.details 
AC1 Software A SO4 201 ? 3 'BINDING SITE FOR RESIDUE SO4 A 201' 
AC2 Software A SO4 202 ? 3 'BINDING SITE FOR RESIDUE SO4 A 202' 
AC3 Software A SO4 203 ? 1 'BINDING SITE FOR RESIDUE SO4 A 203' 
AC4 Software A GOL 204 ? 7 'BINDING SITE FOR RESIDUE GOL A 204' 
# 
loop_
_struct_site_gen.id 
_struct_site_gen.site_id 
_struct_site_gen.pdbx_num_res 
_struct_site_gen.label_comp_id 
_struct_site_gen.label_asym_id 
_struct_site_gen.label_seq_id 
_struct_site_gen.pdbx_auth_ins_code 
_struct_site_gen.auth_comp_id 
_struct_site_gen.auth_asym_id 
_struct_site_gen.auth_seq_id 
_struct_site_gen.label_atom_id 
_struct_site_gen.label_alt_id 
_struct_site_gen.symmetry 
_struct_site_gen.details 
1  AC1 3 ARG A 92 ? ARG A 74  . ? 1_555 ? 
2  AC1 3 LYS A 93 ? LYS A 75  . ? 1_555 ? 
3  AC1 3 HOH K .  ? HOH A 318 . ? 1_555 ? 
4  AC2 3 LYS A 32 ? LYS A 14  . ? 1_555 ? 
5  AC2 3 LYS A 34 ? LYS A 16  . ? 1_555 ? 
6  AC2 3 GLY A 35 ? GLY A 17  . ? 1_555 ? 
7  AC3 1 HIS A 66 ? HIS A 48  . ? 1_555 ? 
8  AC4 7 ARG A 21 ? ARG A 3   . ? 5_545 ? 
9  AC4 7 TYR A 36 ? TYR A 18  . ? 1_555 ? 
10 AC4 7 PHE A 62 ? PHE A 44  . ? 1_555 ? 
11 AC4 7 THR A 65 ? THR A 47  . ? 1_555 ? 
12 AC4 7 GLU A 67 ? GLU A 49  . ? 1_555 ? 
13 AC4 7 HOH K .  ? HOH A 301 . ? 1_555 ? 
14 AC4 7 HOH K .  ? HOH A 319 . ? 1_555 ? 
# 
_atom_sites.entry_id                    4FU6 
_atom_sites.fract_transf_matrix[1][1]   0.00885395 
_atom_sites.fract_transf_matrix[1][2]   0.01726349 
_atom_sites.fract_transf_matrix[1][3]   -0.00984836 
_atom_sites.fract_transf_matrix[2][1]   -0.01830164 
_atom_sites.fract_transf_matrix[2][2]   0.01128596 
_atom_sites.fract_transf_matrix[2][3]   0.00332982 
_atom_sites.fract_transf_matrix[3][1]   0.00227973 
_atom_sites.fract_transf_matrix[3][2]   0.00203810 
_atom_sites.fract_transf_matrix[3][3]   0.00562219 
_atom_sites.fract_transf_vector[1]      0.151296 
_atom_sites.fract_transf_vector[2]      0.119196 
_atom_sites.fract_transf_vector[3]      0.336253 
# 
loop_
_atom_type.symbol 
C 
N 
O 
S 
X 
# 
loop_
_atom_site.group_PDB 
_atom_site.id 
_atom_site.type_symbol 
_atom_site.label_atom_id 
_atom_site.label_alt_id 
_atom_site.label_comp_id 
_atom_site.label_asym_id 
_atom_site.label_entity_id 
_atom_site.label_seq_id 
_atom_site.pdbx_PDB_ins_code 
_atom_site.Cartn_x 
_atom_site.Cartn_y 
_atom_site.Cartn_z 
_atom_site.occupancy 
_atom_site.B_iso_or_equiv 
_atom_site.pdbx_formal_charge 
_atom_site.auth_seq_id 
_atom_site.auth_comp_id 
_atom_site.auth_asym_id 
_atom_site.auth_atom_id 
_atom_site.pdbx_PDB_model_num 
ATOM   1   N N   . ASN A 1 13  ? -6.374  8.428   0.766   1.00 40.48  ? -5  ASN A N   1 
ATOM   2   C CA  . ASN A 1 13  ? -6.250  9.536   -0.239  1.00 41.12  ? -5  ASN A CA  1 
ATOM   3   C C   . ASN A 1 13  ? -6.920  10.792  0.241   1.00 44.04  ? -5  ASN A C   1 
ATOM   4   O O   . ASN A 1 13  ? -7.678  10.768  1.216   1.00 42.89  ? -5  ASN A O   1 
ATOM   5   C CB  . ASN A 1 13  ? -6.776  9.068   -1.609  1.00 44.65  ? -5  ASN A CB  1 
ATOM   6   C CG  . ASN A 1 13  ? -8.230  8.640   -1.560  1.00 48.25  ? -5  ASN A CG  1 
ATOM   7   O OD1 . ASN A 1 13  ? -8.651  7.920   -0.653  1.00 50.74  ? -5  ASN A OD1 1 
ATOM   8   N ND2 . ASN A 1 13  ? -9.006  9.101   -2.529  1.00 50.49  ? -5  ASN A ND2 1 
ATOM   9   N N   . LEU A 1 14  ? -6.616  11.902  -0.434  1.00 47.40  ? -4  LEU A N   1 
ATOM   10  C CA  . LEU A 1 14  ? -7.039  13.220  -0.043  1.00 50.38  ? -4  LEU A CA  1 
ATOM   11  C C   . LEU A 1 14  ? -8.549  13.342  0.197   1.00 51.34  ? -4  LEU A C   1 
ATOM   12  O O   . LEU A 1 14  ? -9.352  12.986  -0.660  1.00 51.36  ? -4  LEU A O   1 
ATOM   13  C CB  . LEU A 1 14  ? -6.612  14.249  -1.111  1.00 56.24  ? -4  LEU A CB  1 
ATOM   14  C CG  . LEU A 1 14  ? -5.148  14.718  -1.136  1.00 57.85  ? -4  LEU A CG  1 
ATOM   15  C CD1 . LEU A 1 14  ? -5.039  15.948  -2.029  1.00 62.06  ? -4  LEU A CD1 1 
ATOM   16  C CD2 . LEU A 1 14  ? -4.646  15.073  0.257   1.00 58.61  ? -4  LEU A CD2 1 
ATOM   17  N N   . TYR A 1 15  ? -8.903  13.851  1.383   1.00 49.28  ? -3  TYR A N   1 
ATOM   18  C CA  . TYR A 1 15  ? -10.286 14.083  1.830   1.00 49.89  ? -3  TYR A CA  1 
ATOM   19  C C   . TYR A 1 15  ? -11.123 12.809  2.112   1.00 49.66  ? -3  TYR A C   1 
ATOM   20  O O   . TYR A 1 15  ? -11.701 12.684  3.190   1.00 50.39  ? -3  TYR A O   1 
ATOM   21  C CB  . TYR A 1 15  ? -10.999 15.034  0.876   1.00 52.86  ? -3  TYR A CB  1 
ATOM   22  C CG  . TYR A 1 15  ? -10.209 16.294  0.610   1.00 54.23  ? -3  TYR A CG  1 
ATOM   23  C CD1 . TYR A 1 15  ? -10.073 17.264  1.590   1.00 55.64  ? -3  TYR A CD1 1 
ATOM   24  C CD2 . TYR A 1 15  ? -9.582  16.512  -0.606  1.00 54.43  ? -3  TYR A CD2 1 
ATOM   25  C CE1 . TYR A 1 15  ? -9.360  18.402  1.342   1.00 57.93  ? -3  TYR A CE1 1 
ATOM   26  C CE2 . TYR A 1 15  ? -8.853  17.660  -0.851  1.00 55.21  ? -3  TYR A CE2 1 
ATOM   27  C CZ  . TYR A 1 15  ? -8.721  18.570  0.122   1.00 57.04  ? -3  TYR A CZ  1 
ATOM   28  O OH  . TYR A 1 15  ? -8.049  19.742  -0.106  1.00 60.51  ? -3  TYR A OH  1 
ATOM   29  N N   . PHE A 1 16  ? -11.216 11.896  1.140   1.00 49.41  ? -2  PHE A N   1 
ATOM   30  C CA  . PHE A 1 16  ? -11.943 10.617  1.301   1.00 50.77  ? -2  PHE A CA  1 
ATOM   31  C C   . PHE A 1 16  ? -11.422 9.800   2.482   1.00 48.31  ? -2  PHE A C   1 
ATOM   32  O O   . PHE A 1 16  ? -12.186 9.452   3.362   1.00 51.46  ? -2  PHE A O   1 
ATOM   33  C CB  . PHE A 1 16  ? -11.886 9.770   -0.027  1.00 50.19  ? -2  PHE A CB  1 
ATOM   34  C CG  . PHE A 1 16  ? -12.668 10.395  -1.131  1.00 53.08  ? -2  PHE A CG  1 
ATOM   35  C CD1 . PHE A 1 16  ? -14.051 10.264  -1.168  1.00 56.91  ? -2  PHE A CD1 1 
ATOM   36  C CD2 . PHE A 1 16  ? -12.046 11.209  -2.061  1.00 53.72  ? -2  PHE A CD2 1 
ATOM   37  C CE1 . PHE A 1 16  ? -14.798 10.888  -2.143  1.00 61.62  ? -2  PHE A CE1 1 
ATOM   38  C CE2 . PHE A 1 16  ? -12.788 11.843  -3.053  1.00 56.91  ? -2  PHE A CE2 1 
ATOM   39  C CZ  . PHE A 1 16  ? -14.168 11.680  -3.091  1.00 63.17  ? -2  PHE A CZ  1 
ATOM   40  N N   . GLN A 1 17  ? -10.118 9.572   2.505   1.00 46.47  ? -1  GLN A N   1 
ATOM   41  C CA  . GLN A 1 17  ? -9.415  8.801   3.553   1.00 46.47  ? -1  GLN A CA  1 
ATOM   42  C C   . GLN A 1 17  ? -8.092  9.482   3.846   1.00 42.33  ? -1  GLN A C   1 
ATOM   43  O O   . GLN A 1 17  ? -7.036  8.928   3.559   1.00 40.58  ? -1  GLN A O   1 
ATOM   44  C CB  . GLN A 1 17  ? -9.081  7.408   3.058   1.00 48.83  ? -1  GLN A CB  1 
ATOM   45  C CG  . GLN A 1 17  ? -10.272 6.536   2.714   1.00 58.03  ? -1  GLN A CG  1 
ATOM   46  C CD  . GLN A 1 17  ? -10.607 5.640   3.862   1.00 65.90  ? -1  GLN A CD  1 
ATOM   47  O OE1 . GLN A 1 17  ? -11.277 6.052   4.815   1.00 71.87  ? -1  GLN A OE1 1 
ATOM   48  N NE2 . GLN A 1 17  ? -10.102 4.406   3.809   1.00 67.02  ? -1  GLN A NE2 1 
ATOM   49  N N   . GLY A 1 18  ? -8.161  10.690  4.375   1.00 42.42  ? 0   GLY A N   1 
ATOM   50  C CA  . GLY A 1 18  ? -7.008  11.578  4.434   1.00 43.04  ? 0   GLY A CA  1 
ATOM   51  C C   . GLY A 1 18  ? -6.341  11.729  5.803   1.00 42.45  ? 0   GLY A C   1 
ATOM   52  O O   . GLY A 1 18  ? -5.556  12.668  6.009   1.00 40.78  ? 0   GLY A O   1 
ATOM   53  N N   . MET A 1 19  ? -6.687  10.838  6.738   1.00 42.89  ? 1   MET A N   1 
ATOM   54  C CA  . MET A 1 19  ? -6.088  10.809  8.078   1.00 43.81  ? 1   MET A CA  1 
ATOM   55  C C   . MET A 1 19  ? -5.435  9.444   8.304   1.00 43.81  ? 1   MET A C   1 
ATOM   56  O O   . MET A 1 19  ? -5.943  8.410   7.849   1.00 41.13  ? 1   MET A O   1 
ATOM   57  C CB  . MET A 1 19  ? -7.148  11.068  9.104   1.00 47.25  ? 1   MET A CB  1 
ATOM   58  C CG  . MET A 1 19  ? -7.786  12.425  8.866   1.00 50.24  ? 1   MET A CG  1 
ATOM   59  S SD  . MET A 1 19  ? -8.909  12.827  10.145  1.00 57.32  ? 1   MET A SD  1 
ATOM   60  C CE  . MET A 1 19  ? -10.014 11.412  10.026  1.00 61.41  ? 1   MET A CE  1 
ATOM   61  N N   . THR A 1 20  ? -4.303  9.424   8.986   1.00 41.82  ? 2   THR A N   1 
ATOM   62  C CA  . THR A 1 20  ? -3.629  8.139   9.207   1.00 42.03  ? 2   THR A CA  1 
ATOM   63  C C   . THR A 1 20  ? -4.540  7.150   9.989   1.00 42.08  ? 2   THR A C   1 
ATOM   64  O O   . THR A 1 20  ? -4.516  5.963   9.735   1.00 41.34  ? 2   THR A O   1 
ATOM   65  C CB  . THR A 1 20  ? -2.285  8.318   9.932   1.00 43.01  ? 2   THR A CB  1 
ATOM   66  O OG1 . THR A 1 20  ? -2.518  8.930   11.182  1.00 43.25  ? 2   THR A OG1 1 
ATOM   67  C CG2 . THR A 1 20  ? -1.323  9.199   9.142   1.00 44.52  ? 2   THR A CG2 1 
ATOM   68  N N   . ARG A 1 21  ? -5.387  7.650   10.876  1.00 45.51  ? 3   ARG A N   1 
ATOM   69  C CA  . ARG A 1 21  ? -6.276  6.767   11.616  1.00 49.41  ? 3   ARG A CA  1 
ATOM   70  C C   . ARG A 1 21  ? -7.447  6.181   10.770  1.00 51.06  ? 3   ARG A C   1 
ATOM   71  O O   . ARG A 1 21  ? -8.234  5.393   11.294  1.00 51.49  ? 3   ARG A O   1 
ATOM   72  C CB  . ARG A 1 21  ? -6.815  7.445   12.849  1.00 53.05  ? 3   ARG A CB  1 
ATOM   73  C CG  . ARG A 1 21  ? -7.910  8.481   12.609  1.00 55.24  ? 3   ARG A CG  1 
ATOM   74  C CD  . ARG A 1 21  ? -8.436  8.884   13.961  1.00 58.13  ? 3   ARG A CD  1 
ATOM   75  N NE  . ARG A 1 21  ? -9.327  10.041  13.961  1.00 61.32  ? 3   ARG A NE  1 
ATOM   76  C CZ  . ARG A 1 21  ? -8.942  11.314  13.851  1.00 61.75  ? 3   ARG A CZ  1 
ATOM   77  N NH1 . ARG A 1 21  ? -9.862  12.315  13.915  1.00 59.98  ? 3   ARG A NH1 1 
ATOM   78  N NH2 . ARG A 1 21  ? -7.648  11.603  13.676  1.00 59.28  ? 3   ARG A NH2 1 
ATOM   79  N N   . ASP A 1 22  ? -7.536  6.552   9.486   1.00 47.86  ? 4   ASP A N   1 
ATOM   80  C CA  . ASP A 1 22  ? -8.473  5.905   8.548   1.00 49.52  ? 4   ASP A CA  1 
ATOM   81  C C   . ASP A 1 22  ? -7.972  4.531   8.136   1.00 50.52  ? 4   ASP A C   1 
ATOM   82  O O   . ASP A 1 22  ? -8.680  3.806   7.504   1.00 51.62  ? 4   ASP A O   1 
ATOM   83  C CB  . ASP A 1 22  ? -8.666  6.755   7.266   1.00 48.58  ? 4   ASP A CB  1 
ATOM   84  C CG  . ASP A 1 22  ? -9.421  8.046   7.522   1.00 49.42  ? 4   ASP A CG  1 
ATOM   85  O OD1 . ASP A 1 22  ? -10.270 8.052   8.403   1.00 54.25  ? 4   ASP A OD1 1 
ATOM   86  O OD2 . ASP A 1 22  ? -9.131  9.074   6.881   1.00 49.63  ? 4   ASP A OD2 1 
ATOM   87  N N   . PHE A 1 23  ? -6.733  4.214   8.460   1.00 48.35  ? 5   PHE A N   1 
ATOM   88  C CA  . PHE A 1 23  ? -6.118  2.944   8.110   1.00 48.06  ? 5   PHE A CA  1 
ATOM   89  C C   . PHE A 1 23  ? -5.594  2.275   9.358   1.00 50.25  ? 5   PHE A C   1 
ATOM   90  O O   . PHE A 1 23  ? -5.289  2.942   10.341  1.00 52.01  ? 5   PHE A O   1 
ATOM   91  C CB  . PHE A 1 23  ? -4.976  3.171   7.128   1.00 44.73  ? 5   PHE A CB  1 
ATOM   92  C CG  . PHE A 1 23  ? -5.417  3.885   5.882   1.00 45.92  ? 5   PHE A CG  1 
ATOM   93  C CD1 . PHE A 1 23  ? -5.915  3.178   4.805   1.00 46.14  ? 5   PHE A CD1 1 
ATOM   94  C CD2 . PHE A 1 23  ? -5.388  5.277   5.816   1.00 46.80  ? 5   PHE A CD2 1 
ATOM   95  C CE1 . PHE A 1 23  ? -6.359  3.840   3.680   1.00 49.32  ? 5   PHE A CE1 1 
ATOM   96  C CE2 . PHE A 1 23  ? -5.797  5.941   4.683   1.00 44.93  ? 5   PHE A CE2 1 
ATOM   97  C CZ  . PHE A 1 23  ? -6.291  5.233   3.624   1.00 47.33  ? 5   PHE A CZ  1 
ATOM   98  N N   . LYS A 1 24  ? -5.544  0.949   9.340   1.00 49.44  ? 6   LYS A N   1 
ATOM   99  C CA  . LYS A 1 24  ? -5.026  0.199   10.460  1.00 49.09  ? 6   LYS A CA  1 
ATOM   100 C C   . LYS A 1 24  ? -4.101  -0.904  9.944   1.00 44.93  ? 6   LYS A C   1 
ATOM   101 O O   . LYS A 1 24  ? -4.139  -1.268  8.748   1.00 39.24  ? 6   LYS A O   1 
ATOM   102 C CB  . LYS A 1 24  ? -6.162  -0.311  11.363  1.00 56.96  ? 6   LYS A CB  1 
ATOM   103 C CG  . LYS A 1 24  ? -7.169  -1.253  10.700  1.00 66.21  ? 6   LYS A CG  1 
ATOM   104 C CD  . LYS A 1 24  ? -8.413  -1.479  11.575  1.00 71.72  ? 6   LYS A CD  1 
ATOM   105 C CE  . LYS A 1 24  ? -9.201  -2.713  11.128  1.00 74.87  ? 6   LYS A CE  1 
ATOM   106 N N   . PRO A 1 25  ? -3.217  -1.391  10.820  1.00 45.82  ? 7   PRO A N   1 
ATOM   107 C CA  . PRO A 1 25  ? -2.347  -2.440  10.378  1.00 45.64  ? 7   PRO A CA  1 
ATOM   108 C C   . PRO A 1 25  ? -3.165  -3.603  9.784   1.00 47.16  ? 7   PRO A C   1 
ATOM   109 O O   . PRO A 1 25  ? -4.238  -3.951  10.276  1.00 50.10  ? 7   PRO A O   1 
ATOM   110 C CB  . PRO A 1 25  ? -1.593  -2.847  11.650  1.00 48.89  ? 7   PRO A CB  1 
ATOM   111 C CG  . PRO A 1 25  ? -1.659  -1.638  12.559  1.00 51.03  ? 7   PRO A CG  1 
ATOM   112 C CD  . PRO A 1 25  ? -2.946  -0.951  12.222  1.00 49.16  ? 7   PRO A CD  1 
ATOM   113 N N   . GLY A 1 26  ? -2.681  -4.143  8.688   1.00 45.18  ? 8   GLY A N   1 
ATOM   114 C CA  . GLY A 1 26  ? -3.364  -5.214  7.997   1.00 46.60  ? 8   GLY A CA  1 
ATOM   115 C C   . GLY A 1 26  ? -4.181  -4.734  6.829   1.00 44.79  ? 8   GLY A C   1 
ATOM   116 O O   . GLY A 1 26  ? -4.410  -5.509  5.926   1.00 45.05  ? 8   GLY A O   1 
ATOM   117 N N   . ASP A 1 27  ? -4.605  -3.457  6.817   1.00 43.61  ? 9   ASP A N   1 
ATOM   118 C CA  . ASP A 1 27  ? -5.442  -2.950  5.695   1.00 40.46  ? 9   ASP A CA  1 
ATOM   119 C C   . ASP A 1 27  ? -4.686  -3.104  4.385   1.00 38.04  ? 9   ASP A C   1 
ATOM   120 O O   . ASP A 1 27  ? -3.477  -2.825  4.302   1.00 39.29  ? 9   ASP A O   1 
ATOM   121 C CB  . ASP A 1 27  ? -5.809  -1.478  5.841   1.00 39.89  ? 9   ASP A CB  1 
ATOM   122 C CG  . ASP A 1 27  ? -6.886  -1.214  6.865   1.00 43.46  ? 9   ASP A CG  1 
ATOM   123 O OD1 . ASP A 1 27  ? -7.526  -2.158  7.386   1.00 45.26  ? 9   ASP A OD1 1 
ATOM   124 O OD2 . ASP A 1 27  ? -7.057  -0.015  7.163   1.00 41.57  ? 9   ASP A OD2 1 
ATOM   125 N N   . LEU A 1 28  ? -5.391  -3.583  3.376   1.00 36.48  ? 10  LEU A N   1 
ATOM   126 C CA  . LEU A 1 28  ? -4.845  -3.730  2.052   1.00 32.94  ? 10  LEU A CA  1 
ATOM   127 C C   . LEU A 1 28  ? -5.142  -2.463  1.241   1.00 32.59  ? 10  LEU A C   1 
ATOM   128 O O   . LEU A 1 28  ? -6.247  -1.918  1.270   1.00 33.51  ? 10  LEU A O   1 
ATOM   129 C CB  . LEU A 1 28  ? -5.447  -4.955  1.361   1.00 35.48  ? 10  LEU A CB  1 
ATOM   130 C CG  . LEU A 1 28  ? -5.324  -6.297  2.121   1.00 38.38  ? 10  LEU A CG  1 
ATOM   131 C CD1 . LEU A 1 28  ? -6.081  -7.475  1.459   1.00 40.94  ? 10  LEU A CD1 1 
ATOM   132 C CD2 . LEU A 1 28  ? -3.851  -6.651  2.282   1.00 37.11  ? 10  LEU A CD2 1 
ATOM   133 N N   . ILE A 1 29  ? -4.167  -2.034  0.461   1.00 33.15  ? 11  ILE A N   1 
ATOM   134 C CA  . ILE A 1 29  ? -4.255  -0.755  -0.236  1.00 33.76  ? 11  ILE A CA  1 
ATOM   135 C C   . ILE A 1 29  ? -3.547  -0.816  -1.580  1.00 30.57  ? 11  ILE A C   1 
ATOM   136 O O   . ILE A 1 29  ? -2.872  -1.818  -1.922  1.00 31.59  ? 11  ILE A O   1 
ATOM   137 C CB  . ILE A 1 29  ? -3.557  0.370   0.586   1.00 32.14  ? 11  ILE A CB  1 
ATOM   138 C CG1 . ILE A 1 29  ? -2.135  -0.037  0.903   1.00 31.40  ? 11  ILE A CG1 1 
ATOM   139 C CG2 . ILE A 1 29  ? -4.261  0.621   1.892   1.00 35.61  ? 11  ILE A CG2 1 
ATOM   140 C CD1 . ILE A 1 29  ? -1.265  1.125   1.380   1.00 33.79  ? 11  ILE A CD1 1 
ATOM   141 N N   . PHE A 1 30  ? -3.702  0.285   -2.326  1.00 31.86  ? 12  PHE A N   1 
ATOM   142 C CA  . PHE A 1 30  ? -2.784  0.668   -3.381  1.00 31.57  ? 12  PHE A CA  1 
ATOM   143 C C   . PHE A 1 30  ? -2.034  1.896   -2.858  1.00 34.10  ? 12  PHE A C   1 
ATOM   144 O O   . PHE A 1 30  ? -2.661  2.816   -2.315  1.00 32.24  ? 12  PHE A O   1 
ATOM   145 C CB  . PHE A 1 30  ? -3.526  0.991   -4.694  1.00 34.25  ? 12  PHE A CB  1 
ATOM   146 C CG  . PHE A 1 30  ? -4.125  -0.210  -5.376  1.00 35.17  ? 12  PHE A CG  1 
ATOM   147 C CD1 . PHE A 1 30  ? -3.336  -1.042  -6.179  1.00 35.84  ? 12  PHE A CD1 1 
ATOM   148 C CD2 . PHE A 1 30  ? -5.486  -0.508  -5.223  1.00 37.53  ? 12  PHE A CD2 1 
ATOM   149 C CE1 . PHE A 1 30  ? -3.887  -2.158  -6.809  1.00 36.68  ? 12  PHE A CE1 1 
ATOM   150 C CE2 . PHE A 1 30  ? -6.042  -1.626  -5.849  1.00 40.18  ? 12  PHE A CE2 1 
ATOM   151 C CZ  . PHE A 1 30  ? -5.241  -2.448  -6.645  1.00 38.19  ? 12  PHE A CZ  1 
ATOM   152 N N   . ALA A 1 31  ? -0.703  1.848   -2.957  1.00 32.18  ? 13  ALA A N   1 
ATOM   153 C CA  . ALA A 1 31  ? 0.184   2.937   -2.572  1.00 34.16  ? 13  ALA A CA  1 
ATOM   154 C C   . ALA A 1 31  ? 0.799   3.575   -3.821  1.00 33.83  ? 13  ALA A C   1 
ATOM   155 O O   . ALA A 1 31  ? 1.315   2.881   -4.715  1.00 36.34  ? 13  ALA A O   1 
ATOM   156 C CB  . ALA A 1 31  ? 1.286   2.404   -1.662  1.00 34.63  ? 13  ALA A CB  1 
ATOM   157 N N   . LYS A 1 32  ? 0.758   4.892   -3.867  1.00 34.87  ? 14  LYS A N   1 
ATOM   158 C CA  . LYS A 1 32  ? 1.202   5.659   -5.015  1.00 36.78  ? 14  LYS A CA  1 
ATOM   159 C C   . LYS A 1 32  ? 2.500   6.410   -4.715  1.00 39.13  ? 14  LYS A C   1 
ATOM   160 O O   . LYS A 1 32  ? 2.591   7.154   -3.724  1.00 37.35  ? 14  LYS A O   1 
ATOM   161 C CB  . LYS A 1 32  ? 0.150   6.712   -5.394  1.00 39.88  ? 14  LYS A CB  1 
ATOM   162 C CG  . LYS A 1 32  ? 0.518   7.470   -6.684  1.00 42.49  ? 14  LYS A CG  1 
ATOM   163 C CD  . LYS A 1 32  ? 0.829   6.505   -7.845  1.00 40.78  ? 14  LYS A CD  1 
ATOM   164 C CE  . LYS A 1 32  ? 0.831   7.209   -9.199  1.00 42.81  ? 14  LYS A CE  1 
ATOM   165 N NZ  . LYS A 1 32  ? 2.168   7.763   -9.499  1.00 43.34  ? 14  LYS A NZ  1 
ATOM   166 N N   . MET A 1 33  ? 3.483   6.227   -5.582  1.00 38.64  ? 15  MET A N   1 
ATOM   167 C CA  . MET A 1 33  ? 4.713   6.999   -5.511  1.00 45.05  ? 15  MET A CA  1 
ATOM   168 C C   . MET A 1 33  ? 5.021   7.529   -6.877  1.00 44.09  ? 15  MET A C   1 
ATOM   169 O O   . MET A 1 33  ? 4.583   6.959   -7.887  1.00 40.79  ? 15  MET A O   1 
ATOM   170 C CB  . MET A 1 33  ? 5.838   6.114   -4.946  1.00 48.68  ? 15  MET A CB  1 
ATOM   171 C CG  . MET A 1 33  ? 5.483   5.775   -3.489  1.00 52.71  ? 15  MET A CG  1 
ATOM   172 S SD  . MET A 1 33  ? 6.762   5.122   -2.460  1.00 57.14  ? 15  MET A SD  1 
ATOM   173 C CE  . MET A 1 33  ? 7.958   6.476   -2.443  1.00 51.73  ? 15  MET A CE  1 
ATOM   174 N N   . LYS A 1 34  ? 5.744   8.637   -6.903  1.00 46.68  ? 16  LYS A N   1 
ATOM   175 C CA  . LYS A 1 34  ? 6.059   9.343   -8.139  1.00 50.31  ? 16  LYS A CA  1 
ATOM   176 C C   . LYS A 1 34  ? 6.843   8.449   -9.089  1.00 50.82  ? 16  LYS A C   1 
ATOM   177 O O   . LYS A 1 34  ? 7.768   7.761   -8.681  1.00 48.09  ? 16  LYS A O   1 
ATOM   178 C CB  . LYS A 1 34  ? 6.848   10.635  -7.833  1.00 55.44  ? 16  LYS A CB  1 
ATOM   179 C CG  . LYS A 1 34  ? 7.034   11.573  -9.027  1.00 60.84  ? 16  LYS A CG  1 
ATOM   180 N N   . GLY A 1 35  ? 6.453   8.460   -10.362 1.00 52.21  ? 17  GLY A N   1 
ATOM   181 C CA  . GLY A 1 35  ? 7.122   7.663   -11.380 1.00 51.93  ? 17  GLY A CA  1 
ATOM   182 C C   . GLY A 1 35  ? 6.590   6.248   -11.451 1.00 47.31  ? 17  GLY A C   1 
ATOM   183 O O   . GLY A 1 35  ? 6.993   5.514   -12.296 1.00 47.86  ? 17  GLY A O   1 
ATOM   184 N N   . TYR A 1 36  ? 5.693   5.864   -10.554 1.00 44.58  ? 18  TYR A N   1 
ATOM   185 C CA  . TYR A 1 36  ? 5.278   4.455   -10.441 1.00 42.32  ? 18  TYR A CA  1 
ATOM   186 C C   . TYR A 1 36  ? 3.780   4.318   -10.458 1.00 40.02  ? 18  TYR A C   1 
ATOM   187 O O   . TYR A 1 36  ? 3.087   5.209   -10.016 1.00 39.71  ? 18  TYR A O   1 
ATOM   188 C CB  . TYR A 1 36  ? 5.835   3.815   -9.147  1.00 40.84  ? 18  TYR A CB  1 
ATOM   189 C CG  . TYR A 1 36  ? 7.296   3.485   -9.302  1.00 43.61  ? 18  TYR A CG  1 
ATOM   190 C CD1 . TYR A 1 36  ? 8.271   4.467   -9.128  1.00 47.20  ? 18  TYR A CD1 1 
ATOM   191 C CD2 . TYR A 1 36  ? 7.696   2.216   -9.693  1.00 45.04  ? 18  TYR A CD2 1 
ATOM   192 C CE1 . TYR A 1 36  ? 9.621   4.187   -9.314  1.00 51.13  ? 18  TYR A CE1 1 
ATOM   193 C CE2 . TYR A 1 36  ? 9.032   1.921   -9.875  1.00 48.34  ? 18  TYR A CE2 1 
ATOM   194 C CZ  . TYR A 1 36  ? 9.983   2.910   -9.686  1.00 52.78  ? 18  TYR A CZ  1 
ATOM   195 O OH  . TYR A 1 36  ? 11.290  2.601   -9.862  1.00 61.04  ? 18  TYR A OH  1 
ATOM   196 N N   . PRO A 1 37  ? 3.270   3.177   -10.934 1.00 39.72  ? 19  PRO A N   1 
ATOM   197 C CA  . PRO A 1 37  ? 1.836   2.909   -10.846 1.00 39.46  ? 19  PRO A CA  1 
ATOM   198 C C   . PRO A 1 37  ? 1.361   2.644   -9.400  1.00 37.64  ? 19  PRO A C   1 
ATOM   199 O O   . PRO A 1 37  ? 2.155   2.276   -8.520  1.00 34.85  ? 19  PRO A O   1 
ATOM   200 C CB  . PRO A 1 37  ? 1.669   1.641   -11.700 1.00 40.61  ? 19  PRO A CB  1 
ATOM   201 C CG  . PRO A 1 37  ? 3.006   0.951   -11.606 1.00 40.65  ? 19  PRO A CG  1 
ATOM   202 C CD  . PRO A 1 37  ? 4.005   2.067   -11.571 1.00 42.02  ? 19  PRO A CD  1 
ATOM   203 N N   . HIS A 1 38  ? 0.085   2.913   -9.159  1.00 37.10  ? 20  HIS A N   1 
ATOM   204 C CA  . HIS A 1 38  ? -0.564  2.556   -7.907  1.00 34.38  ? 20  HIS A CA  1 
ATOM   205 C C   . HIS A 1 38  ? -0.283  1.107   -7.666  1.00 32.58  ? 20  HIS A C   1 
ATOM   206 O O   . HIS A 1 38  ? -0.565  0.269   -8.521  1.00 35.03  ? 20  HIS A O   1 
ATOM   207 C CB  . HIS A 1 38  ? -2.064  2.838   -7.996  1.00 35.44  ? 20  HIS A CB  1 
ATOM   208 C CG  . HIS A 1 38  ? -2.393  4.296   -8.177  1.00 36.94  ? 20  HIS A CG  1 
ATOM   209 N ND1 . HIS A 1 38  ? -2.288  4.931   -9.375  1.00 39.28  ? 20  HIS A ND1 1 
ATOM   210 C CD2 . HIS A 1 38  ? -2.842  5.255   -7.265  1.00 37.53  ? 20  HIS A CD2 1 
ATOM   211 C CE1 . HIS A 1 38  ? -2.648  6.229   -9.227  1.00 39.58  ? 20  HIS A CE1 1 
ATOM   212 N NE2 . HIS A 1 38  ? -2.999  6.420   -7.943  1.00 40.60  ? 20  HIS A NE2 1 
ATOM   213 N N   . TRP A 1 39  ? 0.359   0.813   -6.534  1.00 30.85  ? 21  TRP A N   1 
ATOM   214 C CA  . TRP A 1 39  ? 1.003   -0.481  -6.292  1.00 29.07  ? 21  TRP A CA  1 
ATOM   215 C C   . TRP A 1 39  ? 0.332   -1.204  -5.160  1.00 31.91  ? 21  TRP A C   1 
ATOM   216 O O   . TRP A 1 39  ? 0.063   -0.601  -4.079  1.00 30.36  ? 21  TRP A O   1 
ATOM   217 C CB  . TRP A 1 39  ? 2.459   -0.265  -5.951  1.00 28.99  ? 21  TRP A CB  1 
ATOM   218 C CG  . TRP A 1 39  ? 3.329   -1.436  -6.215  1.00 28.94  ? 21  TRP A CG  1 
ATOM   219 C CD1 . TRP A 1 39  ? 3.412   -2.597  -5.473  1.00 31.08  ? 21  TRP A CD1 1 
ATOM   220 C CD2 . TRP A 1 39  ? 4.268   -1.602  -7.306  1.00 29.60  ? 21  TRP A CD2 1 
ATOM   221 N NE1 . TRP A 1 39  ? 4.319   -3.460  -6.016  1.00 32.02  ? 21  TRP A NE1 1 
ATOM   222 C CE2 . TRP A 1 39  ? 4.878   -2.902  -7.128  1.00 31.78  ? 21  TRP A CE2 1 
ATOM   223 C CE3 . TRP A 1 39  ? 4.658   -0.820  -8.365  1.00 32.24  ? 21  TRP A CE3 1 
ATOM   224 C CZ2 . TRP A 1 39  ? 5.818   -3.398  -8.006  1.00 31.71  ? 21  TRP A CZ2 1 
ATOM   225 C CZ3 . TRP A 1 39  ? 5.637   -1.318  -9.233  1.00 33.19  ? 21  TRP A CZ3 1 
ATOM   226 C CH2 . TRP A 1 39  ? 6.198   -2.568  -9.055  1.00 32.30  ? 21  TRP A CH2 1 
ATOM   227 N N   . PRO A 1 40  ? 0.020   -2.498  -5.373  1.00 29.52  ? 22  PRO A N   1 
ATOM   228 C CA  . PRO A 1 40  ? -0.596  -3.280  -4.301  1.00 29.42  ? 22  PRO A CA  1 
ATOM   229 C C   . PRO A 1 40  ? 0.251   -3.347  -3.030  1.00 29.40  ? 22  PRO A C   1 
ATOM   230 O O   . PRO A 1 40  ? 1.459   -3.708  -3.048  1.00 29.74  ? 22  PRO A O   1 
ATOM   231 C CB  . PRO A 1 40  ? -0.786  -4.679  -4.950  1.00 30.69  ? 22  PRO A CB  1 
ATOM   232 C CG  . PRO A 1 40  ? 0.278   -4.746  -5.989  1.00 31.71  ? 22  PRO A CG  1 
ATOM   233 C CD  . PRO A 1 40  ? 0.299   -3.329  -6.564  1.00 31.04  ? 22  PRO A CD  1 
ATOM   234 N N   . ALA A 1 41  ? -0.372  -3.001  -1.912  1.00 31.99  ? 23  ALA A N   1 
ATOM   235 C CA  . ALA A 1 41  ? 0.377   -2.874  -0.690  1.00 31.31  ? 23  ALA A CA  1 
ATOM   236 C C   . ALA A 1 41  ? -0.470  -3.117  0.538   1.00 32.47  ? 23  ALA A C   1 
ATOM   237 O O   . ALA A 1 41  ? -1.687  -3.346  0.427   1.00 32.23  ? 23  ALA A O   1 
ATOM   238 C CB  . ALA A 1 41  ? 1.045   -1.499  -0.655  1.00 30.84  ? 23  ALA A CB  1 
ATOM   239 N N   . ARG A 1 42  ? 0.187   -3.097  1.708   1.00 32.21  ? 24  ARG A N   1 
ATOM   240 C CA  . ARG A 1 42  ? -0.496  -3.186  2.980   1.00 34.27  ? 24  ARG A CA  1 
ATOM   241 C C   . ARG A 1 42  ? 0.072   -2.184  4.004   1.00 34.31  ? 24  ARG A C   1 
ATOM   242 O O   . ARG A 1 42  ? 1.253   -1.791  3.938   1.00 33.12  ? 24  ARG A O   1 
ATOM   243 C CB  . ARG A 1 42  ? -0.467  -4.625  3.548   1.00 34.54  ? 24  ARG A CB  1 
ATOM   244 C CG  . ARG A 1 42  ? 0.888   -5.073  4.065   1.00 41.09  ? 24  ARG A CG  1 
ATOM   245 C CD  . ARG A 1 42  ? 0.823   -6.279  5.023   1.00 41.58  ? 24  ARG A CD  1 
ATOM   246 N NE  . ARG A 1 42  ? 2.199   -6.675  5.344   1.00 42.70  ? 24  ARG A NE  1 
ATOM   247 C CZ  . ARG A 1 42  ? 2.812   -7.776  4.949   1.00 48.50  ? 24  ARG A CZ  1 
ATOM   248 N NH1 . ARG A 1 42  ? 2.163   -8.693  4.223   1.00 52.24  ? 24  ARG A NH1 1 
ATOM   249 N NH2 . ARG A 1 42  ? 4.089   -7.996  5.319   1.00 49.85  ? 24  ARG A NH2 1 
ATOM   250 N N   . VAL A 1 43  ? -0.779  -1.769  4.928   1.00 34.51  ? 25  VAL A N   1 
ATOM   251 C CA  . VAL A 1 43  ? -0.333  -1.045  6.107   1.00 37.28  ? 25  VAL A CA  1 
ATOM   252 C C   . VAL A 1 43  ? 0.211   -2.042  7.137   1.00 39.93  ? 25  VAL A C   1 
ATOM   253 O O   . VAL A 1 43  ? -0.458  -3.026  7.476   1.00 40.79  ? 25  VAL A O   1 
ATOM   254 C CB  . VAL A 1 43  ? -1.479  -0.270  6.726   1.00 37.74  ? 25  VAL A CB  1 
ATOM   255 C CG1 . VAL A 1 43  ? -0.991  0.592   7.885   1.00 39.53  ? 25  VAL A CG1 1 
ATOM   256 C CG2 . VAL A 1 43  ? -2.154  0.569   5.665   1.00 39.63  ? 25  VAL A CG2 1 
ATOM   257 N N   . ASP A 1 44  ? 1.421   -1.781  7.619   1.00 42.35  ? 26  ASP A N   1 
ATOM   258 C CA  . ASP A 1 44  ? 2.073   -2.601  8.633   1.00 44.83  ? 26  ASP A CA  1 
ATOM   259 C C   . ASP A 1 44  ? 1.980   -1.925  10.010  1.00 47.33  ? 26  ASP A C   1 
ATOM   260 O O   . ASP A 1 44  ? 1.624   -0.755  10.107  1.00 43.86  ? 26  ASP A O   1 
ATOM   261 C CB  . ASP A 1 44  ? 3.536   -2.768  8.285   1.00 47.11  ? 26  ASP A CB  1 
ATOM   262 C CG  . ASP A 1 44  ? 3.786   -3.870  7.276   1.00 47.39  ? 26  ASP A CG  1 
ATOM   263 O OD1 . ASP A 1 44  ? 2.828   -4.545  6.851   1.00 46.21  ? 26  ASP A OD1 1 
ATOM   264 O OD2 . ASP A 1 44  ? 4.966   -4.065  6.926   1.00 50.08  ? 26  ASP A OD2 1 
ATOM   265 N N   . GLU A 1 45  ? 2.332   -2.660  11.053  1.00 52.17  ? 27  GLU A N   1 
ATOM   266 C CA  . GLU A 1 45  ? 2.506   -2.093  12.407  1.00 58.97  ? 27  GLU A CA  1 
ATOM   267 C C   . GLU A 1 45  ? 3.764   -1.187  12.448  1.00 61.31  ? 27  GLU A C   1 
ATOM   268 O O   . GLU A 1 45  ? 4.706   -1.412  11.686  1.00 61.42  ? 27  GLU A O   1 
ATOM   269 C CB  . GLU A 1 45  ? 2.628   -3.224  13.454  1.00 65.45  ? 27  GLU A CB  1 
ATOM   270 C CG  . GLU A 1 45  ? 1.458   -4.217  13.502  1.00 69.67  ? 27  GLU A CG  1 
ATOM   271 C CD  . GLU A 1 45  ? 1.758   -5.488  14.298  1.00 75.76  ? 27  GLU A CD  1 
ATOM   272 N N   . VAL A 1 46  ? 3.780   -0.170  13.319  1.00 66.33  ? 28  VAL A N   1 
ATOM   273 C CA  . VAL A 1 46  ? 4.986   0.676   13.529  1.00 71.07  ? 28  VAL A CA  1 
ATOM   274 C C   . VAL A 1 46  ? 6.048   -0.182  14.211  1.00 78.97  ? 28  VAL A C   1 
ATOM   275 O O   . VAL A 1 46  ? 5.749   -0.835  15.209  1.00 84.31  ? 28  VAL A O   1 
ATOM   276 C CB  . VAL A 1 46  ? 4.699   1.931   14.399  1.00 70.02  ? 28  VAL A CB  1 
ATOM   277 N N   . PRO A 1 47  ? 7.295   -0.192  13.681  1.00 88.11  ? 29  PRO A N   1 
ATOM   278 C CA  . PRO A 1 47  ? 8.364   -1.169  14.097  1.00 94.50  ? 29  PRO A CA  1 
ATOM   279 C C   . PRO A 1 47  ? 8.977   -1.160  15.549  1.00 98.29  ? 29  PRO A C   1 
ATOM   280 O O   . PRO A 1 47  ? 9.253   -2.241  16.071  1.00 107.07 ? 29  PRO A O   1 
ATOM   281 C CB  . PRO A 1 47  ? 9.475   -0.954  13.042  1.00 92.75  ? 29  PRO A CB  1 
ATOM   282 C CG  . PRO A 1 47  ? 9.193   0.376   12.421  1.00 88.38  ? 29  PRO A CG  1 
ATOM   283 C CD  . PRO A 1 47  ? 7.713   0.629   12.526  1.00 84.98  ? 29  PRO A CD  1 
ATOM   284 N N   . ASP A 1 48  ? 9.205   0.001   16.174  1.00 100.16 ? 30  ASP A N   1 
ATOM   285 C CA  . ASP A 1 48  ? 9.890   0.058   17.496  1.00 100.51 ? 30  ASP A CA  1 
ATOM   286 N N   . VAL A 1 51  ? 14.029  5.009   17.038  1.00 102.28 ? 33  VAL A N   1 
ATOM   287 C CA  . VAL A 1 51  ? 13.130  5.034   15.883  1.00 98.50  ? 33  VAL A CA  1 
ATOM   288 C C   . VAL A 1 51  ? 12.705  6.466   15.486  1.00 96.55  ? 33  VAL A C   1 
ATOM   289 O O   . VAL A 1 51  ? 13.271  7.036   14.549  1.00 102.03 ? 33  VAL A O   1 
ATOM   290 C CB  . VAL A 1 51  ? 11.878  4.143   16.099  1.00 95.53  ? 33  VAL A CB  1 
ATOM   291 N N   . LYS A 1 52  ? 11.732  7.039   16.203  1.00 91.19  ? 34  LYS A N   1 
ATOM   292 C CA  . LYS A 1 52  ? 11.054  8.306   15.813  1.00 84.64  ? 34  LYS A CA  1 
ATOM   293 C C   . LYS A 1 52  ? 10.435  8.234   14.389  1.00 78.41  ? 34  LYS A C   1 
ATOM   294 O O   . LYS A 1 52  ? 10.801  9.011   13.489  1.00 73.63  ? 34  LYS A O   1 
ATOM   295 C CB  . LYS A 1 52  ? 11.984  9.520   15.951  1.00 86.07  ? 34  LYS A CB  1 
ATOM   296 N N   . PRO A 1 53  ? 9.475   7.309   14.183  1.00 74.57  ? 35  PRO A N   1 
ATOM   297 C CA  . PRO A 1 53  ? 8.811   7.239   12.879  1.00 72.93  ? 35  PRO A CA  1 
ATOM   298 C C   . PRO A 1 53  ? 8.168   8.593   12.532  1.00 72.54  ? 35  PRO A C   1 
ATOM   299 O O   . PRO A 1 53  ? 7.849   9.342   13.432  1.00 74.20  ? 35  PRO A O   1 
ATOM   300 C CB  . PRO A 1 53  ? 7.743   6.154   13.084  1.00 70.55  ? 35  PRO A CB  1 
ATOM   301 C CG  . PRO A 1 53  ? 7.528   6.117   14.563  1.00 73.77  ? 35  PRO A CG  1 
ATOM   302 C CD  . PRO A 1 53  ? 8.878   6.372   15.148  1.00 76.55  ? 35  PRO A CD  1 
ATOM   303 N N   . PRO A 1 54  ? 8.006   8.910   11.235  1.00 71.26  ? 36  PRO A N   1 
ATOM   304 C CA  . PRO A 1 54  ? 7.366   10.188  10.894  1.00 68.82  ? 36  PRO A CA  1 
ATOM   305 C C   . PRO A 1 54  ? 5.969   10.223  11.437  1.00 66.47  ? 36  PRO A C   1 
ATOM   306 O O   . PRO A 1 54  ? 5.287   9.220   11.454  1.00 65.32  ? 36  PRO A O   1 
ATOM   307 C CB  . PRO A 1 54  ? 7.340   10.207  9.362   1.00 69.10  ? 36  PRO A CB  1 
ATOM   308 C CG  . PRO A 1 54  ? 8.223   9.084   8.913   1.00 67.14  ? 36  PRO A CG  1 
ATOM   309 C CD  . PRO A 1 54  ? 8.333   8.106   10.046  1.00 67.38  ? 36  PRO A CD  1 
ATOM   310 N N   . THR A 1 55  ? 5.551   11.391  11.883  1.00 73.45  ? 37  THR A N   1 
ATOM   311 C CA  . THR A 1 55  ? 4.342   11.508  12.688  1.00 71.06  ? 37  THR A CA  1 
ATOM   312 C C   . THR A 1 55  ? 3.029   11.318  11.873  1.00 65.68  ? 37  THR A C   1 
ATOM   313 O O   . THR A 1 55  ? 2.103   10.644  12.329  1.00 69.38  ? 37  THR A O   1 
ATOM   314 C CB  . THR A 1 55  ? 4.374   12.832  13.521  1.00 80.50  ? 37  THR A CB  1 
ATOM   315 O OG1 . THR A 1 55  ? 3.071   13.123  14.032  1.00 79.08  ? 37  THR A OG1 1 
ATOM   316 C CG2 . THR A 1 55  ? 4.887   14.032  12.688  1.00 83.87  ? 37  THR A CG2 1 
ATOM   317 N N   . ASN A 1 56  ? 2.955   11.873  10.671  1.00 56.22  ? 38  ASN A N   1 
ATOM   318 C CA  . ASN A 1 56  ? 1.705   11.830  9.909   1.00 54.41  ? 38  ASN A CA  1 
ATOM   319 C C   . ASN A 1 56  ? 1.787   10.854  8.716   1.00 50.79  ? 38  ASN A C   1 
ATOM   320 O O   . ASN A 1 56  ? 1.220   11.104  7.641   1.00 49.53  ? 38  ASN A O   1 
ATOM   321 C CB  . ASN A 1 56  ? 1.358   13.267  9.492   1.00 58.53  ? 38  ASN A CB  1 
ATOM   322 C CG  . ASN A 1 56  ? 1.201   14.203  10.718  1.00 63.15  ? 38  ASN A CG  1 
ATOM   323 O OD1 . ASN A 1 56  ? 1.935   15.202  10.895  1.00 65.22  ? 38  ASN A OD1 1 
ATOM   324 N ND2 . ASN A 1 56  ? 0.264   13.847  11.595  1.00 62.86  ? 38  ASN A ND2 1 
ATOM   325 N N   . LYS A 1 57  ? 2.517   9.748   8.916   1.00 46.44  ? 39  LYS A N   1 
ATOM   326 C CA  . LYS A 1 57  ? 2.730   8.720   7.883   1.00 45.44  ? 39  LYS A CA  1 
ATOM   327 C C   . LYS A 1 57  ? 2.487   7.329   8.419   1.00 42.28  ? 39  LYS A C   1 
ATOM   328 O O   . LYS A 1 57  ? 2.540   7.110   9.613   1.00 43.82  ? 39  LYS A O   1 
ATOM   329 C CB  . LYS A 1 57  ? 4.135   8.837   7.327   1.00 49.39  ? 39  LYS A CB  1 
ATOM   330 C CG  . LYS A 1 57  ? 4.284   10.130  6.560   1.00 51.77  ? 39  LYS A CG  1 
ATOM   331 C CD  . LYS A 1 57  ? 5.557   10.213  5.772   1.00 55.02  ? 39  LYS A CD  1 
ATOM   332 C CE  . LYS A 1 57  ? 5.666   11.643  5.265   1.00 59.59  ? 39  LYS A CE  1 
ATOM   333 N NZ  . LYS A 1 57  ? 6.728   11.770  4.240   1.00 63.03  ? 39  LYS A NZ  1 
ATOM   334 N N   . LEU A 1 58  ? 2.199   6.401   7.525   1.00 39.66  ? 40  LEU A N   1 
ATOM   335 C CA  . LEU A 1 58  ? 1.977   5.012   7.879   1.00 39.35  ? 40  LEU A CA  1 
ATOM   336 C C   . LEU A 1 58  ? 3.112   4.162   7.346   1.00 38.34  ? 40  LEU A C   1 
ATOM   337 O O   . LEU A 1 58  ? 3.637   4.470   6.270   1.00 35.49  ? 40  LEU A O   1 
ATOM   338 C CB  . LEU A 1 58  ? 0.685   4.550   7.253   1.00 39.54  ? 40  LEU A CB  1 
ATOM   339 C CG  . LEU A 1 58  ? -0.520  5.288   7.865   1.00 42.87  ? 40  LEU A CG  1 
ATOM   340 C CD1 . LEU A 1 58  ? -1.674  5.245   6.935   1.00 44.76  ? 40  LEU A CD1 1 
ATOM   341 C CD2 . LEU A 1 58  ? -0.886  4.703   9.222   1.00 46.87  ? 40  LEU A CD2 1 
ATOM   342 N N   . PRO A 1 59  ? 3.477   3.071   8.071   1.00 39.91  ? 41  PRO A N   1 
ATOM   343 C CA  . PRO A 1 59  ? 4.453   2.115   7.530   1.00 39.89  ? 41  PRO A CA  1 
ATOM   344 C C   . PRO A 1 59  ? 3.796   1.235   6.472   1.00 36.53  ? 41  PRO A C   1 
ATOM   345 O O   . PRO A 1 59  ? 2.805   0.607   6.735   1.00 40.63  ? 41  PRO A O   1 
ATOM   346 C CB  . PRO A 1 59  ? 4.868   1.286   8.738   1.00 42.14  ? 41  PRO A CB  1 
ATOM   347 C CG  . PRO A 1 59  ? 4.098   1.799   9.906   1.00 43.71  ? 41  PRO A CG  1 
ATOM   348 C CD  . PRO A 1 59  ? 3.009   2.667   9.405   1.00 42.74  ? 41  PRO A CD  1 
ATOM   349 N N   . ILE A 1 60  ? 4.358   1.227   5.278   1.00 36.49  ? 42  ILE A N   1 
ATOM   350 C CA  . ILE A 1 60  ? 3.782   0.555   4.118   1.00 34.70  ? 42  ILE A CA  1 
ATOM   351 C C   . ILE A 1 60  ? 4.719   -0.553  3.638   1.00 34.77  ? 42  ILE A C   1 
ATOM   352 O O   . ILE A 1 60  ? 5.927   -0.356  3.579   1.00 37.28  ? 42  ILE A O   1 
ATOM   353 C CB  . ILE A 1 60  ? 3.553   1.564   2.947   1.00 34.13  ? 42  ILE A CB  1 
ATOM   354 C CG1 . ILE A 1 60  ? 2.611   2.694   3.371   1.00 35.12  ? 42  ILE A CG1 1 
ATOM   355 C CG2 . ILE A 1 60  ? 2.972   0.835   1.710   1.00 34.04  ? 42  ILE A CG2 1 
ATOM   356 C CD1 . ILE A 1 60  ? 1.324   2.263   4.018   1.00 34.61  ? 42  ILE A CD1 1 
ATOM   357 N N   . PHE A 1 61  ? 4.133   -1.726  3.335   1.00 34.96  ? 43  PHE A N   1 
ATOM   358 C CA  . PHE A 1 61  ? 4.809   -2.851  2.728   1.00 35.09  ? 43  PHE A CA  1 
ATOM   359 C C   . PHE A 1 61  ? 4.212   -3.061  1.328   1.00 33.22  ? 43  PHE A C   1 
ATOM   360 O O   . PHE A 1 61  ? 2.958   -3.124  1.147   1.00 32.50  ? 43  PHE A O   1 
ATOM   361 C CB  . PHE A 1 61  ? 4.624   -4.091  3.634   1.00 38.34  ? 43  PHE A CB  1 
ATOM   362 C CG  . PHE A 1 61  ? 5.116   -5.391  3.049   1.00 38.98  ? 43  PHE A CG  1 
ATOM   363 C CD1 . PHE A 1 61  ? 4.278   -6.178  2.237   1.00 39.09  ? 43  PHE A CD1 1 
ATOM   364 C CD2 . PHE A 1 61  ? 6.387   -5.841  3.298   1.00 41.72  ? 43  PHE A CD2 1 
ATOM   365 C CE1 . PHE A 1 61  ? 4.720   -7.376  1.706   1.00 40.58  ? 43  PHE A CE1 1 
ATOM   366 C CE2 . PHE A 1 61  ? 6.835   -7.057  2.768   1.00 43.71  ? 43  PHE A CE2 1 
ATOM   367 C CZ  . PHE A 1 61  ? 5.998   -7.828  1.984   1.00 42.13  ? 43  PHE A CZ  1 
ATOM   368 N N   . PHE A 1 62  ? 5.096   -3.139  0.336   1.00 33.80  ? 44  PHE A N   1 
ATOM   369 C CA  . PHE A 1 62  ? 4.679   -3.277  -1.066  1.00 30.88  ? 44  PHE A CA  1 
ATOM   370 C C   . PHE A 1 62  ? 4.718   -4.739  -1.476  1.00 30.71  ? 44  PHE A C   1 
ATOM   371 O O   . PHE A 1 62  ? 5.723   -5.414  -1.330  1.00 31.92  ? 44  PHE A O   1 
ATOM   372 C CB  . PHE A 1 62  ? 5.610   -2.490  -1.992  1.00 32.44  ? 44  PHE A CB  1 
ATOM   373 C CG  . PHE A 1 62  ? 5.528   -1.013  -1.828  1.00 33.65  ? 44  PHE A CG  1 
ATOM   374 C CD1 . PHE A 1 62  ? 6.294   -0.350  -0.862  1.00 35.60  ? 44  PHE A CD1 1 
ATOM   375 C CD2 . PHE A 1 62  ? 4.657   -0.262  -2.617  1.00 35.59  ? 44  PHE A CD2 1 
ATOM   376 C CE1 . PHE A 1 62  ? 6.194   1.022   -0.716  1.00 38.67  ? 44  PHE A CE1 1 
ATOM   377 C CE2 . PHE A 1 62  ? 4.569   1.107   -2.472  1.00 37.02  ? 44  PHE A CE2 1 
ATOM   378 C CZ  . PHE A 1 62  ? 5.326   1.756   -1.522  1.00 35.26  ? 44  PHE A CZ  1 
ATOM   379 N N   . PHE A 1 63  ? 3.594   -5.250  -1.945  1.00 30.29  ? 45  PHE A N   1 
ATOM   380 C CA  . PHE A 1 63  ? 3.547   -6.626  -2.395  1.00 31.21  ? 45  PHE A CA  1 
ATOM   381 C C   . PHE A 1 63  ? 4.397   -6.809  -3.662  1.00 32.94  ? 45  PHE A C   1 
ATOM   382 O O   . PHE A 1 63  ? 4.702   -5.837  -4.371  1.00 33.86  ? 45  PHE A O   1 
ATOM   383 C CB  . PHE A 1 63  ? 2.104   -7.090  -2.612  1.00 30.19  ? 45  PHE A CB  1 
ATOM   384 C CG  . PHE A 1 63  ? 1.330   -7.260  -1.325  1.00 32.58  ? 45  PHE A CG  1 
ATOM   385 C CD1 . PHE A 1 63  ? 1.643   -8.267  -0.442  1.00 34.46  ? 45  PHE A CD1 1 
ATOM   386 C CD2 . PHE A 1 63  ? 0.254   -6.434  -1.028  1.00 32.13  ? 45  PHE A CD2 1 
ATOM   387 C CE1 . PHE A 1 63  ? 0.904   -8.452  0.721   1.00 36.65  ? 45  PHE A CE1 1 
ATOM   388 C CE2 . PHE A 1 63  ? -0.467  -6.597  0.143   1.00 33.54  ? 45  PHE A CE2 1 
ATOM   389 C CZ  . PHE A 1 63  ? -0.143  -7.601  1.006   1.00 35.21  ? 45  PHE A CZ  1 
ATOM   390 N N   . GLY A 1 64  ? 4.832   -8.045  -3.900  1.00 35.38  ? 46  GLY A N   1 
ATOM   391 C CA  . GLY A 1 64  ? 5.659   -8.367  -5.062  1.00 36.12  ? 46  GLY A CA  1 
ATOM   392 C C   . GLY A 1 64  ? 7.125   -8.020  -4.843  1.00 39.56  ? 46  GLY A C   1 
ATOM   393 O O   . GLY A 1 64  ? 7.942   -8.879  -4.883  1.00 41.26  ? 46  GLY A O   1 
ATOM   394 N N   . THR A 1 65  ? 7.468   -6.743  -4.601  1.00 40.32  ? 47  THR A N   1 
ATOM   395 C CA  . THR A 1 65  ? 8.883   -6.392  -4.351  1.00 40.12  ? 47  THR A CA  1 
ATOM   396 C C   . THR A 1 65  ? 9.292   -6.622  -2.866  1.00 42.41  ? 47  THR A C   1 
ATOM   397 O O   . THR A 1 65  ? 10.479  -6.821  -2.548  1.00 39.97  ? 47  THR A O   1 
ATOM   398 C CB  . THR A 1 65  ? 9.111   -4.910  -4.632  1.00 40.17  ? 47  THR A CB  1 
ATOM   399 O OG1 . THR A 1 65  ? 8.267   -4.148  -3.759  1.00 34.80  ? 47  THR A OG1 1 
ATOM   400 C CG2 . THR A 1 65  ? 8.788   -4.553  -6.086  1.00 40.06  ? 47  THR A CG2 1 
ATOM   401 N N   . HIS A 1 66  ? 8.302   -6.515  -1.977  1.00 40.26  ? 48  HIS A N   1 
ATOM   402 C CA  . HIS A 1 66  ? 8.489   -6.608  -0.525  1.00 42.88  ? 48  HIS A CA  1 
ATOM   403 C C   . HIS A 1 66  ? 9.279   -5.459  0.025   1.00 42.01  ? 48  HIS A C   1 
ATOM   404 O O   . HIS A 1 66  ? 9.853   -5.550  1.103   1.00 43.34  ? 48  HIS A O   1 
ATOM   405 C CB  . HIS A 1 66  ? 9.137   -7.936  -0.138  1.00 48.63  ? 48  HIS A CB  1 
ATOM   406 C CG  . HIS A 1 66  ? 8.377   -9.138  -0.622  1.00 49.92  ? 48  HIS A CG  1 
ATOM   407 N ND1 . HIS A 1 66  ? 8.949   -10.346 -0.750  1.00 58.88  ? 48  HIS A ND1 1 
ATOM   408 C CD2 . HIS A 1 66  ? 7.059   -9.283  -1.019  1.00 46.69  ? 48  HIS A CD2 1 
ATOM   409 C CE1 . HIS A 1 66  ? 8.042   -11.218 -1.210  1.00 58.81  ? 48  HIS A CE1 1 
ATOM   410 N NE2 . HIS A 1 66  ? 6.883   -10.563 -1.366  1.00 52.99  ? 48  HIS A NE2 1 
ATOM   411 N N   . GLU A 1 67  ? 9.326   -4.371  -0.720  1.00 40.45  ? 49  GLU A N   1 
ATOM   412 C CA  . GLU A 1 67  ? 9.943   -3.130  -0.257  1.00 42.71  ? 49  GLU A CA  1 
ATOM   413 C C   . GLU A 1 67  ? 9.010   -2.419  0.746   1.00 38.51  ? 49  GLU A C   1 
ATOM   414 O O   . GLU A 1 67  ? 7.832   -2.803  0.916   1.00 35.80  ? 49  GLU A O   1 
ATOM   415 C CB  . GLU A 1 67  ? 10.262  -2.204  -1.457  1.00 43.74  ? 49  GLU A CB  1 
ATOM   416 C CG  . GLU A 1 67  ? 11.357  -2.780  -2.350  1.00 46.36  ? 49  GLU A CG  1 
ATOM   417 C CD  . GLU A 1 67  ? 11.822  -1.829  -3.455  1.00 50.49  ? 49  GLU A CD  1 
ATOM   418 O OE1 . GLU A 1 67  ? 10.997  -1.124  -4.060  1.00 51.97  ? 49  GLU A OE1 1 
ATOM   419 O OE2 . GLU A 1 67  ? 13.032  -1.803  -3.735  1.00 56.62  ? 49  GLU A OE2 1 
ATOM   420 N N   . THR A 1 68  ? 9.560   -1.410  1.425   1.00 39.68  ? 50  THR A N   1 
ATOM   421 C CA  . THR A 1 68  ? 8.831   -0.653  2.436   1.00 37.55  ? 50  THR A CA  1 
ATOM   422 C C   . THR A 1 68  ? 9.068   0.841   2.332   1.00 40.76  ? 50  THR A C   1 
ATOM   423 O O   . THR A 1 68  ? 10.087  1.278   1.831   1.00 43.26  ? 50  THR A O   1 
ATOM   424 C CB  . THR A 1 68  ? 9.230   -1.127  3.852   1.00 39.57  ? 50  THR A CB  1 
ATOM   425 O OG1 . THR A 1 68  ? 10.643  -1.006  4.044   1.00 40.14  ? 50  THR A OG1 1 
ATOM   426 C CG2 . THR A 1 68  ? 8.857   -2.583  4.053   1.00 40.39  ? 50  THR A CG2 1 
ATOM   427 N N   . ALA A 1 69  ? 8.107   1.613   2.848   1.00 40.15  ? 51  ALA A N   1 
ATOM   428 C CA  . ALA A 1 69  ? 8.185   3.062   2.887   1.00 42.11  ? 51  ALA A CA  1 
ATOM   429 C C   . ALA A 1 69  ? 7.273   3.591   3.997   1.00 41.15  ? 51  ALA A C   1 
ATOM   430 O O   . ALA A 1 69  ? 6.496   2.849   4.601   1.00 39.96  ? 51  ALA A O   1 
ATOM   431 C CB  . ALA A 1 69  ? 7.769   3.659   1.545   1.00 40.59  ? 51  ALA A CB  1 
ATOM   432 N N   . PHE A 1 70  ? 7.439   4.868   4.306   1.00 43.37  ? 52  PHE A N   1 
ATOM   433 C CA  . PHE A 1 70  ? 6.492   5.647   5.102   1.00 39.86  ? 52  PHE A CA  1 
ATOM   434 C C   . PHE A 1 70  ? 5.747   6.547   4.113   1.00 39.64  ? 52  PHE A C   1 
ATOM   435 O O   . PHE A 1 70  ? 6.366   7.309   3.377   1.00 43.59  ? 52  PHE A O   1 
ATOM   436 C CB  . PHE A 1 70  ? 7.221   6.507   6.119   1.00 42.36  ? 52  PHE A CB  1 
ATOM   437 C CG  . PHE A 1 70  ? 7.644   5.765   7.377   1.00 45.56  ? 52  PHE A CG  1 
ATOM   438 C CD1 . PHE A 1 70  ? 6.681   5.195   8.234   1.00 45.88  ? 52  PHE A CD1 1 
ATOM   439 C CD2 . PHE A 1 70  ? 8.966   5.696   7.735   1.00 47.11  ? 52  PHE A CD2 1 
ATOM   440 C CE1 . PHE A 1 70  ? 7.060   4.548   9.401   1.00 47.61  ? 52  PHE A CE1 1 
ATOM   441 C CE2 . PHE A 1 70  ? 9.360   5.060   8.924   1.00 52.71  ? 52  PHE A CE2 1 
ATOM   442 C CZ  . PHE A 1 70  ? 8.409   4.468   9.741   1.00 51.59  ? 52  PHE A CZ  1 
ATOM   443 N N   . LEU A 1 71  ? 4.437   6.453   4.086   1.00 37.13  ? 53  LEU A N   1 
ATOM   444 C CA  . LEU A 1 71  ? 3.635   7.244   3.153   1.00 37.99  ? 53  LEU A CA  1 
ATOM   445 C C   . LEU A 1 71  ? 2.524   7.933   3.904   1.00 36.31  ? 53  LEU A C   1 
ATOM   446 O O   . LEU A 1 71  ? 1.967   7.377   4.851   1.00 36.17  ? 53  LEU A O   1 
ATOM   447 C CB  . LEU A 1 71  ? 2.989   6.349   2.091   1.00 38.52  ? 53  LEU A CB  1 
ATOM   448 C CG  . LEU A 1 71  ? 3.891   5.761   1.001   1.00 41.04  ? 53  LEU A CG  1 
ATOM   449 C CD1 . LEU A 1 71  ? 3.038   5.095   -0.036  1.00 39.13  ? 53  LEU A CD1 1 
ATOM   450 C CD2 . LEU A 1 71  ? 4.714   6.867   0.366   1.00 48.20  ? 53  LEU A CD2 1 
ATOM   451 N N   . GLY A 1 72  ? 2.177   9.126   3.454   1.00 36.55  ? 54  GLY A N   1 
ATOM   452 C CA  . GLY A 1 72  ? 1.047   9.865   4.027   1.00 36.95  ? 54  GLY A CA  1 
ATOM   453 C C   . GLY A 1 72  ? -0.254  9.329   3.425   1.00 36.67  ? 54  GLY A C   1 
ATOM   454 O O   . GLY A 1 72  ? -0.245  8.646   2.373   1.00 36.15  ? 54  GLY A O   1 
ATOM   455 N N   . PRO A 1 73  ? -1.386  9.620   4.072   1.00 38.13  ? 55  PRO A N   1 
ATOM   456 C CA  . PRO A 1 73  ? -2.692  9.237   3.553   1.00 38.04  ? 55  PRO A CA  1 
ATOM   457 C C   . PRO A 1 73  ? -2.979  9.689   2.107   1.00 40.18  ? 55  PRO A C   1 
ATOM   458 O O   . PRO A 1 73  ? -3.744  9.027   1.405   1.00 38.20  ? 55  PRO A O   1 
ATOM   459 C CB  . PRO A 1 73  ? -3.654  9.934   4.496   1.00 40.14  ? 55  PRO A CB  1 
ATOM   460 C CG  . PRO A 1 73  ? -2.901  10.127  5.747   1.00 41.78  ? 55  PRO A CG  1 
ATOM   461 C CD  . PRO A 1 73  ? -1.507  10.397  5.322   1.00 41.34  ? 55  PRO A CD  1 
ATOM   462 N N   . LYS A 1 74  ? -2.391  10.792  1.650   1.00 40.43  ? 56  LYS A N   1 
ATOM   463 C CA  . LYS A 1 74  ? -2.656  11.253  0.284   1.00 42.12  ? 56  LYS A CA  1 
ATOM   464 C C   . LYS A 1 74  ? -2.238  10.252  -0.786  1.00 42.20  ? 56  LYS A C   1 
ATOM   465 O O   . LYS A 1 74  ? -2.780  10.270  -1.868  1.00 41.58  ? 56  LYS A O   1 
ATOM   466 C CB  . LYS A 1 74  ? -2.017  12.618  0.000   1.00 46.56  ? 56  LYS A CB  1 
ATOM   467 C CG  . LYS A 1 74  ? -0.538  12.598  -0.211  1.00 48.88  ? 56  LYS A CG  1 
ATOM   468 C CD  . LYS A 1 74  ? 0.025   14.010  -0.262  1.00 54.50  ? 56  LYS A CD  1 
ATOM   469 C CE  . LYS A 1 74  ? 1.543   13.976  -0.182  1.00 57.71  ? 56  LYS A CE  1 
ATOM   470 N NZ  . LYS A 1 74  ? 2.158   13.305  -1.361  1.00 68.35  ? 56  LYS A NZ  1 
ATOM   471 N N   . ASP A 1 75  ? -1.283  9.391   -0.466  1.00 39.23  ? 57  ASP A N   1 
ATOM   472 C CA  . ASP A 1 75  ? -0.763  8.409   -1.410  1.00 38.30  ? 57  ASP A CA  1 
ATOM   473 C C   . ASP A 1 75  ? -1.303  7.023   -1.194  1.00 36.78  ? 57  ASP A C   1 
ATOM   474 O O   . ASP A 1 75  ? -0.760  6.059   -1.739  1.00 37.05  ? 57  ASP A O   1 
ATOM   475 C CB  . ASP A 1 75  ? 0.743   8.377   -1.274  1.00 39.66  ? 57  ASP A CB  1 
ATOM   476 C CG  . ASP A 1 75  ? 1.357   9.678   -1.694  1.00 49.68  ? 57  ASP A CG  1 
ATOM   477 O OD1 . ASP A 1 75  ? 0.831   10.263  -2.667  1.00 52.89  ? 57  ASP A OD1 1 
ATOM   478 O OD2 . ASP A 1 75  ? 2.299   10.149  -1.034  1.00 53.02  ? 57  ASP A OD2 1 
ATOM   479 N N   . ILE A 1 76  ? -2.348  6.889   -0.384  1.00 36.12  ? 58  ILE A N   1 
ATOM   480 C CA  . ILE A 1 76  ? -2.848  5.568   -0.004  1.00 36.41  ? 58  ILE A CA  1 
ATOM   481 C C   . ILE A 1 76  ? -4.301  5.441   -0.396  1.00 37.73  ? 58  ILE A C   1 
ATOM   482 O O   . ILE A 1 76  ? -5.118  6.308   -0.040  1.00 37.20  ? 58  ILE A O   1 
ATOM   483 C CB  . ILE A 1 76  ? -2.739  5.364   1.518   1.00 39.67  ? 58  ILE A CB  1 
ATOM   484 C CG1 . ILE A 1 76  ? -1.289  5.294   1.949   1.00 45.51  ? 58  ILE A CG1 1 
ATOM   485 C CG2 . ILE A 1 76  ? -3.378  4.042   1.930   1.00 44.83  ? 58  ILE A CG2 1 
ATOM   486 C CD1 . ILE A 1 76  ? -1.165  5.517   3.443   1.00 47.90  ? 58  ILE A CD1 1 
ATOM   487 N N   . PHE A 1 77  ? -4.635  4.349   -1.080  1.00 36.43  ? 59  PHE A N   1 
ATOM   488 C CA  . PHE A 1 77  ? -5.992  4.122   -1.552  1.00 37.82  ? 59  PHE A CA  1 
ATOM   489 C C   . PHE A 1 77  ? -6.462  2.734   -1.052  1.00 36.76  ? 59  PHE A C   1 
ATOM   490 O O   . PHE A 1 77  ? -5.714  1.764   -1.182  1.00 38.90  ? 59  PHE A O   1 
ATOM   491 C CB  . PHE A 1 77  ? -6.012  4.174   -3.109  1.00 39.28  ? 59  PHE A CB  1 
ATOM   492 C CG  . PHE A 1 77  ? -5.570  5.502   -3.692  1.00 38.66  ? 59  PHE A CG  1 
ATOM   493 C CD1 . PHE A 1 77  ? -4.226  5.837   -3.749  1.00 42.72  ? 59  PHE A CD1 1 
ATOM   494 C CD2 . PHE A 1 77  ? -6.477  6.382   -4.193  1.00 42.43  ? 59  PHE A CD2 1 
ATOM   495 C CE1 . PHE A 1 77  ? -3.812  7.058   -4.252  1.00 42.65  ? 59  PHE A CE1 1 
ATOM   496 C CE2 . PHE A 1 77  ? -6.079  7.596   -4.731  1.00 45.50  ? 59  PHE A CE2 1 
ATOM   497 C CZ  . PHE A 1 77  ? -4.741  7.939   -4.742  1.00 44.87  ? 59  PHE A CZ  1 
ATOM   498 N N   . PRO A 1 78  ? -7.708  2.619   -0.515  1.00 40.16  ? 60  PRO A N   1 
ATOM   499 C CA  . PRO A 1 78  ? -8.219  1.276   -0.163  1.00 41.98  ? 60  PRO A CA  1 
ATOM   500 C C   . PRO A 1 78  ? -8.240  0.319   -1.358  1.00 41.14  ? 60  PRO A C   1 
ATOM   501 O O   . PRO A 1 78  ? -8.523  0.710   -2.499  1.00 42.29  ? 60  PRO A O   1 
ATOM   502 C CB  . PRO A 1 78  ? -9.646  1.550   0.370   1.00 45.93  ? 60  PRO A CB  1 
ATOM   503 C CG  . PRO A 1 78  ? -10.009 2.866   -0.169  1.00 46.84  ? 60  PRO A CG  1 
ATOM   504 C CD  . PRO A 1 78  ? -8.721  3.657   -0.255  1.00 41.94  ? 60  PRO A CD  1 
ATOM   505 N N   . TYR A 1 79  ? -7.872  -0.926  -1.104  1.00 42.96  ? 61  TYR A N   1 
ATOM   506 C CA  . TYR A 1 79  ? -7.721  -1.905  -2.168  1.00 42.16  ? 61  TYR A CA  1 
ATOM   507 C C   . TYR A 1 79  ? -9.038  -2.280  -2.854  1.00 45.43  ? 61  TYR A C   1 
ATOM   508 O O   . TYR A 1 79  ? -9.123  -2.186  -4.075  1.00 43.00  ? 61  TYR A O   1 
ATOM   509 C CB  . TYR A 1 79  ? -7.095  -3.167  -1.625  1.00 42.09  ? 61  TYR A CB  1 
ATOM   510 C CG  . TYR A 1 79  ? -7.084  -4.333  -2.603  1.00 39.60  ? 61  TYR A CG  1 
ATOM   511 C CD1 . TYR A 1 79  ? -6.305  -4.292  -3.737  1.00 39.86  ? 61  TYR A CD1 1 
ATOM   512 C CD2 . TYR A 1 79  ? -7.826  -5.483  -2.346  1.00 43.29  ? 61  TYR A CD2 1 
ATOM   513 C CE1 . TYR A 1 79  ? -6.258  -5.369  -4.620  1.00 40.24  ? 61  TYR A CE1 1 
ATOM   514 C CE2 . TYR A 1 79  ? -7.795  -6.552  -3.205  1.00 43.53  ? 61  TYR A CE2 1 
ATOM   515 C CZ  . TYR A 1 79  ? -7.003  -6.489  -4.344  1.00 43.06  ? 61  TYR A CZ  1 
ATOM   516 O OH  . TYR A 1 79  ? -6.964  -7.559  -5.213  1.00 43.57  ? 61  TYR A OH  1 
ATOM   517 N N   . SER A 1 80  ? -10.033 -2.730  -2.090  1.00 49.33  ? 62  SER A N   1 
ATOM   518 C CA  . SER A 1 80  ? -11.277 -3.317  -2.688  1.00 57.66  ? 62  SER A CA  1 
ATOM   519 C C   . SER A 1 80  ? -12.042 -2.349  -3.574  1.00 57.48  ? 62  SER A C   1 
ATOM   520 O O   . SER A 1 80  ? -12.395 -2.664  -4.702  1.00 56.49  ? 62  SER A O   1 
ATOM   521 C CB  . SER A 1 80  ? -12.247 -3.799  -1.601  1.00 62.54  ? 62  SER A CB  1 
ATOM   522 O OG  . SER A 1 80  ? -11.708 -4.922  -0.937  1.00 65.04  ? 62  SER A OG  1 
ATOM   523 N N   . GLU A 1 81  ? -12.268 -1.160  -3.044  1.00 57.90  ? 63  GLU A N   1 
ATOM   524 C CA  . GLU A 1 81  ? -12.894 -0.077  -3.788  1.00 61.67  ? 63  GLU A CA  1 
ATOM   525 C C   . GLU A 1 81  ? -12.172 0.175   -5.127  1.00 56.27  ? 63  GLU A C   1 
ATOM   526 O O   . GLU A 1 81  ? -12.803 0.500   -6.123  1.00 53.70  ? 63  GLU A O   1 
ATOM   527 C CB  . GLU A 1 81  ? -12.881 1.198   -2.932  1.00 66.96  ? 63  GLU A CB  1 
ATOM   528 C CG  . GLU A 1 81  ? -13.754 1.101   -1.671  1.00 77.55  ? 63  GLU A CG  1 
ATOM   529 C CD  . GLU A 1 81  ? -13.035 0.560   -0.421  1.00 78.90  ? 63  GLU A CD  1 
ATOM   530 O OE1 . GLU A 1 81  ? -12.311 -0.487  -0.485  1.00 68.57  ? 63  GLU A OE1 1 
ATOM   531 O OE2 . GLU A 1 81  ? -13.212 1.193   0.647   1.00 84.27  ? 63  GLU A OE2 1 
ATOM   532 N N   . ASN A 1 82  ? -10.848 0.009   -5.149  1.00 49.27  ? 64  ASN A N   1 
ATOM   533 C CA  . ASN A 1 82  ? -10.036 0.401   -6.318  1.00 48.91  ? 64  ASN A CA  1 
ATOM   534 C C   . ASN A 1 82  ? -9.441  -0.759  -7.127  1.00 48.27  ? 64  ASN A C   1 
ATOM   535 O O   . ASN A 1 82  ? -8.661  -0.520  -8.033  1.00 50.13  ? 64  ASN A O   1 
ATOM   536 C CB  . ASN A 1 82  ? -8.914  1.318   -5.855  1.00 46.81  ? 64  ASN A CB  1 
ATOM   537 C CG  . ASN A 1 82  ? -9.424  2.652   -5.384  1.00 49.62  ? 64  ASN A CG  1 
ATOM   538 O OD1 . ASN A 1 82  ? -9.987  3.387   -6.159  1.00 56.45  ? 64  ASN A OD1 1 
ATOM   539 N ND2 . ASN A 1 82  ? -9.253  2.954   -4.100  1.00 47.81  ? 64  ASN A ND2 1 
ATOM   540 N N   . LYS A 1 83  ? -9.829  -1.992  -6.792  1.00 48.59  ? 65  LYS A N   1 
ATOM   541 C CA  . LYS A 1 83  ? -9.288  -3.212  -7.397  1.00 50.26  ? 65  LYS A CA  1 
ATOM   542 C C   . LYS A 1 83  ? -9.450  -3.155  -8.928  1.00 53.08  ? 65  LYS A C   1 
ATOM   543 O O   . LYS A 1 83  ? -8.512  -3.466  -9.655  1.00 47.31  ? 65  LYS A O   1 
ATOM   544 C CB  . LYS A 1 83  ? -9.997  -4.465  -6.798  1.00 56.41  ? 65  LYS A CB  1 
ATOM   545 C CG  . LYS A 1 83  ? -9.444  -5.831  -7.231  1.00 61.43  ? 65  LYS A CG  1 
ATOM   546 C CD  . LYS A 1 83  ? -10.345 -7.016  -6.833  1.00 64.59  ? 65  LYS A CD  1 
ATOM   547 N N   . GLU A 1 84  ? -10.630 -2.744  -9.401  1.00 54.46  ? 66  GLU A N   1 
ATOM   548 C CA  . GLU A 1 84  ? -10.941 -2.724  -10.840 1.00 58.95  ? 66  GLU A CA  1 
ATOM   549 C C   . GLU A 1 84  ? -10.182 -1.595  -11.554 1.00 56.95  ? 66  GLU A C   1 
ATOM   550 O O   . GLU A 1 84  ? -9.780  -1.730  -12.697 1.00 64.59  ? 66  GLU A O   1 
ATOM   551 C CB  . GLU A 1 84  ? -12.485 -2.610  -11.102 1.00 63.90  ? 66  GLU A CB  1 
ATOM   552 C CG  . GLU A 1 84  ? -12.993 -3.510  -12.255 1.00 69.84  ? 66  GLU A CG  1 
ATOM   553 C CD  . GLU A 1 84  ? -14.498 -3.385  -12.537 1.00 71.27  ? 66  GLU A CD  1 
ATOM   554 N N   . LYS A 1 85  ? -9.983  -0.479  -10.886 1.00 54.16  ? 67  LYS A N   1 
ATOM   555 C CA  . LYS A 1 85  ? -9.256  0.620   -11.496 1.00 55.09  ? 67  LYS A CA  1 
ATOM   556 C C   . LYS A 1 85  ? -7.714  0.391   -11.480 1.00 50.26  ? 67  LYS A C   1 
ATOM   557 O O   . LYS A 1 85  ? -7.064  0.581   -12.502 1.00 48.78  ? 67  LYS A O   1 
ATOM   558 C CB  . LYS A 1 85  ? -9.623  1.904   -10.783 1.00 59.21  ? 67  LYS A CB  1 
ATOM   559 C CG  . LYS A 1 85  ? -8.988  3.151   -11.346 1.00 64.07  ? 67  LYS A CG  1 
ATOM   560 C CD  . LYS A 1 85  ? -9.427  4.344   -10.506 1.00 69.96  ? 67  LYS A CD  1 
ATOM   561 C CE  . LYS A 1 85  ? -8.577  5.579   -10.767 1.00 75.53  ? 67  LYS A CE  1 
ATOM   562 N NZ  . LYS A 1 85  ? -9.063  6.395   -11.905 1.00 80.50  ? 67  LYS A NZ  1 
ATOM   563 N N   . TYR A 1 86  ? -7.139  -0.048  -10.354 1.00 44.20  ? 68  TYR A N   1 
ATOM   564 C CA  . TYR A 1 86  ? -5.667  -0.130  -10.241 1.00 42.11  ? 68  TYR A CA  1 
ATOM   565 C C   . TYR A 1 86  ? -5.095  -1.542  -10.254 1.00 42.10  ? 68  TYR A C   1 
ATOM   566 O O   . TYR A 1 86  ? -3.873  -1.712  -10.355 1.00 40.77  ? 68  TYR A O   1 
ATOM   567 C CB  . TYR A 1 86  ? -5.174  0.573   -8.992  1.00 40.23  ? 68  TYR A CB  1 
ATOM   568 C CG  . TYR A 1 86  ? -5.515  2.047   -8.896  1.00 42.43  ? 68  TYR A CG  1 
ATOM   569 C CD1 . TYR A 1 86  ? -5.310  2.911   -9.974  1.00 46.80  ? 68  TYR A CD1 1 
ATOM   570 C CD2 . TYR A 1 86  ? -6.018  2.584   -7.708  1.00 43.16  ? 68  TYR A CD2 1 
ATOM   571 C CE1 . TYR A 1 86  ? -5.625  4.259   -9.881  1.00 48.08  ? 68  TYR A CE1 1 
ATOM   572 C CE2 . TYR A 1 86  ? -6.338  3.926   -7.597  1.00 46.38  ? 68  TYR A CE2 1 
ATOM   573 C CZ  . TYR A 1 86  ? -6.137  4.767   -8.670  1.00 49.70  ? 68  TYR A CZ  1 
ATOM   574 O OH  . TYR A 1 86  ? -6.461  6.101   -8.530  1.00 52.04  ? 68  TYR A OH  1 
ATOM   575 N N   . GLY A 1 87  ? -5.955  -2.551  -10.151 1.00 43.13  ? 69  GLY A N   1 
ATOM   576 C CA  . GLY A 1 87  ? -5.492  -3.918  -10.015 1.00 44.77  ? 69  GLY A CA  1 
ATOM   577 C C   . GLY A 1 87  ? -5.427  -4.613  -11.364 1.00 46.63  ? 69  GLY A C   1 
ATOM   578 O O   . GLY A 1 87  ? -6.048  -5.646  -11.546 1.00 52.76  ? 69  GLY A O   1 
ATOM   579 N N   . LYS A 1 88  ? -4.716  -4.007  -12.312 1.00 46.06  ? 70  LYS A N   1 
ATOM   580 C CA  . LYS A 1 88  ? -4.538  -4.561  -13.648 1.00 47.13  ? 70  LYS A CA  1 
ATOM   581 C C   . LYS A 1 88  ? -3.065  -4.875  -13.820 1.00 42.16  ? 70  LYS A C   1 
ATOM   582 O O   . LYS A 1 88  ? -2.219  -4.177  -13.272 1.00 39.95  ? 70  LYS A O   1 
ATOM   583 C CB  . LYS A 1 88  ? -4.989  -3.572  -14.734 1.00 51.83  ? 70  LYS A CB  1 
ATOM   584 C CG  . LYS A 1 88  ? -6.497  -3.317  -14.810 1.00 56.00  ? 70  LYS A CG  1 
ATOM   585 N N   . PRO A 1 89  ? -2.738  -5.924  -14.592 1.00 40.82  ? 71  PRO A N   1 
ATOM   586 C CA  . PRO A 1 89  ? -1.322  -6.226  -14.801 1.00 39.74  ? 71  PRO A CA  1 
ATOM   587 C C   . PRO A 1 89  ? -0.499  -5.035  -15.301 1.00 40.28  ? 71  PRO A C   1 
ATOM   588 O O   . PRO A 1 89  ? -1.002  -4.207  -16.021 1.00 41.50  ? 71  PRO A O   1 
ATOM   589 C CB  . PRO A 1 89  ? -1.355  -7.319  -15.865 1.00 41.32  ? 71  PRO A CB  1 
ATOM   590 C CG  . PRO A 1 89  ? -2.641  -8.029  -15.590 1.00 42.79  ? 71  PRO A CG  1 
ATOM   591 C CD  . PRO A 1 89  ? -3.600  -6.894  -15.292 1.00 43.31  ? 71  PRO A CD  1 
ATOM   592 N N   . ASN A 1 90  ? 0.768   -5.006  -14.923 1.00 39.59  ? 72  ASN A N   1 
ATOM   593 C CA  . ASN A 1 90  ? 1.687   -3.936  -15.294 1.00 42.58  ? 72  ASN A CA  1 
ATOM   594 C C   . ASN A 1 90  ? 3.025   -4.567  -15.591 1.00 43.19  ? 72  ASN A C   1 
ATOM   595 O O   . ASN A 1 90  ? 3.338   -5.598  -15.008 1.00 41.93  ? 72  ASN A O   1 
ATOM   596 C CB  . ASN A 1 90  ? 1.818   -2.979  -14.092 1.00 41.28  ? 72  ASN A CB  1 
ATOM   597 C CG  . ASN A 1 90  ? 2.436   -1.689  -14.460 1.00 43.75  ? 72  ASN A CG  1 
ATOM   598 O OD1 . ASN A 1 90  ? 3.623   -1.618  -14.661 1.00 45.47  ? 72  ASN A OD1 1 
ATOM   599 N ND2 . ASN A 1 90  ? 1.626   -0.646  -14.562 1.00 46.41  ? 72  ASN A ND2 1 
ATOM   600 N N   . LYS A 1 91  ? 3.814   -3.952  -16.467 1.00 45.80  ? 73  LYS A N   1 
ATOM   601 C CA  . LYS A 1 91  ? 5.134   -4.469  -16.825 1.00 47.59  ? 73  LYS A CA  1 
ATOM   602 C C   . LYS A 1 91  ? 6.192   -4.261  -15.727 1.00 45.03  ? 73  LYS A C   1 
ATOM   603 O O   . LYS A 1 91  ? 7.237   -4.902  -15.763 1.00 44.82  ? 73  LYS A O   1 
ATOM   604 C CB  . LYS A 1 91  ? 5.647   -3.815  -18.140 1.00 53.03  ? 73  LYS A CB  1 
ATOM   605 C CG  . LYS A 1 91  ? 5.428   -4.654  -19.391 1.00 57.12  ? 73  LYS A CG  1 
ATOM   606 N N   . ARG A 1 92  ? 5.952   -3.369  -14.768 1.00 45.69  ? 74  ARG A N   1 
ATOM   607 C CA  . ARG A 1 92  ? 6.974   -3.095  -13.729 1.00 47.54  ? 74  ARG A CA  1 
ATOM   608 C C   . ARG A 1 92  ? 7.341   -4.373  -13.005 1.00 43.85  ? 74  ARG A C   1 
ATOM   609 O O   . ARG A 1 92  ? 6.466   -5.178  -12.672 1.00 38.64  ? 74  ARG A O   1 
ATOM   610 C CB  . ARG A 1 92  ? 6.500   -2.095  -12.667 1.00 50.01  ? 74  ARG A CB  1 
ATOM   611 C CG  . ARG A 1 92  ? 5.995   -0.748  -13.135 1.00 56.33  ? 74  ARG A CG  1 
ATOM   612 C CD  . ARG A 1 92  ? 6.821   -0.115  -14.212 1.00 64.00  ? 74  ARG A CD  1 
ATOM   613 N NE  . ARG A 1 92  ? 8.010   0.524   -13.686 1.00 62.68  ? 74  ARG A NE  1 
ATOM   614 C CZ  . ARG A 1 92  ? 8.122   1.817   -13.396 1.00 61.69  ? 74  ARG A CZ  1 
ATOM   615 N NH1 . ARG A 1 92  ? 9.287   2.259   -12.964 1.00 58.09  ? 74  ARG A NH1 1 
ATOM   616 N NH2 . ARG A 1 92  ? 7.089   2.668   -13.541 1.00 63.96  ? 74  ARG A NH2 1 
ATOM   617 N N   . LYS A 1 93  ? 8.626   -4.537  -12.724 1.00 44.58  ? 75  LYS A N   1 
ATOM   618 C CA  . LYS A 1 93  ? 9.095   -5.758  -12.087 1.00 44.99  ? 75  LYS A CA  1 
ATOM   619 C C   . LYS A 1 93  ? 8.457   -5.920  -10.715 1.00 40.88  ? 75  LYS A C   1 
ATOM   620 O O   . LYS A 1 93  ? 8.362   -4.942  -9.931  1.00 38.69  ? 75  LYS A O   1 
ATOM   621 C CB  . LYS A 1 93  ? 10.632  -5.761  -11.981 1.00 50.36  ? 75  LYS A CB  1 
ATOM   622 C CG  . LYS A 1 93  ? 11.305  -6.122  -13.283 1.00 54.07  ? 75  LYS A CG  1 
ATOM   623 N N   . GLY A 1 94  ? 7.959   -7.136  -10.464 1.00 36.34  ? 76  GLY A N   1 
ATOM   624 C CA  . GLY A 1 94  ? 7.342   -7.502  -9.197  1.00 36.01  ? 76  GLY A CA  1 
ATOM   625 C C   . GLY A 1 94  ? 5.859   -7.162  -9.120  1.00 35.51  ? 76  GLY A C   1 
ATOM   626 O O   . GLY A 1 94  ? 5.174   -7.571  -8.192  1.00 34.19  ? 76  GLY A O   1 
ATOM   627 N N   . PHE A 1 95  ? 5.341   -6.426  -10.091 1.00 35.31  ? 77  PHE A N   1 
ATOM   628 C CA  . PHE A 1 95  ? 3.972   -5.904  -9.964  1.00 33.05  ? 77  PHE A CA  1 
ATOM   629 C C   . PHE A 1 95  ? 2.922   -7.024  -9.987  1.00 32.30  ? 77  PHE A C   1 
ATOM   630 O O   . PHE A 1 95  ? 1.948   -7.036  -9.185  1.00 31.92  ? 77  PHE A O   1 
ATOM   631 C CB  . PHE A 1 95  ? 3.650   -4.883  -11.064 1.00 32.10  ? 77  PHE A CB  1 
ATOM   632 C CG  . PHE A 1 95  ? 2.361   -4.127  -10.810 1.00 31.83  ? 77  PHE A CG  1 
ATOM   633 C CD1 . PHE A 1 95  ? 1.131   -4.639  -11.218 1.00 33.03  ? 77  PHE A CD1 1 
ATOM   634 C CD2 . PHE A 1 95  ? 2.385   -2.910  -10.165 1.00 31.33  ? 77  PHE A CD2 1 
ATOM   635 C CE1 . PHE A 1 95  ? -0.042  -3.949  -10.959 1.00 32.52  ? 77  PHE A CE1 1 
ATOM   636 C CE2 . PHE A 1 95  ? 1.245   -2.216  -9.918  1.00 31.18  ? 77  PHE A CE2 1 
ATOM   637 C CZ  . PHE A 1 95  ? 0.013   -2.723  -10.308 1.00 32.81  ? 77  PHE A CZ  1 
ATOM   638 N N   . ASN A 1 96  ? 3.094   -7.960  -10.890 1.00 31.07  ? 78  ASN A N   1 
ATOM   639 C CA  . ASN A 1 96  ? 2.061   -8.977  -11.117 1.00 31.71  ? 78  ASN A CA  1 
ATOM   640 C C   . ASN A 1 96  ? 2.081   -10.023 -10.024 1.00 32.57  ? 78  ASN A C   1 
ATOM   641 O O   . ASN A 1 96  ? 1.036   -10.500 -9.606  1.00 31.61  ? 78  ASN A O   1 
ATOM   642 C CB  . ASN A 1 96  ? 2.204   -9.574  -12.501 1.00 32.76  ? 78  ASN A CB  1 
ATOM   643 C CG  . ASN A 1 96  ? 1.935   -8.536  -13.585 1.00 32.49  ? 78  ASN A CG  1 
ATOM   644 O OD1 . ASN A 1 96  ? 1.182   -7.576  -13.368 1.00 31.59  ? 78  ASN A OD1 1 
ATOM   645 N ND2 . ASN A 1 96  ? 2.526   -8.723  -14.731 1.00 32.37  ? 78  ASN A ND2 1 
ATOM   646 N N   . GLU A 1 97  ? 3.262   -10.322 -9.515  1.00 31.37  ? 79  GLU A N   1 
ATOM   647 C CA  . GLU A 1 97  ? 3.384   -11.126 -8.325  1.00 34.25  ? 79  GLU A CA  1 
ATOM   648 C C   . GLU A 1 97  ? 2.729   -10.446 -7.148  1.00 33.69  ? 79  GLU A C   1 
ATOM   649 O O   . GLU A 1 97  ? 2.129   -11.119 -6.331  1.00 34.28  ? 79  GLU A O   1 
ATOM   650 C CB  . GLU A 1 97  ? 4.862   -11.411 -8.021  1.00 35.56  ? 79  GLU A CB  1 
ATOM   651 C CG  . GLU A 1 97  ? 5.110   -12.064 -6.700  1.00 38.92  ? 79  GLU A CG  1 
ATOM   652 C CD  . GLU A 1 97  ? 6.510   -12.608 -6.590  1.00 47.14  ? 79  GLU A CD  1 
ATOM   653 O OE1 . GLU A 1 97  ? 7.354   -12.372 -7.490  1.00 50.94  ? 79  GLU A OE1 1 
ATOM   654 O OE2 . GLU A 1 97  ? 6.738   -13.351 -5.641  1.00 50.63  ? 79  GLU A OE2 1 
ATOM   655 N N   . GLY A 1 98  ? 2.836   -9.119  -7.081  1.00 33.17  ? 80  GLY A N   1 
ATOM   656 C CA  . GLY A 1 98  ? 2.181   -8.322  -6.043  1.00 30.99  ? 80  GLY A CA  1 
ATOM   657 C C   . GLY A 1 98  ? 0.680   -8.420  -6.079  1.00 33.42  ? 80  GLY A C   1 
ATOM   658 O O   . GLY A 1 98  ? 0.025   -8.565  -5.032  1.00 32.95  ? 80  GLY A O   1 
ATOM   659 N N   . LEU A 1 99  ? 0.113   -8.304  -7.282  1.00 33.81  ? 81  LEU A N   1 
ATOM   660 C CA  . LEU A 1 99  ? -1.311  -8.582  -7.497  1.00 34.29  ? 81  LEU A CA  1 
ATOM   661 C C   . LEU A 1 99  ? -1.713  -9.989  -7.012  1.00 34.96  ? 81  LEU A C   1 
ATOM   662 O O   . LEU A 1 99  ? -2.781  -10.163 -6.463  1.00 38.59  ? 81  LEU A O   1 
ATOM   663 C CB  . LEU A 1 99  ? -1.710  -8.423  -8.975  1.00 36.46  ? 81  LEU A CB  1 
ATOM   664 C CG  . LEU A 1 99  ? -1.584  -7.056  -9.654  1.00 36.08  ? 81  LEU A CG  1 
ATOM   665 C CD1 . LEU A 1 99  ? -1.917  -7.132  -11.146 1.00 37.54  ? 81  LEU A CD1 1 
ATOM   666 C CD2 . LEU A 1 99  ? -2.475  -6.042  -8.970  1.00 35.07  ? 81  LEU A CD2 1 
ATOM   667 N N   . TRP A 1 100 ? -0.869  -10.990 -7.214  1.00 35.65  ? 82  TRP A N   1 
ATOM   668 C CA  . TRP A 1 100 ? -1.174  -12.328 -6.698  1.00 35.65  ? 82  TRP A CA  1 
ATOM   669 C C   . TRP A 1 100 ? -1.182  -12.337 -5.171  1.00 36.94  ? 82  TRP A C   1 
ATOM   670 O O   . TRP A 1 100 ? -2.084  -12.896 -4.535  1.00 37.80  ? 82  TRP A O   1 
ATOM   671 C CB  . TRP A 1 100 ? -0.192  -13.366 -7.253  1.00 36.66  ? 82  TRP A CB  1 
ATOM   672 C CG  . TRP A 1 100 ? -0.526  -14.760 -6.776  1.00 37.63  ? 82  TRP A CG  1 
ATOM   673 C CD1 . TRP A 1 100 ? -1.424  -15.644 -7.349  1.00 38.89  ? 82  TRP A CD1 1 
ATOM   674 C CD2 . TRP A 1 100 ? -0.020  -15.440 -5.576  1.00 39.31  ? 82  TRP A CD2 1 
ATOM   675 N NE1 . TRP A 1 100 ? -1.514  -16.778 -6.612  1.00 42.62  ? 82  TRP A NE1 1 
ATOM   676 C CE2 . TRP A 1 100 ? -0.703  -16.712 -5.517  1.00 42.83  ? 82  TRP A CE2 1 
ATOM   677 C CE3 . TRP A 1 100 ? 0.881   -15.103 -4.550  1.00 40.94  ? 82  TRP A CE3 1 
ATOM   678 C CZ2 . TRP A 1 100 ? -0.461  -17.642 -4.489  1.00 46.86  ? 82  TRP A CZ2 1 
ATOM   679 C CZ3 . TRP A 1 100 ? 1.112   -16.036 -3.525  1.00 43.37  ? 82  TRP A CZ3 1 
ATOM   680 C CH2 . TRP A 1 100 ? 0.470   -17.277 -3.502  1.00 45.45  ? 82  TRP A CH2 1 
ATOM   681 N N   . GLU A 1 101 ? -0.168  -11.713 -4.571  1.00 36.45  ? 83  GLU A N   1 
ATOM   682 C CA  . GLU A 1 101 ? -0.014  -11.712 -3.116  1.00 36.78  ? 83  GLU A CA  1 
ATOM   683 C C   . GLU A 1 101 ? -1.158  -11.041 -2.406  1.00 35.96  ? 83  GLU A C   1 
ATOM   684 O O   . GLU A 1 101 ? -1.708  -11.571 -1.412  1.00 38.14  ? 83  GLU A O   1 
ATOM   685 C CB  . GLU A 1 101 ? 1.299   -11.040 -2.719  1.00 35.67  ? 83  GLU A CB  1 
ATOM   686 C CG  . GLU A 1 101 ? 2.521   -11.915 -3.026  1.00 36.54  ? 83  GLU A CG  1 
ATOM   687 C CD  . GLU A 1 101 ? 3.814   -11.271 -2.545  1.00 39.14  ? 83  GLU A CD  1 
ATOM   688 O OE1 . GLU A 1 101 ? 3.845   -10.037 -2.352  1.00 38.46  ? 83  GLU A OE1 1 
ATOM   689 O OE2 . GLU A 1 101 ? 4.801   -11.991 -2.348  1.00 39.24  ? 83  GLU A OE2 1 
ATOM   690 N N   . ILE A 1 102 ? -1.527  -9.889  -2.894  1.00 31.32  ? 84  ILE A N   1 
ATOM   691 C CA  . ILE A 1 102 ? -2.549  -9.134  -2.209  1.00 33.87  ? 84  ILE A CA  1 
ATOM   692 C C   . ILE A 1 102 ? -3.872  -9.910  -2.156  1.00 36.98  ? 84  ILE A C   1 
ATOM   693 O O   . ILE A 1 102 ? -4.609  -9.749  -1.192  1.00 38.54  ? 84  ILE A O   1 
ATOM   694 C CB  . ILE A 1 102 ? -2.738  -7.738  -2.789  1.00 31.63  ? 84  ILE A CB  1 
ATOM   695 C CG1 . ILE A 1 102 ? -3.599  -6.858  -1.863  1.00 32.43  ? 84  ILE A CG1 1 
ATOM   696 C CG2 . ILE A 1 102 ? -3.366  -7.790  -4.163  1.00 33.28  ? 84  ILE A CG2 1 
ATOM   697 C CD1 . ILE A 1 102 ? -3.357  -5.371  -2.081  1.00 32.06  ? 84  ILE A CD1 1 
ATOM   698 N N   . ASP A 1 103 ? -4.163  -10.749 -3.155  1.00 41.09  ? 85  ASP A N   1 
ATOM   699 C CA  . ASP A 1 103 ? -5.391  -11.585 -3.118  1.00 45.26  ? 85  ASP A CA  1 
ATOM   700 C C   . ASP A 1 103 ? -5.215  -12.955 -2.508  1.00 46.14  ? 85  ASP A C   1 
ATOM   701 O O   . ASP A 1 103 ? -6.168  -13.536 -1.993  1.00 49.86  ? 85  ASP A O   1 
ATOM   702 C CB  . ASP A 1 103 ? -5.950  -11.800 -4.531  1.00 51.15  ? 85  ASP A CB  1 
ATOM   703 C CG  . ASP A 1 103 ? -6.651  -10.573 -5.072  1.00 54.27  ? 85  ASP A CG  1 
ATOM   704 O OD1 . ASP A 1 103 ? -7.168  -9.737  -4.272  1.00 58.10  ? 85  ASP A OD1 1 
ATOM   705 O OD2 . ASP A 1 103 ? -6.673  -10.429 -6.301  1.00 51.20  ? 85  ASP A OD2 1 
ATOM   706 N N   . ASN A 1 104 ? -4.019  -13.508 -2.601  1.00 45.38  ? 86  ASN A N   1 
ATOM   707 C CA  . ASN A 1 104 ? -3.810  -14.901 -2.203  1.00 46.50  ? 86  ASN A CA  1 
ATOM   708 C C   . ASN A 1 104 ? -2.837  -15.099 -1.024  1.00 48.35  ? 86  ASN A C   1 
ATOM   709 O O   . ASN A 1 104 ? -2.833  -16.155 -0.438  1.00 49.96  ? 86  ASN A O   1 
ATOM   710 C CB  . ASN A 1 104 ? -3.311  -15.690 -3.402  1.00 47.70  ? 86  ASN A CB  1 
ATOM   711 C CG  . ASN A 1 104 ? -4.266  -15.632 -4.568  1.00 44.64  ? 86  ASN A CG  1 
ATOM   712 O OD1 . ASN A 1 104 ? -5.218  -16.385 -4.624  1.00 46.02  ? 86  ASN A OD1 1 
ATOM   713 N ND2 . ASN A 1 104 ? -4.018  -14.733 -5.490  1.00 40.08  ? 86  ASN A ND2 1 
ATOM   714 N N   . ASN A 1 105 ? -1.992  -14.104 -0.699  1.00 45.18  ? 87  ASN A N   1 
ATOM   715 C CA  . ASN A 1 105 ? -1.024  -14.256 0.420   1.00 45.80  ? 87  ASN A CA  1 
ATOM   716 C C   . ASN A 1 105 ? -0.759  -12.915 1.087   1.00 44.79  ? 87  ASN A C   1 
ATOM   717 O O   . ASN A 1 105 ? 0.378   -12.458 1.184   1.00 45.12  ? 87  ASN A O   1 
ATOM   718 C CB  . ASN A 1 105 ? 0.276   -14.909 -0.070  1.00 46.47  ? 87  ASN A CB  1 
ATOM   719 C CG  . ASN A 1 105 ? 1.125   -15.476 1.068   1.00 50.38  ? 87  ASN A CG  1 
ATOM   720 O OD1 . ASN A 1 105 ? 0.657   -15.665 2.190   1.00 54.63  ? 87  ASN A OD1 1 
ATOM   721 N ND2 . ASN A 1 105 ? 2.373   -15.752 0.772   1.00 49.75  ? 87  ASN A ND2 1 
ATOM   722 N N   . PRO A 1 106 ? -1.835  -12.271 1.529   1.00 44.64  ? 88  PRO A N   1 
ATOM   723 C CA  . PRO A 1 106 ? -1.758  -10.898 1.982   1.00 44.43  ? 88  PRO A CA  1 
ATOM   724 C C   . PRO A 1 106 ? -0.950  -10.688 3.287   1.00 48.48  ? 88  PRO A C   1 
ATOM   725 O O   . PRO A 1 106 ? -0.637  -9.526  3.619   1.00 47.10  ? 88  PRO A O   1 
ATOM   726 C CB  . PRO A 1 106 ? -3.225  -10.499 2.145   1.00 43.93  ? 88  PRO A CB  1 
ATOM   727 C CG  . PRO A 1 106 ? -3.962  -11.782 2.361   1.00 47.16  ? 88  PRO A CG  1 
ATOM   728 C CD  . PRO A 1 106 ? -3.219  -12.787 1.543   1.00 46.46  ? 88  PRO A CD  1 
ATOM   729 N N   . LYS A 1 107 ? -0.559  -11.781 3.948   1.00 50.30  ? 89  LYS A N   1 
ATOM   730 C CA  . LYS A 1 107 ? 0.195   -11.733 5.207   1.00 56.26  ? 89  LYS A CA  1 
ATOM   731 C C   . LYS A 1 107 ? 1.639   -12.171 5.025   1.00 57.68  ? 89  LYS A C   1 
ATOM   732 O O   . LYS A 1 107 ? 2.333   -12.376 6.006   1.00 61.51  ? 89  LYS A O   1 
ATOM   733 C CB  . LYS A 1 107 ? -0.473  -12.608 6.287   1.00 58.98  ? 89  LYS A CB  1 
ATOM   734 C CG  . LYS A 1 107 ? -1.763  -12.040 6.868   1.00 61.37  ? 89  LYS A CG  1 
ATOM   735 C CD  . LYS A 1 107 ? -2.437  -13.029 7.813   1.00 66.65  ? 89  LYS A CD  1 
ATOM   736 C CE  . LYS A 1 107 ? -3.454  -12.335 8.724   1.00 69.90  ? 89  LYS A CE  1 
ATOM   737 N N   . VAL A 1 108 ? 2.090   -12.313 3.777   1.00 55.61  ? 90  VAL A N   1 
ATOM   738 C CA  . VAL A 1 108 ? 3.495   -12.620 3.503   1.00 58.90  ? 90  VAL A CA  1 
ATOM   739 C C   . VAL A 1 108 ? 4.426   -11.566 4.154   1.00 65.63  ? 90  VAL A C   1 
ATOM   740 O O   . VAL A 1 108 ? 4.100   -10.381 4.176   1.00 55.60  ? 90  VAL A O   1 
ATOM   741 C CB  . VAL A 1 108 ? 3.751   -12.709 1.981   1.00 55.27  ? 90  VAL A CB  1 
ATOM   742 C CG1 . VAL A 1 108 ? 3.562   -11.367 1.300   1.00 50.60  ? 90  VAL A CG1 1 
ATOM   743 C CG2 . VAL A 1 108 ? 5.127   -13.282 1.690   1.00 55.54  ? 90  VAL A CG2 1 
ATOM   744 N N   . LYS A 1 109 ? 5.566   -12.010 4.696   1.00 77.04  ? 91  LYS A N   1 
ATOM   745 C CA  . LYS A 1 109 ? 6.547   -11.102 5.336   1.00 79.17  ? 91  LYS A CA  1 
ATOM   746 C C   . LYS A 1 109 ? 7.917   -11.406 4.765   1.00 79.58  ? 91  LYS A C   1 
ATOM   747 O O   . LYS A 1 109 ? 8.149   -11.158 3.603   1.00 76.59  ? 91  LYS A O   1 
ATOM   748 C CB  . LYS A 1 109 ? 6.608   -11.284 6.860   1.00 81.84  ? 91  LYS A CB  1 
ATOM   749 C CG  . LYS A 1 109 ? 5.283   -11.476 7.577   1.00 83.21  ? 91  LYS A CG  1 
ATOM   750 C CD  . LYS A 1 109 ? 4.421   -10.227 7.592   1.00 76.79  ? 91  LYS A CD  1 
ATOM   751 C CE  . LYS A 1 109 ? 3.320   -10.352 8.637   1.00 81.16  ? 91  LYS A CE  1 
ATOM   752 N NZ  . LYS A 1 109 ? 2.098   -9.612  8.216   1.00 77.04  ? 91  LYS A NZ  1 
HETATM 753 S S   . SO4 B 2 .   ? 11.219  -1.864  -13.367 0.80 68.00  ? 201 SO4 A S   1 
HETATM 754 O O1  . SO4 B 2 .   ? 11.838  -0.698  -14.015 0.80 66.85  ? 201 SO4 A O1  1 
HETATM 755 O O2  . SO4 B 2 .   ? 10.447  -2.582  -14.395 0.80 60.05  ? 201 SO4 A O2  1 
HETATM 756 O O3  . SO4 B 2 .   ? 12.273  -2.745  -12.843 0.80 70.17  ? 201 SO4 A O3  1 
HETATM 757 O O4  . SO4 B 2 .   ? 10.383  -1.401  -12.222 0.80 71.61  ? 201 SO4 A O4  1 
HETATM 758 S S   . SO4 C 2 .   ? 3.725   9.645   -12.108 0.80 76.78  ? 202 SO4 A S   1 
HETATM 759 O O1  . SO4 C 2 .   ? 2.901   8.401   -12.053 0.80 67.18  ? 202 SO4 A O1  1 
HETATM 760 O O2  . SO4 C 2 .   ? 3.073   10.545  -13.077 0.80 77.30  ? 202 SO4 A O2  1 
HETATM 761 O O3  . SO4 C 2 .   ? 3.874   10.345  -10.801 0.80 66.02  ? 202 SO4 A O3  1 
HETATM 762 O O4  . SO4 C 2 .   ? 5.076   9.322   -12.603 0.80 89.56  ? 202 SO4 A O4  1 
HETATM 763 S S   . SO4 D 2 .   ? 12.441  -11.024 -0.410  0.60 79.95  ? 203 SO4 A S   1 
HETATM 764 O O1  . SO4 D 2 .   ? 12.650  -9.581  -0.704  0.60 62.80  ? 203 SO4 A O1  1 
HETATM 765 O O2  . SO4 D 2 .   ? 11.852  -11.699 -1.585  0.60 73.64  ? 203 SO4 A O2  1 
HETATM 766 O O3  . SO4 D 2 .   ? 13.742  -11.649 -0.097  0.60 72.55  ? 203 SO4 A O3  1 
HETATM 767 O O4  . SO4 D 2 .   ? 11.532  -11.190 0.748   0.60 66.73  ? 203 SO4 A O4  1 
HETATM 768 C C1  . GOL E 3 .   ? 7.441   -1.074  -4.973  1.00 41.49  ? 204 GOL A C1  1 
HETATM 769 O O1  . GOL E 3 .   ? 8.636   -1.602  -4.395  1.00 48.39  ? 204 GOL A O1  1 
HETATM 770 C C2  . GOL E 3 .   ? 7.694   0.357   -5.420  1.00 50.35  ? 204 GOL A C2  1 
HETATM 771 O O2  . GOL E 3 .   ? 8.415   0.208   -6.652  1.00 59.51  ? 204 GOL A O2  1 
HETATM 772 C C3  . GOL E 3 .   ? 6.330   1.051   -5.521  1.00 48.49  ? 204 GOL A C3  1 
HETATM 773 O O3  . GOL E 3 .   ? 6.320   2.386   -6.033  1.00 46.39  ? 204 GOL A O3  1 
HETATM 774 X UNK . UNX F 4 .   ? -13.349 12.022  5.451   1.00 33.68  ? 205 UNX A UNK 1 
HETATM 775 X UNK . UNX G 4 .   ? 12.823  0.655   -5.424  1.00 40.76  ? 206 UNX A UNK 1 
HETATM 776 X UNK . UNX H 4 .   ? 6.000   -9.848  -11.896 1.00 27.01  ? 207 UNX A UNK 1 
HETATM 777 X UNK . UNX I 4 .   ? 15.605  1.402   -8.899  1.00 65.70  ? 208 UNX A UNK 1 
HETATM 778 X UNK . UNX J 4 .   ? -1.464  -14.670 3.761   1.00 45.29  ? 209 UNX A UNK 1 
HETATM 779 O O   . HOH K 5 .   ? 3.546   3.408   -6.475  1.00 35.32  ? 301 HOH A O   1 
HETATM 780 O O   . HOH K 5 .   ? -0.885  -12.180 -10.567 0.50 32.90  ? 302 HOH A O   1 
HETATM 781 O O   . HOH K 5 .   ? -3.290  -12.709 -9.399  0.50 39.77  ? 303 HOH A O   1 
HETATM 782 O O   . HOH K 5 .   ? -2.078  0.112   -10.829 1.00 38.76  ? 304 HOH A O   1 
HETATM 783 O O   . HOH K 5 .   ? -1.543  -1.485  -13.241 1.00 39.76  ? 305 HOH A O   1 
HETATM 784 O O   . HOH K 5 .   ? -4.663  11.546  -2.643  1.00 43.86  ? 306 HOH A O   1 
HETATM 785 O O   . HOH K 5 .   ? 11.296  3.858   1.655   1.00 36.12  ? 307 HOH A O   1 
HETATM 786 O O   . HOH K 5 .   ? 12.342  -2.647  2.941   1.00 39.89  ? 308 HOH A O   1 
HETATM 787 O O   . HOH K 5 .   ? -8.104  -4.626  3.929   1.00 45.43  ? 309 HOH A O   1 
HETATM 788 O O   . HOH K 5 .   ? -10.196 -2.240  1.028   1.00 47.97  ? 310 HOH A O   1 
HETATM 789 O O   . HOH K 5 .   ? -1.414  3.967   -11.672 1.00 54.71  ? 311 HOH A O   1 
HETATM 790 O O   . HOH K 5 .   ? -6.009  7.615   -10.539 1.00 56.75  ? 312 HOH A O   1 
HETATM 791 O O   . HOH K 5 .   ? -0.766  12.748  3.159   1.00 37.95  ? 313 HOH A O   1 
HETATM 792 O O   . HOH K 5 .   ? 6.078   -6.400  6.772   1.00 42.42  ? 314 HOH A O   1 
HETATM 793 O O   . HOH K 5 .   ? -4.021  -8.508  5.791   1.00 52.31  ? 315 HOH A O   1 
HETATM 794 O O   . HOH K 5 .   ? 0.574   1.246   11.716  1.00 47.19  ? 316 HOH A O   1 
HETATM 795 O O   . HOH K 5 .   ? -4.715  8.749   -7.775  1.00 60.90  ? 317 HOH A O   1 
HETATM 796 O O   . HOH K 5 .   ? 9.741   -2.503  -9.813  1.00 54.70  ? 318 HOH A O   1 
HETATM 797 O O   . HOH K 5 .   ? 10.604  -1.158  -7.242  1.00 52.62  ? 319 HOH A O   1 
HETATM 798 O O   . HOH K 5 .   ? -12.277 10.827  14.749  1.00 48.64  ? 320 HOH A O   1 
HETATM 799 O O   . HOH K 5 .   ? -6.774  -7.255  -9.543  1.00 52.79  ? 321 HOH A O   1 
HETATM 800 O O   . HOH K 5 .   ? 4.640   8.982   -2.370  1.00 54.96  ? 322 HOH A O   1 
HETATM 801 O O   . HOH K 5 .   ? 7.789   -14.409 -9.409  1.00 45.51  ? 323 HOH A O   1 
HETATM 802 O O   . HOH K 5 .   ? -8.352  -1.134  2.764   1.00 51.07  ? 324 HOH A O   1 
HETATM 803 O O   . HOH K 5 .   ? 2.456   -1.962  -18.347 1.00 51.70  ? 325 HOH A O   1 
HETATM 804 O O   . HOH K 5 .   ? -6.702  -4.391  8.853   1.00 57.47  ? 326 HOH A O   1 
HETATM 805 O O   . HOH K 5 .   ? -1.534  12.323  11.839  1.00 58.02  ? 327 HOH A O   1 
HETATM 806 O O   . HOH K 5 .   ? 4.860   12.977  9.230   1.00 63.74  ? 328 HOH A O   1 
HETATM 807 O O   . HOH K 5 .   ? 3.217   10.396  1.328   1.00 43.45  ? 329 HOH A O   1 
HETATM 808 O O   . HOH K 5 .   ? -2.119  14.982  3.730   1.00 45.58  ? 330 HOH A O   1 
# 
loop_
_atom_site_anisotrop.id 
_atom_site_anisotrop.type_symbol 
_atom_site_anisotrop.pdbx_label_atom_id 
_atom_site_anisotrop.pdbx_label_alt_id 
_atom_site_anisotrop.pdbx_label_comp_id 
_atom_site_anisotrop.pdbx_label_asym_id 
_atom_site_anisotrop.pdbx_label_seq_id 
_atom_site_anisotrop.pdbx_PDB_ins_code 
_atom_site_anisotrop.U[1][1] 
_atom_site_anisotrop.U[2][2] 
_atom_site_anisotrop.U[3][3] 
_atom_site_anisotrop.U[1][2] 
_atom_site_anisotrop.U[1][3] 
_atom_site_anisotrop.U[2][3] 
_atom_site_anisotrop.pdbx_auth_seq_id 
_atom_site_anisotrop.pdbx_auth_comp_id 
_atom_site_anisotrop.pdbx_auth_asym_id 
_atom_site_anisotrop.pdbx_auth_atom_id 
1   N N   . ASN A 13  ? 0.3712 0.4787 0.6881 0.1544  -0.0709 -0.1938 -5 ASN A N   
2   C CA  . ASN A 13  ? 0.4047 0.4577 0.6998 0.1717  -0.0910 -0.1845 -5 ASN A CA  
3   C C   . ASN A 13  ? 0.4403 0.4814 0.7516 0.1962  -0.1005 -0.2037 -5 ASN A C   
4   O O   . ASN A 13  ? 0.3984 0.4846 0.7466 0.2018  -0.0928 -0.2277 -5 ASN A O   
5   C CB  . ASN A 13  ? 0.4542 0.5027 0.7397 0.1822  -0.1098 -0.1745 -5 ASN A CB  
6   C CG  . ASN A 13  ? 0.4642 0.5713 0.7977 0.1983  -0.1205 -0.1984 -5 ASN A CG  
7   O OD1 . ASN A 13  ? 0.4660 0.6268 0.8352 0.1847  -0.1012 -0.2145 -5 ASN A OD1 
8   N ND2 . ASN A 13  ? 0.4968 0.5919 0.8296 0.2277  -0.1509 -0.2030 -5 ASN A ND2 
9   N N   . LEU A 14  ? 0.5164 0.4897 0.7949 0.2097  -0.1140 -0.1937 -4 LEU A N   
10  C CA  . LEU A 14  ? 0.5635 0.5046 0.8459 0.2338  -0.1228 -0.2091 -4 LEU A CA  
11  C C   . LEU A 14  ? 0.5436 0.5328 0.8742 0.2669  -0.1391 -0.2369 -4 LEU A C   
12  O O   . LEU A 14  ? 0.5347 0.5413 0.8754 0.2870  -0.1609 -0.2382 -4 LEU A O   
13  C CB  . LEU A 14  ? 0.6892 0.5333 0.9141 0.2456  -0.1360 -0.1891 -4 LEU A CB  
14  C CG  . LEU A 14  ? 0.7427 0.5266 0.9285 0.2136  -0.1140 -0.1738 -4 LEU A CG  
15  C CD1 . LEU A 14  ? 0.8520 0.5279 0.9779 0.2292  -0.1228 -0.1596 -4 LEU A CD1 
16  C CD2 . LEU A 14  ? 0.7344 0.5426 0.9497 0.1969  -0.0960 -0.1951 -4 LEU A CD2 
17  N N   . TYR A 15  ? 0.4985 0.5124 0.8613 0.2723  -0.1280 -0.2633 -3 TYR A N   
18  C CA  . TYR A 15  ? 0.4697 0.5366 0.8892 0.3017  -0.1360 -0.2984 -3 TYR A CA  
19  C C   . TYR A 15  ? 0.4185 0.5776 0.8907 0.2895  -0.1229 -0.3163 -3 TYR A C   
20  O O   . TYR A 15  ? 0.3967 0.6084 0.9094 0.2847  -0.1009 -0.3449 -3 TYR A O   
21  C CB  . TYR A 15  ? 0.5234 0.5477 0.9374 0.3483  -0.1735 -0.3022 -3 TYR A CB  
22  C CG  . TYR A 15  ? 0.5964 0.5147 0.9494 0.3569  -0.1801 -0.2841 -3 TYR A CG  
23  C CD1 . TYR A 15  ? 0.6200 0.5152 0.9787 0.3605  -0.1681 -0.3023 -3 TYR A CD1 
24  C CD2 . TYR A 15  ? 0.6487 0.4849 0.9341 0.3577  -0.1940 -0.2502 -3 TYR A CD2 
25  C CE1 . TYR A 15  ? 0.7010 0.4947 1.0052 0.3638  -0.1705 -0.2884 -3 TYR A CE1 
26  C CE2 . TYR A 15  ? 0.7141 0.4442 0.9392 0.3594  -0.1924 -0.2344 -3 TYR A CE2 
27  C CZ  . TYR A 15  ? 0.7399 0.4502 0.9770 0.3603  -0.1801 -0.2534 -3 TYR A CZ  
28  O OH  . TYR A 15  ? 0.8399 0.4400 1.0192 0.3596  -0.1760 -0.2414 -3 TYR A OH  
29  N N   . PHE A 16  ? 0.4115 0.5855 0.8804 0.2831  -0.1335 -0.3019 -2 PHE A N   
30  C CA  . PHE A 16  ? 0.3870 0.6394 0.9025 0.2652  -0.1182 -0.3185 -2 PHE A CA  
31  C C   . PHE A 16  ? 0.3520 0.6247 0.8585 0.2263  -0.0764 -0.3157 -2 PHE A C   
32  O O   . PHE A 16  ? 0.3609 0.6868 0.9075 0.2178  -0.0518 -0.3437 -2 PHE A O   
33  C CB  . PHE A 16  ? 0.3857 0.6356 0.8854 0.2614  -0.1375 -0.2994 -2 PHE A CB  
34  C CG  . PHE A 16  ? 0.4218 0.6634 0.9314 0.3041  -0.1816 -0.3093 -2 PHE A CG  
35  C CD1 . PHE A 16  ? 0.4199 0.7373 1.0051 0.3261  -0.1964 -0.3509 -2 PHE A CD1 
36  C CD2 . PHE A 16  ? 0.4811 0.6362 0.9237 0.3246  -0.2080 -0.2809 -2 PHE A CD2 
37  C CE1 . PHE A 16  ? 0.4785 0.7898 1.0726 0.3740  -0.2449 -0.3643 -2 PHE A CE1 
38  C CE2 . PHE A 16  ? 0.5309 0.6645 0.9669 0.3709  -0.2529 -0.2886 -2 PHE A CE2 
39  C CZ  . PHE A 16  ? 0.5579 0.7717 1.0703 0.3991  -0.2755 -0.3309 -2 PHE A CZ  
40  N N   . GLN A 17  ? 0.3629 0.5889 0.8137 0.2054  -0.0690 -0.2843 -1 GLN A N   
41  C CA  . GLN A 17  ? 0.3701 0.6004 0.7951 0.1750  -0.0380 -0.2769 -1 GLN A CA  
42  C C   . GLN A 17  ? 0.3498 0.5277 0.7305 0.1709  -0.0412 -0.2600 -1 GLN A C   
43  O O   . GLN A 17  ? 0.3460 0.5020 0.6938 0.1544  -0.0402 -0.2367 -1 GLN A O   
44  C CB  . GLN A 17  ? 0.4031 0.6404 0.8115 0.1520  -0.0300 -0.2573 -1 GLN A CB  
45  C CG  . GLN A 17  ? 0.4876 0.7769 0.9402 0.1471  -0.0233 -0.2753 -1 GLN A CG  
46  C CD  . GLN A 17  ? 0.5782 0.8938 1.0319 0.1216  0.0162  -0.2875 -1 GLN A CD  
47  O OE1 . GLN A 17  ? 0.6376 0.9784 1.1146 0.1237  0.0351  -0.3139 -1 GLN A OE1 
48  N NE2 . GLN A 17  ? 0.6085 0.9095 1.0284 0.0976  0.0315  -0.2680 -1 GLN A NE2 
49  N N   . GLY A 18  ? 0.3552 0.5154 0.7409 0.1864  -0.0453 -0.2758 0  GLY A N   
50  C CA  . GLY A 18  ? 0.3917 0.4986 0.7451 0.1836  -0.0519 -0.2658 0  GLY A CA  
51  C C   . GLY A 18  ? 0.3891 0.4980 0.7257 0.1707  -0.0361 -0.2779 0  GLY A C   
52  O O   . GLY A 18  ? 0.3850 0.4568 0.7074 0.1696  -0.0413 -0.2813 0  GLY A O   
53  N N   . MET A 19  ? 0.3831 0.5299 0.7166 0.1610  -0.0163 -0.2866 1  MET A N   
54  C CA  . MET A 19  ? 0.4055 0.5512 0.7078 0.1518  -0.0037 -0.2972 1  MET A CA  
55  C C   . MET A 19  ? 0.4157 0.5670 0.6818 0.1346  0.0044  -0.2783 1  MET A C   
56  O O   . MET A 19  ? 0.3748 0.5427 0.6453 0.1278  0.0134  -0.2666 1  MET A O   
57  C CB  . MET A 19  ? 0.4367 0.6074 0.7512 0.1593  0.0159  -0.3264 1  MET A CB  
58  C CG  . MET A 19  ? 0.4647 0.6272 0.8169 0.1821  0.0048  -0.3474 1  MET A CG  
59  S SD  . MET A 19  ? 0.5373 0.7324 0.9082 0.1915  0.0303  -0.3880 1  MET A SD  
60  C CE  . MET A 19  ? 0.5623 0.8130 0.9579 0.1783  0.0567  -0.3894 1  MET A CE  
61  N N   . THR A 20  ? 0.4071 0.5436 0.6380 0.1296  -0.0012 -0.2777 2  THR A N   
62  C CA  . THR A 20  ? 0.4234 0.5586 0.6150 0.1209  0.0010  -0.2603 2  THR A CA  
63  C C   . THR A 20  ? 0.4317 0.5742 0.5927 0.1162  0.0282  -0.2614 2  THR A C   
64  O O   . THR A 20  ? 0.4310 0.5687 0.5708 0.1081  0.0361  -0.2432 2  THR A O   
65  C CB  . THR A 20  ? 0.4497 0.5737 0.6106 0.1224  -0.0150 -0.2667 2  THR A CB  
66  O OG1 . THR A 20  ? 0.4611 0.5828 0.5993 0.1287  -0.0097 -0.2908 2  THR A OG1 
67  C CG2 . THR A 20  ? 0.4596 0.5770 0.6547 0.1187  -0.0337 -0.2688 2  THR A CG2 
68  N N   . ARG A 21  ? 0.4729 0.6237 0.6325 0.1191  0.0465  -0.2843 3  ARG A N   
69  C CA  . ARG A 21  ? 0.5314 0.6851 0.6607 0.1088  0.0810  -0.2883 3  ARG A CA  
70  C C   . ARG A 21  ? 0.5259 0.7090 0.7050 0.0982  0.0992  -0.2878 3  ARG A C   
71  O O   . ARG A 21  ? 0.5358 0.7227 0.6977 0.0830  0.1342  -0.2938 3  ARG A O   
72  C CB  . ARG A 21  ? 0.5832 0.7383 0.6941 0.1127  0.1006  -0.3168 3  ARG A CB  
73  C CG  . ARG A 21  ? 0.5756 0.7653 0.7578 0.1206  0.1074  -0.3448 3  ARG A CG  
74  C CD  . ARG A 21  ? 0.6222 0.8114 0.7747 0.1211  0.1354  -0.3738 3  ARG A CD  
75  N NE  . ARG A 21  ? 0.6317 0.8505 0.8476 0.1348  0.1391  -0.4070 3  ARG A NE  
76  C CZ  . ARG A 21  ? 0.6330 0.8417 0.8715 0.1532  0.1125  -0.4192 3  ARG A CZ  
77  N NH1 . ARG A 21  ? 0.5852 0.8158 0.8776 0.1696  0.1179  -0.4516 3  ARG A NH1 
78  N NH2 . ARG A 21  ? 0.6219 0.7980 0.8324 0.1551  0.0819  -0.4023 3  ARG A NH2 
79  N N   . ASP A 22  ? 0.4609 0.6610 0.6965 0.1050  0.0765  -0.2824 4  ASP A N   
80  C CA  . ASP A 22  ? 0.4570 0.6863 0.7382 0.0972  0.0839  -0.2822 4  ASP A CA  
81  C C   . ASP A 22  ? 0.4877 0.6976 0.7343 0.0812  0.0884  -0.2557 4  ASP A C   
82  O O   . ASP A 22  ? 0.4857 0.7154 0.7601 0.0698  0.0986  -0.2568 4  ASP A O   
83  C CB  . ASP A 22  ? 0.4223 0.6647 0.7586 0.1150  0.0523  -0.2834 4  ASP A CB  
84  C CG  . ASP A 22  ? 0.4130 0.6737 0.7911 0.1353  0.0472  -0.3125 4  ASP A CG  
85  O OD1 . ASP A 22  ? 0.4600 0.7480 0.8531 0.1321  0.0739  -0.3388 4  ASP A OD1 
86  O OD2 . ASP A 22  ? 0.4179 0.6590 0.8088 0.1546  0.0193  -0.3098 4  ASP A OD2 
87  N N   . PHE A 23  ? 0.4911 0.6643 0.6817 0.0826  0.0777  -0.2355 5  PHE A N   
88  C CA  . PHE A 23  ? 0.5079 0.6562 0.6615 0.0733  0.0784  -0.2109 5  PHE A CA  
89  C C   . PHE A 23  ? 0.5756 0.6842 0.6492 0.0721  0.0924  -0.2037 5  PHE A C   
90  O O   . PHE A 23  ? 0.6102 0.7102 0.6554 0.0820  0.0893  -0.2147 5  PHE A O   
91  C CB  . PHE A 23  ? 0.4647 0.6060 0.6288 0.0825  0.0458  -0.1945 5  PHE A CB  
92  C CG  . PHE A 23  ? 0.4530 0.6165 0.6751 0.0867  0.0303  -0.1979 5  PHE A CG  
93  C CD1 . PHE A 23  ? 0.4449 0.6190 0.6890 0.0794  0.0306  -0.1908 5  PHE A CD1 
94  C CD2 . PHE A 23  ? 0.4545 0.6215 0.7022 0.0998  0.0151  -0.2098 5  PHE A CD2 
95  C CE1 . PHE A 23  ? 0.4667 0.6551 0.7518 0.0883  0.0122  -0.1944 5  PHE A CE1 
96  C CE2 . PHE A 23  ? 0.4167 0.5889 0.7015 0.1084  -0.0012 -0.2104 5  PHE A CE2 
97  C CZ  . PHE A 23  ? 0.4382 0.6212 0.7390 0.1045  -0.0042 -0.2026 5  PHE A CZ  
98  N N   . LYS A 24  ? 0.5898 0.6679 0.6207 0.0612  0.1080  -0.1866 6  LYS A N   
99  C CA  . LYS A 24  ? 0.6342 0.6583 0.5723 0.0648  0.1184  -0.1755 6  LYS A CA  
100 C C   . LYS A 24  ? 0.6045 0.5941 0.5082 0.0706  0.1031  -0.1505 6  LYS A C   
101 O O   . LYS A 24  ? 0.5110 0.5183 0.4615 0.0633  0.0971  -0.1433 6  LYS A O   
102 C CB  . LYS A 24  ? 0.7545 0.7570 0.6525 0.0441  0.1676  -0.1844 6  LYS A CB  
103 C CG  . LYS A 24  ? 0.8597 0.8684 0.7873 0.0157  0.2009  -0.1846 6  LYS A CG  
104 C CD  . LYS A 24  ? 0.9369 0.9402 0.8477 -0.0108 0.2563  -0.2045 6  LYS A CD  
105 C CE  . LYS A 24  ? 0.9792 0.9691 0.8961 -0.0442 0.2950  -0.2034 6  LYS A CE  
106 N N   . PRO A 25  ? 0.6598 0.6001 0.4808 0.0882  0.0924  -0.1394 7  PRO A N   
107 C CA  . PRO A 25  ? 0.6791 0.5863 0.4687 0.0991  0.0764  -0.1191 7  PRO A CA  
108 C C   . PRO A 25  ? 0.7083 0.5899 0.4934 0.0746  0.1096  -0.1071 7  PRO A C   
109 O O   . PRO A 25  ? 0.7609 0.6216 0.5210 0.0516  0.1507  -0.1110 7  PRO A O   
110 C CB  . PRO A 25  ? 0.7746 0.6226 0.4602 0.1241  0.0646  -0.1122 7  PRO A CB  
111 C CG  . PRO A 25  ? 0.7941 0.6657 0.4790 0.1308  0.0582  -0.1334 7  PRO A CG  
112 C CD  . PRO A 25  ? 0.7336 0.6480 0.4863 0.1032  0.0897  -0.1482 7  PRO A CD  
113 N N   . GLY A 26  ? 0.6706 0.5588 0.4870 0.0765  0.0944  -0.0969 8  GLY A N   
114 C CA  . GLY A 26  ? 0.6942 0.5622 0.5139 0.0532  0.1210  -0.0892 8  GLY A CA  
115 C C   . GLY A 26  ? 0.6183 0.5503 0.5329 0.0335  0.1243  -0.1034 8  GLY A C   
116 O O   . GLY A 26  ? 0.6166 0.5452 0.5497 0.0204  0.1309  -0.0994 8  GLY A O   
117 N N   . ASP A 27  ? 0.5664 0.5528 0.5375 0.0346  0.1164  -0.1210 9  ASP A N   
118 C CA  . ASP A 27  ? 0.4796 0.5225 0.5349 0.0228  0.1135  -0.1357 9  ASP A CA  
119 C C   . ASP A 27  ? 0.4381 0.4888 0.5184 0.0307  0.0862  -0.1246 9  ASP A C   
120 O O   . ASP A 27  ? 0.4611 0.5035 0.5282 0.0490  0.0617  -0.1146 9  ASP A O   
121 C CB  . ASP A 27  ? 0.4410 0.5296 0.5449 0.0320  0.1016  -0.1539 9  ASP A CB  
122 C CG  . ASP A 27  ? 0.4827 0.5820 0.5866 0.0206  0.1328  -0.1741 9  ASP A CG  
123 O OD1 . ASP A 27  ? 0.5238 0.5993 0.5965 -0.0008 0.1698  -0.1762 9  ASP A OD1 
124 O OD2 . ASP A 27  ? 0.4393 0.5672 0.5727 0.0325  0.1226  -0.1892 9  ASP A OD2 
125 N N   . LEU A 28  ? 0.4005 0.4685 0.5168 0.0155  0.0919  -0.1298 10 LEU A N   
126 C CA  . LEU A 28  ? 0.3468 0.4213 0.4832 0.0204  0.0701  -0.1220 10 LEU A CA  
127 C C   . LEU A 28  ? 0.3108 0.4273 0.5000 0.0293  0.0473  -0.1322 10 LEU A C   
128 O O   . LEU A 28  ? 0.2984 0.4483 0.5265 0.0259  0.0505  -0.1506 10 LEU A O   
129 C CB  . LEU A 28  ? 0.3813 0.4461 0.5205 0.0003  0.0861  -0.1243 10 LEU A CB  
130 C CG  . LEU A 28  ? 0.4576 0.4645 0.5361 -0.0113 0.1142  -0.1139 10 LEU A CG  
131 C CD1 . LEU A 28  ? 0.4910 0.4867 0.5779 -0.0379 0.1357  -0.1218 10 LEU A CD1 
132 C CD2 . LEU A 28  ? 0.4720 0.4374 0.5002 0.0118  0.0970  -0.0928 10 LEU A CD2 
133 N N   . ILE A 29  ? 0.3198 0.4312 0.5085 0.0410  0.0255  -0.1216 11 ILE A N   
134 C CA  . ILE A 29  ? 0.3118 0.4412 0.5296 0.0514  0.0054  -0.1261 11 ILE A CA  
135 C C   . ILE A 29  ? 0.2776 0.3942 0.4894 0.0533  -0.0082 -0.1152 11 ILE A C   
136 O O   . ILE A 29  ? 0.3027 0.4029 0.4944 0.0480  -0.0027 -0.1061 11 ILE A O   
137 C CB  . ILE A 29  ? 0.2942 0.4196 0.5073 0.0628  -0.0013 -0.1268 11 ILE A CB  
138 C CG1 . ILE A 29  ? 0.3005 0.4066 0.4857 0.0658  -0.0031 -0.1163 11 ILE A CG1 
139 C CG2 . ILE A 29  ? 0.3341 0.4703 0.5484 0.0629  0.0118  -0.1397 11 ILE A CG2 
140 C CD1 . ILE A 29  ? 0.3286 0.4360 0.5192 0.0741  -0.0139 -0.1216 11 ILE A CD1 
141 N N   . PHE A 30  ? 0.2898 0.4073 0.5131 0.0622  -0.0243 -0.1166 12 PHE A N   
142 C CA  . PHE A 30  ? 0.3002 0.3936 0.5057 0.0640  -0.0325 -0.1051 12 PHE A CA  
143 C C   . PHE A 30  ? 0.3360 0.4179 0.5417 0.0689  -0.0343 -0.1047 12 PHE A C   
144 O O   . PHE A 30  ? 0.3060 0.3934 0.5254 0.0774  -0.0400 -0.1134 12 PHE A O   
145 C CB  . PHE A 30  ? 0.3380 0.4242 0.5391 0.0704  -0.0487 -0.1056 12 PHE A CB  
146 C CG  . PHE A 30  ? 0.3454 0.4434 0.5475 0.0632  -0.0491 -0.1101 12 PHE A CG  
147 C CD1 . PHE A 30  ? 0.3689 0.4477 0.5452 0.0546  -0.0427 -0.1007 12 PHE A CD1 
148 C CD2 . PHE A 30  ? 0.3532 0.4851 0.5872 0.0637  -0.0541 -0.1287 12 PHE A CD2 
149 C CE1 . PHE A 30  ? 0.3769 0.4634 0.5531 0.0468  -0.0427 -0.1076 12 PHE A CE1 
150 C CE2 . PHE A 30  ? 0.3807 0.5252 0.6207 0.0530  -0.0533 -0.1380 12 PHE A CE2 
151 C CZ  . PHE A 30  ? 0.3749 0.4933 0.5826 0.0448  -0.0485 -0.1264 12 PHE A CZ  
152 N N   . ALA A 31  ? 0.3186 0.3890 0.5149 0.0628  -0.0281 -0.0995 13 ALA A N   
153 C CA  . ALA A 31  ? 0.3446 0.4064 0.5466 0.0613  -0.0269 -0.1039 13 ALA A CA  
154 C C   . ALA A 31  ? 0.3569 0.3857 0.5428 0.0531  -0.0225 -0.0968 13 ALA A C   
155 O O   . ALA A 31  ? 0.3951 0.4173 0.5681 0.0456  -0.0149 -0.0906 13 ALA A O   
156 C CB  . ALA A 31  ? 0.3416 0.4220 0.5521 0.0598  -0.0227 -0.1109 13 ALA A CB  
157 N N   . LYS A 32  ? 0.3808 0.3824 0.5618 0.0536  -0.0239 -0.0983 14 LYS A N   
158 C CA  . LYS A 32  ? 0.4317 0.3837 0.5821 0.0447  -0.0155 -0.0896 14 LYS A CA  
159 C C   . LYS A 32  ? 0.4598 0.4028 0.6242 0.0257  0.0026  -0.1001 14 LYS A C   
160 O O   . LYS A 32  ? 0.4271 0.3782 0.6136 0.0266  -0.0002 -0.1131 14 LYS A O   
161 C CB  . LYS A 32  ? 0.4936 0.4035 0.6179 0.0608  -0.0301 -0.0835 14 LYS A CB  
162 C CG  . LYS A 32  ? 0.5695 0.4065 0.6383 0.0541  -0.0212 -0.0693 14 LYS A CG  
163 C CD  . LYS A 32  ? 0.5602 0.3903 0.5990 0.0458  -0.0134 -0.0588 14 LYS A CD  
164 C CE  . LYS A 32  ? 0.6386 0.3858 0.6019 0.0458  -0.0089 -0.0418 14 LYS A CE  
165 N NZ  . LYS A 32  ? 0.6641 0.3719 0.6107 0.0152  0.0278  -0.0415 14 LYS A NZ  
166 N N   . MET A 33  ? 0.4620 0.3901 0.6157 0.0070  0.0228  -0.0983 15 MET A N   
167 C CA  . MET A 33  ? 0.5405 0.4592 0.7119 -0.0171 0.0459  -0.1131 15 MET A CA  
168 C C   . MET A 33  ? 0.5672 0.4192 0.6886 -0.0353 0.0701  -0.1005 15 MET A C   
169 O O   . MET A 33  ? 0.5478 0.3761 0.6260 -0.0289 0.0685  -0.0834 15 MET A O   
170 C CB  . MET A 33  ? 0.5474 0.5311 0.7710 -0.0238 0.0510  -0.1337 15 MET A CB  
171 C CG  . MET A 33  ? 0.5731 0.6034 0.8260 -0.0035 0.0260  -0.1437 15 MET A CG  
172 S SD  . MET A 33  ? 0.5887 0.6862 0.8960 -0.0012 0.0200  -0.1727 15 MET A SD  
173 C CE  . MET A 33  ? 0.5070 0.6046 0.8537 -0.0312 0.0406  -0.2021 15 MET A CE  
174 N N   . LYS A 34  ? 0.6124 0.4280 0.7332 -0.0590 0.0939  -0.1103 16 LYS A N   
175 C CA  . LYS A 34  ? 0.7072 0.4387 0.7656 -0.0806 0.1244  -0.0973 16 LYS A CA  
176 C C   . LYS A 34  ? 0.7116 0.4555 0.7636 -0.0984 0.1500  -0.0984 16 LYS A C   
177 O O   . LYS A 34  ? 0.6317 0.4468 0.7486 -0.1094 0.1595  -0.1220 16 LYS A O   
178 C CB  . LYS A 34  ? 0.7805 0.4751 0.8506 -0.1109 0.1528  -0.1142 16 LYS A CB  
179 C CG  . LYS A 34  ? 0.9146 0.4958 0.9012 -0.1342 0.1881  -0.0972 16 LYS A CG  
180 N N   . GLY A 35  ? 0.7801 0.4531 0.7504 -0.0975 0.1588  -0.0745 17 GLY A N   
181 C CA  . GLY A 35  ? 0.7828 0.4564 0.7337 -0.1143 0.1862  -0.0750 17 GLY A CA  
182 C C   . GLY A 35  ? 0.7011 0.4304 0.6658 -0.0888 0.1582  -0.0710 17 GLY A C   
183 O O   . GLY A 35  ? 0.7147 0.4437 0.6601 -0.0974 0.1759  -0.0713 17 GLY A O   
184 N N   . TYR A 36  ? 0.6409 0.4149 0.6382 -0.0601 0.1185  -0.0695 18 TYR A N   
185 C CA  . TYR A 36  ? 0.5861 0.4153 0.6062 -0.0416 0.0973  -0.0704 18 TYR A CA  
186 C C   . TYR A 36  ? 0.5700 0.3884 0.5620 -0.0134 0.0609  -0.0554 18 TYR A C   
187 O O   . TYR A 36  ? 0.5748 0.3731 0.5607 -0.0015 0.0444  -0.0508 18 TYR A O   
188 C CB  . TYR A 36  ? 0.5139 0.4230 0.6148 -0.0378 0.0901  -0.0914 18 TYR A CB  
189 C CG  . TYR A 36  ? 0.5255 0.4659 0.6654 -0.0586 0.1198  -0.1132 18 TYR A CG  
190 C CD1 . TYR A 36  ? 0.5627 0.5006 0.7299 -0.0839 0.1456  -0.1311 18 TYR A CD1 
191 C CD2 . TYR A 36  ? 0.5293 0.5008 0.6811 -0.0543 0.1240  -0.1194 18 TYR A CD2 
192 C CE1 . TYR A 36  ? 0.5836 0.5605 0.7987 -0.1047 0.1750  -0.1585 18 TYR A CE1 
193 C CE2 . TYR A 36  ? 0.5452 0.5513 0.7401 -0.0701 0.1510  -0.1443 18 TYR A CE2 
194 C CZ  . TYR A 36  ? 0.5873 0.6006 0.8173 -0.0955 0.1762  -0.1652 18 TYR A CZ  
195 O OH  . TYR A 36  ? 0.6583 0.7175 0.9435 -0.1115 0.2033  -0.1967 18 TYR A OH  
196 N N   . PRO A 37  ? 0.5635 0.4000 0.5455 -0.0028 0.0484  -0.0523 19 PRO A N   
197 C CA  . PRO A 37  ? 0.5597 0.4047 0.5348 0.0212  0.0140  -0.0471 19 PRO A CA  
198 C C   . PRO A 37  ? 0.4967 0.3992 0.5341 0.0312  -0.0011 -0.0574 19 PRO A C   
199 O O   . PRO A 37  ? 0.4349 0.3742 0.5148 0.0235  0.0102  -0.0672 19 PRO A O   
200 C CB  . PRO A 37  ? 0.5775 0.4314 0.5339 0.0218  0.0123  -0.0476 19 PRO A CB  
201 C CG  . PRO A 37  ? 0.5606 0.4388 0.5449 0.0036  0.0414  -0.0570 19 PRO A CG  
202 C CD  . PRO A 37  ? 0.5870 0.4400 0.5694 -0.0138 0.0668  -0.0582 19 PRO A CD  
203 N N   . HIS A 38  ? 0.4876 0.3949 0.5271 0.0497  -0.0264 -0.0573 20 HIS A N   
204 C CA  . HIS A 38  ? 0.4199 0.3772 0.5089 0.0574  -0.0365 -0.0681 20 HIS A CA  
205 C C   . HIS A 38  ? 0.3794 0.3706 0.4877 0.0496  -0.0279 -0.0725 20 HIS A C   
206 O O   . HIS A 38  ? 0.4175 0.4053 0.5082 0.0482  -0.0303 -0.0714 20 HIS A O   
207 C CB  . HIS A 38  ? 0.4305 0.3940 0.5220 0.0772  -0.0625 -0.0728 20 HIS A CB  
208 C CG  . HIS A 38  ? 0.4708 0.3932 0.5394 0.0923  -0.0751 -0.0687 20 HIS A CG  
209 N ND1 . HIS A 38  ? 0.5417 0.4015 0.5491 0.0985  -0.0809 -0.0557 20 HIS A ND1 
210 C CD2 . HIS A 38  ? 0.4686 0.3959 0.5615 0.1042  -0.0826 -0.0764 20 HIS A CD2 
211 C CE1 . HIS A 38  ? 0.5638 0.3848 0.5551 0.1149  -0.0924 -0.0535 20 HIS A CE1 
212 N NE2 . HIS A 38  ? 0.5425 0.4090 0.5911 0.1187  -0.0939 -0.0677 20 HIS A NE2 
213 N N   . TRP A 39  ? 0.3390 0.3561 0.4768 0.0460  -0.0186 -0.0782 21 TRP A N   
214 C CA  . TRP A 39  ? 0.3080 0.3423 0.4543 0.0418  -0.0090 -0.0808 21 TRP A CA  
215 C C   . TRP A 39  ? 0.3321 0.3876 0.4927 0.0470  -0.0122 -0.0849 21 TRP A C   
216 O O   . TRP A 39  ? 0.3041 0.3710 0.4784 0.0521  -0.0157 -0.0892 21 TRP A O   
217 C CB  . TRP A 39  ? 0.2997 0.3408 0.4607 0.0372  0.0025  -0.0865 21 TRP A CB  
218 C CG  . TRP A 39  ? 0.2954 0.3449 0.4592 0.0366  0.0116  -0.0904 21 TRP A CG  
219 C CD1 . TRP A 39  ? 0.3169 0.3784 0.4855 0.0466  0.0082  -0.0928 21 TRP A CD1 
220 C CD2 . TRP A 39  ? 0.3084 0.3494 0.4664 0.0269  0.0276  -0.0938 21 TRP A CD2 
221 N NE1 . TRP A 39  ? 0.3279 0.3905 0.4981 0.0478  0.0168  -0.0981 21 TRP A NE1 
222 C CE2 . TRP A 39  ? 0.3274 0.3837 0.4961 0.0350  0.0301  -0.1008 21 TRP A CE2 
223 C CE3 . TRP A 39  ? 0.3562 0.3728 0.4957 0.0127  0.0425  -0.0921 21 TRP A CE3 
224 C CZ2 . TRP A 39  ? 0.3254 0.3826 0.4966 0.0299  0.0462  -0.1094 21 TRP A CZ2 
225 C CZ3 . TRP A 39  ? 0.3694 0.3849 0.5068 0.0031  0.0633  -0.0998 21 TRP A CZ3 
226 C CH2 . TRP A 39  ? 0.3426 0.3833 0.5010 0.0120  0.0646  -0.1100 21 TRP A CH2 
227 N N   . PRO A 40  ? 0.3044 0.3596 0.4574 0.0442  -0.0081 -0.0847 22 PRO A N   
228 C CA  . PRO A 40  ? 0.3001 0.3616 0.4558 0.0445  -0.0035 -0.0875 22 PRO A CA  
229 C C   . PRO A 40  ? 0.3011 0.3625 0.4533 0.0532  -0.0010 -0.0870 22 PRO A C   
230 O O   . PRO A 40  ? 0.3078 0.3655 0.4565 0.0600  -0.0012 -0.0869 22 PRO A O   
231 C CB  . PRO A 40  ? 0.3254 0.3735 0.4671 0.0371  0.0040  -0.0874 22 PRO A CB  
232 C CG  . PRO A 40  ? 0.3447 0.3829 0.4769 0.0384  0.0045  -0.0846 22 PRO A CG  
233 C CD  . PRO A 40  ? 0.3341 0.3754 0.4699 0.0388  -0.0035 -0.0829 22 PRO A CD  
234 N N   . ALA A 41  ? 0.3314 0.3991 0.4847 0.0554  -0.0002 -0.0903 23 ALA A N   
235 C CA  . ALA A 41  ? 0.3270 0.3929 0.4696 0.0667  -0.0030 -0.0918 23 ALA A CA  
236 C C   . ALA A 41  ? 0.3514 0.4087 0.4734 0.0662  0.0064  -0.0932 23 ALA A C   
237 O O   . ALA A 41  ? 0.3456 0.4054 0.4734 0.0537  0.0185  -0.0960 23 ALA A O   
238 C CB  . ALA A 41  ? 0.3076 0.3906 0.4734 0.0703  -0.0131 -0.0988 23 ALA A CB  
239 N N   . ARG A 42  ? 0.3596 0.4072 0.4568 0.0798  0.0016  -0.0942 24 ARG A N   
240 C CA  . ARG A 42  ? 0.4016 0.4337 0.4665 0.0800  0.0128  -0.0957 24 ARG A CA  
241 C C   . ARG A 42  ? 0.3996 0.4431 0.4608 0.0939  -0.0011 -0.1054 24 ARG A C   
242 O O   . ARG A 42  ? 0.3755 0.4325 0.4504 0.1062  -0.0206 -0.1110 24 ARG A O   
243 C CB  . ARG A 42  ? 0.4414 0.4242 0.4466 0.0832  0.0254  -0.0844 24 ARG A CB  
244 C CG  . ARG A 42  ? 0.5437 0.5043 0.5131 0.1100  0.0053  -0.0805 24 ARG A CG  
245 C CD  . ARG A 42  ? 0.6000 0.4934 0.4864 0.1202  0.0159  -0.0680 24 ARG A CD  
246 N NE  . ARG A 42  ? 0.6280 0.5063 0.4878 0.1542  -0.0130 -0.0676 24 ARG A NE  
247 C CZ  . ARG A 42  ? 0.7199 0.5654 0.5572 0.1693  -0.0190 -0.0601 24 ARG A CZ  
248 N NH1 . ARG A 42  ? 0.7802 0.5948 0.6097 0.1500  0.0051  -0.0499 24 ARG A NH1 
249 N NH2 . ARG A 42  ? 0.7426 0.5858 0.5656 0.2064  -0.0507 -0.0663 24 ARG A NH2 
250 N N   . VAL A 43  ? 0.4075 0.4491 0.4545 0.0899  0.0109  -0.1117 25 VAL A N   
251 C CA  . VAL A 43  ? 0.4493 0.4915 0.4757 0.1035  0.0003  -0.1221 25 VAL A CA  
252 C C   . VAL A 43  ? 0.5226 0.5206 0.4740 0.1200  -0.0024 -0.1142 25 VAL A C   
253 O O   . VAL A 43  ? 0.5636 0.5207 0.4655 0.1128  0.0208  -0.1028 25 VAL A O   
254 C CB  . VAL A 43  ? 0.4490 0.5020 0.4827 0.0944  0.0170  -0.1339 25 VAL A CB  
255 C CG1 . VAL A 43  ? 0.4780 0.5323 0.4913 0.1081  0.0047  -0.1480 25 VAL A CG1 
256 C CG2 . VAL A 43  ? 0.4400 0.5266 0.5390 0.0843  0.0166  -0.1404 25 VAL A CG2 
257 N N   . ASP A 44  ? 0.5545 0.5582 0.4962 0.1424  -0.0308 -0.1223 26 ASP A N   
258 C CA  . ASP A 44  ? 0.6257 0.5865 0.4908 0.1683  -0.0445 -0.1176 26 ASP A CA  
259 C C   . ASP A 44  ? 0.6755 0.6270 0.4957 0.1789  -0.0501 -0.1302 26 ASP A C   
260 O O   . ASP A 44  ? 0.6057 0.5926 0.4679 0.1674  -0.0472 -0.1459 26 ASP A O   
261 C CB  . ASP A 44  ? 0.6392 0.6218 0.5290 0.1919  -0.0787 -0.1260 26 ASP A CB  
262 C CG  . ASP A 44  ? 0.6452 0.6131 0.5423 0.1922  -0.0743 -0.1119 26 ASP A CG  
263 O OD1 . ASP A 44  ? 0.6463 0.5835 0.5257 0.1732  -0.0459 -0.0949 26 ASP A OD1 
264 O OD2 . ASP A 44  ? 0.6625 0.6529 0.5871 0.2115  -0.0989 -0.1221 26 ASP A OD2 
265 N N   . GLU A 45  ? 0.7849 0.6833 0.5139 0.2033  -0.0600 -0.1238 27 GLU A N   
266 C CA  . GLU A 45  ? 0.8944 0.7795 0.5665 0.2210  -0.0741 -0.1380 27 GLU A CA  
267 C C   . GLU A 45  ? 0.8856 0.8295 0.6141 0.2405  -0.1188 -0.1664 27 GLU A C   
268 O O   . GLU A 45  ? 0.8594 0.8343 0.6398 0.2501  -0.1412 -0.1713 27 GLU A O   
269 C CB  . GLU A 45  ? 1.0487 0.8473 0.5908 0.2469  -0.0765 -0.1211 27 GLU A CB  
270 C CG  . GLU A 45  ? 1.1472 0.8758 0.6240 0.2234  -0.0264 -0.0951 27 GLU A CG  
271 C CD  . GLU A 45  ? 1.3038 0.9293 0.6454 0.2507  -0.0293 -0.0730 27 GLU A CD  
272 N N   . VAL A 46  ? 0.9457 0.9063 0.6680 0.2437  -0.1287 -0.1889 28 VAL A N   
273 C CA  . VAL A 46  ? 0.9718 0.9854 0.7428 0.2603  -0.1709 -0.2224 28 VAL A CA  
274 C C   . VAL A 46  ? 1.1009 1.0914 0.8079 0.3041  -0.2130 -0.2269 28 VAL A C   
275 O O   . VAL A 46  ? 1.2289 1.1521 0.8224 0.3249  -0.2137 -0.2133 28 VAL A O   
276 C CB  . VAL A 46  ? 0.9536 0.9829 0.7239 0.2540  -0.1716 -0.2483 28 VAL A CB  
277 N N   . PRO A 47  ? 1.1762 1.2195 0.9521 0.3197  -0.2478 -0.2478 29 PRO A N   
278 C CA  . PRO A 47  ? 1.2774 1.3055 1.0073 0.3680  -0.2925 -0.2537 29 PRO A CA  
279 C C   . PRO A 47  ? 1.3605 1.3682 1.0059 0.4137  -0.3407 -0.2757 29 PRO A C   
280 O O   . PRO A 47  ? 1.5240 1.4704 1.0737 0.4549  -0.3637 -0.2609 29 PRO A O   
281 C CB  . PRO A 47  ? 1.1869 1.2970 1.0403 0.3650  -0.3105 -0.2799 29 PRO A CB  
282 C CG  . PRO A 47  ? 1.0822 1.2458 1.0297 0.3194  -0.2844 -0.2950 29 PRO A CG  
283 C CD  . PRO A 47  ? 1.0706 1.1861 0.9720 0.2913  -0.2414 -0.2657 29 PRO A CD  
284 N N   . ASP A 48  ? 1.3600 1.4120 1.0334 0.4093  -0.3576 -0.3111 30 ASP A N   
285 C CA  . ASP A 48  ? 1.3926 1.4345 0.9918 0.4549  -0.4106 -0.3391 30 ASP A CA  
286 N N   . VAL A 51  ? 1.0995 1.5624 1.2240 0.3927  -0.5149 -0.5957 33 VAL A N   
287 C CA  . VAL A 51  ? 1.0545 1.4850 1.2030 0.3487  -0.4515 -0.5484 33 VAL A CA  
288 C C   . VAL A 51  ? 1.0024 1.4473 1.2186 0.2941  -0.4118 -0.5614 33 VAL A C   
289 O O   . VAL A 51  ? 1.0191 1.5138 1.3436 0.2598  -0.3940 -0.5827 33 VAL A O   
290 C CB  . VAL A 51  ? 1.0908 1.4252 1.1132 0.3609  -0.4258 -0.4857 33 VAL A CB  
291 N N   . LYS A 52  ? 0.9734 1.3695 1.1218 0.2872  -0.3965 -0.5499 34 LYS A N   
292 C CA  . LYS A 52  ? 0.8790 1.2658 1.0711 0.2409  -0.3547 -0.5512 34 LYS A CA  
293 C C   . LYS A 52  ? 0.7931 1.1601 1.0258 0.2078  -0.3054 -0.5097 34 LYS A C   
294 O O   . LYS A 52  ? 0.6951 1.0879 1.0147 0.1722  -0.2846 -0.5244 34 LYS A O   
295 C CB  . LYS A 52  ? 0.8469 1.2933 1.1297 0.2189  -0.3696 -0.6130 34 LYS A CB  
296 N N   . PRO A 53  ? 0.7844 1.1001 0.9486 0.2180  -0.2854 -0.4590 35 PRO A N   
297 C CA  . PRO A 53  ? 0.7593 1.0561 0.9553 0.1900  -0.2438 -0.4226 35 PRO A CA  
298 C C   . PRO A 53  ? 0.7464 1.0305 0.9790 0.1562  -0.2138 -0.4275 35 PRO A C   
299 O O   . PRO A 53  ? 0.7788 1.0528 0.9877 0.1579  -0.2183 -0.4472 35 PRO A O   
300 C CB  . PRO A 53  ? 0.7768 1.0196 0.8840 0.2070  -0.2296 -0.3775 35 PRO A CB  
301 C CG  . PRO A 53  ? 0.8537 1.0725 0.8765 0.2327  -0.2493 -0.3888 35 PRO A CG  
302 C CD  . PRO A 53  ? 0.8641 1.1303 0.9141 0.2519  -0.2958 -0.4349 35 PRO A CD  
303 N N   . PRO A 54  ? 0.7151 0.9935 0.9987 0.1280  -0.1847 -0.4109 36 PRO A N   
304 C CA  . PRO A 54  ? 0.6857 0.9376 0.9915 0.1022  -0.1591 -0.4130 36 PRO A CA  
305 C C   . PRO A 54  ? 0.6884 0.9016 0.9353 0.1132  -0.1466 -0.3922 36 PRO A C   
306 O O   . PRO A 54  ? 0.6940 0.8922 0.8955 0.1274  -0.1408 -0.3622 36 PRO A O   
307 C CB  . PRO A 54  ? 0.6806 0.9198 1.0249 0.0786  -0.1326 -0.3891 36 PRO A CB  
308 C CG  . PRO A 54  ? 0.6388 0.9120 1.0002 0.0864  -0.1435 -0.3856 36 PRO A CG  
309 C CD  . PRO A 54  ? 0.6542 0.9407 0.9651 0.1219  -0.1740 -0.3885 36 PRO A CD  
310 N N   . THR A 55  ? 0.7809 0.9777 1.0319 0.1053  -0.1398 -0.4115 37 THR A N   
311 C CA  . THR A 55  ? 0.7765 0.9475 0.9757 0.1185  -0.1299 -0.4052 37 THR A CA  
312 C C   . THR A 55  ? 0.7186 0.8629 0.9138 0.1156  -0.1021 -0.3698 37 THR A C   
313 O O   . THR A 55  ? 0.7830 0.9189 0.9341 0.1278  -0.0917 -0.3544 37 THR A O   
314 C CB  . THR A 55  ? 0.8959 1.0606 1.1021 0.1140  -0.1339 -0.4443 37 THR A CB  
315 O OG1 . THR A 55  ? 0.8987 1.0368 1.0690 0.1229  -0.1157 -0.4387 37 THR A OG1 
316 C CG2 . THR A 55  ? 0.9199 1.0753 1.1914 0.0869  -0.1253 -0.4607 37 THR A CG2 
317 N N   . ASN A 56  ? 0.5891 0.7194 0.8274 0.0997  -0.0898 -0.3589 38 ASN A N   
318 C CA  . ASN A 56  ? 0.5738 0.6819 0.8113 0.1018  -0.0711 -0.3324 38 ASN A CA  
319 C C   . ASN A 56  ? 0.5244 0.6358 0.7694 0.0969  -0.0669 -0.3008 38 ASN A C   
320 O O   . ASN A 56  ? 0.5106 0.6013 0.7700 0.0927  -0.0571 -0.2834 38 ASN A O   
321 C CB  . ASN A 56  ? 0.6285 0.7033 0.8920 0.0949  -0.0633 -0.3434 38 ASN A CB  
322 C CG  . ASN A 56  ? 0.6916 0.7614 0.9464 0.1008  -0.0661 -0.3775 38 ASN A CG  
323 O OD1 . ASN A 56  ? 0.7155 0.7725 0.9898 0.0886  -0.0707 -0.4037 38 ASN A OD1 
324 N ND2 . ASN A 56  ? 0.6947 0.7745 0.9190 0.1170  -0.0603 -0.3802 38 ASN A ND2 
325 N N   . LYS A 57  ? 0.4667 0.6006 0.6969 0.1008  -0.0769 -0.2954 39 LYS A N   
326 C CA  . LYS A 57  ? 0.4511 0.5893 0.6861 0.0972  -0.0736 -0.2697 39 LYS A CA  
327 C C   . LYS A 57  ? 0.4237 0.5674 0.6152 0.1116  -0.0758 -0.2552 39 LYS A C   
328 O O   . LYS A 57  ? 0.4556 0.6002 0.6089 0.1245  -0.0840 -0.2665 39 LYS A O   
329 C CB  . LYS A 57  ? 0.4837 0.6381 0.7546 0.0849  -0.0815 -0.2811 39 LYS A CB  
330 C CG  . LYS A 57  ? 0.5104 0.6420 0.8147 0.0642  -0.0695 -0.2888 39 LYS A CG  
331 C CD  . LYS A 57  ? 0.5348 0.6784 0.8772 0.0439  -0.0652 -0.2986 39 LYS A CD  
332 C CE  . LYS A 57  ? 0.5993 0.7042 0.9605 0.0210  -0.0488 -0.3092 39 LYS A CE  
333 N NZ  . LYS A 57  ? 0.6328 0.7364 1.0254 -0.0064 -0.0319 -0.3141 39 LYS A NZ  
334 N N   . LEU A 58  ? 0.3927 0.5318 0.5823 0.1090  -0.0672 -0.2302 40 LEU A N   
335 C CA  . LEU A 58  ? 0.4057 0.5380 0.5513 0.1191  -0.0650 -0.2141 40 LEU A CA  
336 C C   . LEU A 58  ? 0.3876 0.5292 0.5398 0.1232  -0.0776 -0.2086 40 LEU A C   
337 O O   . LEU A 58  ? 0.3336 0.4860 0.5289 0.1111  -0.0762 -0.2083 40 LEU A O   
338 C CB  . LEU A 58  ? 0.4124 0.5337 0.5560 0.1117  -0.0440 -0.1949 40 LEU A CB  
339 C CG  . LEU A 58  ? 0.4553 0.5753 0.5982 0.1112  -0.0305 -0.2057 40 LEU A CG  
340 C CD1 . LEU A 58  ? 0.4689 0.5926 0.6392 0.1042  -0.0170 -0.1965 40 LEU A CD1 
341 C CD2 . LEU A 58  ? 0.5292 0.6366 0.6150 0.1182  -0.0203 -0.2097 40 LEU A CD2 
342 N N   . PRO A 59  ? 0.4268 0.5583 0.5313 0.1414  -0.0880 -0.2041 41 PRO A N   
343 C CA  . PRO A 59  ? 0.4222 0.5606 0.5327 0.1506  -0.1001 -0.1990 41 PRO A CA  
344 C C   . PRO A 59  ? 0.3864 0.5068 0.4946 0.1400  -0.0800 -0.1728 41 PRO A C   
345 O O   . PRO A 59  ? 0.4614 0.5534 0.5289 0.1385  -0.0642 -0.1570 41 PRO A O   
346 C CB  . PRO A 59  ? 0.4789 0.5977 0.5245 0.1793  -0.1198 -0.2013 41 PRO A CB  
347 C CG  . PRO A 59  ? 0.5209 0.6200 0.5199 0.1812  -0.1140 -0.2065 41 PRO A CG  
348 C CD  . PRO A 59  ? 0.4945 0.5998 0.5296 0.1561  -0.0879 -0.2037 41 PRO A CD  
349 N N   . ILE A 60  ? 0.3656 0.5027 0.5180 0.1302  -0.0783 -0.1717 42 ILE A N   
350 C CA  . ILE A 60  ? 0.3467 0.4700 0.5017 0.1184  -0.0613 -0.1513 42 ILE A CA  
351 C C   . ILE A 60  ? 0.3476 0.4717 0.5017 0.1291  -0.0680 -0.1486 42 ILE A C   
352 O O   . ILE A 60  ? 0.3592 0.5116 0.5456 0.1361  -0.0817 -0.1669 42 ILE A O   
353 C CB  . ILE A 60  ? 0.3224 0.4543 0.5198 0.0977  -0.0507 -0.1513 42 ILE A CB  
354 C CG1 . ILE A 60  ? 0.3355 0.4630 0.5359 0.0924  -0.0467 -0.1559 42 ILE A CG1 
355 C CG2 . ILE A 60  ? 0.3272 0.4450 0.5210 0.0885  -0.0380 -0.1328 42 ILE A CG2 
356 C CD1 . ILE A 60  ? 0.3430 0.4585 0.5134 0.0960  -0.0376 -0.1485 42 ILE A CD1 
357 N N   . PHE A 61  ? 0.3709 0.4655 0.4916 0.1301  -0.0573 -0.1296 43 PHE A N   
358 C CA  . PHE A 61  ? 0.3766 0.4632 0.4935 0.1397  -0.0597 -0.1251 43 PHE A CA  
359 C C   . PHE A 61  ? 0.3485 0.4308 0.4826 0.1182  -0.0407 -0.1136 43 PHE A C   
360 O O   . PHE A 61  ? 0.3496 0.4156 0.4697 0.1040  -0.0267 -0.1024 43 PHE A O   
361 C CB  . PHE A 61  ? 0.4555 0.4961 0.5049 0.1601  -0.0631 -0.1132 43 PHE A CB  
362 C CG  . PHE A 61  ? 0.4764 0.4935 0.5109 0.1721  -0.0635 -0.1061 43 PHE A CG  
363 C CD1 . PHE A 61  ? 0.4917 0.4802 0.5132 0.1542  -0.0410 -0.0906 43 PHE A CD1 
364 C CD2 . PHE A 61  ? 0.5075 0.5331 0.5446 0.2026  -0.0878 -0.1188 43 PHE A CD2 
365 C CE1 . PHE A 61  ? 0.5248 0.4865 0.5306 0.1651  -0.0403 -0.0860 43 PHE A CE1 
366 C CE2 . PHE A 61  ? 0.5455 0.5463 0.5690 0.2177  -0.0885 -0.1143 43 PHE A CE2 
367 C CZ  . PHE A 61  ? 0.5439 0.5084 0.5482 0.1982  -0.0634 -0.0966 43 PHE A CZ  
368 N N   . PHE A 62  ? 0.3392 0.4393 0.5054 0.1157  -0.0403 -0.1204 44 PHE A N   
369 C CA  . PHE A 62  ? 0.3015 0.3951 0.4767 0.0971  -0.0245 -0.1118 44 PHE A CA  
370 C C   . PHE A 62  ? 0.3154 0.3849 0.4664 0.1043  -0.0199 -0.1044 44 PHE A C   
371 O O   . PHE A 62  ? 0.3290 0.4014 0.4822 0.1225  -0.0278 -0.1124 44 PHE A O   
372 C CB  . PHE A 62  ? 0.3000 0.4177 0.5146 0.0857  -0.0190 -0.1241 44 PHE A CB  
373 C CG  . PHE A 62  ? 0.3055 0.4335 0.5396 0.0736  -0.0185 -0.1305 44 PHE A CG  
374 C CD1 . PHE A 62  ? 0.3136 0.4670 0.5720 0.0801  -0.0297 -0.1496 44 PHE A CD1 
375 C CD2 . PHE A 62  ? 0.3396 0.4481 0.5646 0.0581  -0.0095 -0.1196 44 PHE A CD2 
376 C CE1 . PHE A 62  ? 0.3463 0.5020 0.6210 0.0669  -0.0269 -0.1569 44 PHE A CE1 
377 C CE2 . PHE A 62  ? 0.3549 0.4605 0.5910 0.0495  -0.0089 -0.1246 44 PHE A CE2 
378 C CZ  . PHE A 62  ? 0.3169 0.4444 0.5784 0.0517  -0.0152 -0.1430 44 PHE A CZ  
379 N N   . PHE A 63  ? 0.3250 0.3709 0.4550 0.0915  -0.0084 -0.0922 45 PHE A N   
380 C CA  . PHE A 63  ? 0.3542 0.3712 0.4605 0.0939  -0.0012 -0.0868 45 PHE A CA  
381 C C   . PHE A 63  ? 0.3650 0.3939 0.4926 0.0919  0.0029  -0.0942 45 PHE A C   
382 O O   . PHE A 63  ? 0.3599 0.4127 0.5138 0.0808  0.0058  -0.0998 45 PHE A O   
383 C CB  . PHE A 63  ? 0.3546 0.3500 0.4421 0.0757  0.0117  -0.0789 45 PHE A CB  
384 C CG  . PHE A 63  ? 0.4011 0.3761 0.4605 0.0758  0.0172  -0.0740 45 PHE A CG  
385 C CD1 . PHE A 63  ? 0.4552 0.3864 0.4678 0.0902  0.0196  -0.0674 45 PHE A CD1 
386 C CD2 . PHE A 63  ? 0.3842 0.3782 0.4584 0.0623  0.0217  -0.0768 45 PHE A CD2 
387 C CE1 . PHE A 63  ? 0.5061 0.4071 0.4792 0.0869  0.0312  -0.0617 45 PHE A CE1 
388 C CE2 . PHE A 63  ? 0.4170 0.3928 0.4647 0.0591  0.0334  -0.0753 45 PHE A CE2 
389 C CZ  . PHE A 63  ? 0.4722 0.3994 0.4660 0.0690  0.0403  -0.0668 45 PHE A CZ  
390 N N   . GLY A 64  ? 0.4087 0.4151 0.5202 0.1031  0.0055  -0.0953 46 GLY A N   
391 C CA  . GLY A 64  ? 0.4086 0.4252 0.5385 0.1025  0.0128  -0.1057 46 GLY A CA  
392 C C   . GLY A 64  ? 0.4268 0.4806 0.5954 0.1195  0.0054  -0.1244 46 GLY A C   
393 O O   . GLY A 64  ? 0.4473 0.4995 0.6209 0.1397  0.0020  -0.1350 46 GLY A O   
394 N N   . THR A 65  ? 0.4140 0.5031 0.6146 0.1116  0.0027  -0.1324 47 THR A N   
395 C CA  . THR A 65  ? 0.3799 0.5143 0.6298 0.1240  -0.0035 -0.1581 47 THR A CA  
396 C C   . THR A 65  ? 0.4074 0.5492 0.6546 0.1561  -0.0320 -0.1653 47 THR A C   
397 O O   . THR A 65  ? 0.3526 0.5294 0.6364 0.1794  -0.0463 -0.1905 47 THR A O   
398 C CB  . THR A 65  ? 0.3598 0.5230 0.6435 0.0992  0.0073  -0.1670 47 THR A CB  
399 O OG1 . THR A 65  ? 0.3010 0.4539 0.5672 0.0962  -0.0039 -0.1546 47 THR A OG1 
400 C CG2 . THR A 65  ? 0.3682 0.5136 0.6399 0.0705  0.0339  -0.1592 47 THR A CG2 
401 N N   . HIS A 66  ? 0.4046 0.5159 0.6093 0.1571  -0.0400 -0.1463 48 HIS A N   
402 C CA  . HIS A 66  ? 0.4476 0.5525 0.6289 0.1849  -0.0651 -0.1488 48 HIS A CA  
403 C C   . HIS A 66  ? 0.4031 0.5609 0.6320 0.1871  -0.0793 -0.1733 48 HIS A C   
404 O O   . HIS A 66  ? 0.4190 0.5864 0.6413 0.2163  -0.1066 -0.1864 48 HIS A O   
405 C CB  . HIS A 66  ? 0.5383 0.6174 0.6919 0.2231  -0.0823 -0.1520 48 HIS A CB  
406 C CG  . HIS A 66  ? 0.5921 0.6097 0.6948 0.2194  -0.0660 -0.1300 48 HIS A CG  
407 N ND1 . HIS A 66  ? 0.7216 0.7101 0.8054 0.2472  -0.0732 -0.1331 48 HIS A ND1 
408 C CD2 . HIS A 66  ? 0.5734 0.5553 0.6453 0.1897  -0.0429 -0.1086 48 HIS A CD2 
409 C CE1 . HIS A 66  ? 0.7547 0.6859 0.7938 0.2324  -0.0527 -0.1133 48 HIS A CE1 
410 N NE2 . HIS A 66  ? 0.6818 0.6139 0.7174 0.1963  -0.0347 -0.1001 48 HIS A NE2 
411 N N   . GLU A 67  ? 0.3588 0.5463 0.6314 0.1564  -0.0617 -0.1809 49 GLU A N   
412 C CA  . GLU A 67  ? 0.3575 0.5889 0.6762 0.1487  -0.0687 -0.2049 49 GLU A CA  
413 C C   . GLU A 67  ? 0.3224 0.5334 0.6070 0.1463  -0.0768 -0.1928 49 GLU A C   
414 O O   . GLU A 67  ? 0.3197 0.4878 0.5524 0.1447  -0.0709 -0.1664 49 GLU A O   
415 C CB  . GLU A 67  ? 0.3490 0.6003 0.7125 0.1130  -0.0401 -0.2144 49 GLU A CB  
416 C CG  . GLU A 67  ? 0.3579 0.6395 0.7640 0.1134  -0.0280 -0.2353 49 GLU A CG  
417 C CD  . GLU A 67  ? 0.3928 0.6890 0.8367 0.0752  0.0063  -0.2483 49 GLU A CD  
418 O OE1 . GLU A 67  ? 0.4357 0.6922 0.8464 0.0497  0.0250  -0.2259 49 GLU A OE1 
419 O OE2 . GLU A 67  ? 0.4335 0.7788 0.9386 0.0713  0.0158  -0.2827 49 GLU A OE2 
420 N N   . THR A 68  ? 0.3147 0.5600 0.6327 0.1451  -0.0888 -0.2167 50 THR A N   
421 C CA  . THR A 68  ? 0.3015 0.5330 0.5922 0.1444  -0.0969 -0.2122 50 THR A CA  
422 C C   . THR A 68  ? 0.3189 0.5746 0.6550 0.1190  -0.0884 -0.2312 50 THR A C   
423 O O   . THR A 68  ? 0.3194 0.6117 0.7123 0.1059  -0.0823 -0.2566 50 THR A O   
424 C CB  . THR A 68  ? 0.3365 0.5704 0.5965 0.1805  -0.1300 -0.2238 50 THR A CB  
425 O OG1 . THR A 68  ? 0.3066 0.5958 0.6225 0.1955  -0.1523 -0.2615 50 THR A OG1 
426 C CG2 . THR A 68  ? 0.3838 0.5711 0.5794 0.2053  -0.1350 -0.2000 50 THR A CG2 
427 N N   . ALA A 69  ? 0.3275 0.5599 0.6380 0.1113  -0.0856 -0.2213 51 ALA A N   
428 C CA  . ALA A 69  ? 0.3392 0.5798 0.6809 0.0897  -0.0783 -0.2376 51 ALA A CA  
429 C C   . ALA A 69  ? 0.3451 0.5668 0.6514 0.0978  -0.0873 -0.2341 51 ALA A C   
430 O O   . ALA A 69  ? 0.3536 0.5541 0.6104 0.1146  -0.0925 -0.2168 51 ALA A O   
431 C CB  . ALA A 69  ? 0.3263 0.5404 0.6752 0.0615  -0.0499 -0.2221 51 ALA A CB  
432 N N   . PHE A 70  ? 0.3624 0.5910 0.6944 0.0840  -0.0862 -0.2543 52 PHE A N   
433 C CA  . PHE A 70  ? 0.3339 0.5409 0.6398 0.0858  -0.0870 -0.2531 52 PHE A CA  
434 C C   . PHE A 70  ? 0.3398 0.5139 0.6524 0.0646  -0.0647 -0.2387 52 PHE A C   
435 O O   . PHE A 70  ? 0.3807 0.5505 0.7248 0.0434  -0.0523 -0.2484 52 PHE A O   
436 C CB  . PHE A 70  ? 0.3497 0.5819 0.6779 0.0869  -0.1036 -0.2895 52 PHE A CB  
437 C CG  . PHE A 70  ? 0.3932 0.6457 0.6922 0.1169  -0.1333 -0.3032 52 PHE A CG  
438 C CD1 . PHE A 70  ? 0.4298 0.6527 0.6604 0.1364  -0.1368 -0.2845 52 PHE A CD1 
439 C CD2 . PHE A 70  ? 0.3850 0.6833 0.7213 0.1258  -0.1572 -0.3374 52 PHE A CD2 
440 C CE1 . PHE A 70  ? 0.4666 0.6916 0.6509 0.1657  -0.1634 -0.2943 52 PHE A CE1 
441 C CE2 . PHE A 70  ? 0.4644 0.7750 0.7632 0.1603  -0.1916 -0.3511 52 PHE A CE2 
442 C CZ  . PHE A 70  ? 0.4932 0.7596 0.7074 0.1811  -0.1945 -0.3263 52 PHE A CZ  
443 N N   . LEU A 71  ? 0.3270 0.4755 0.6083 0.0710  -0.0589 -0.2176 53 LEU A N   
444 C CA  . LEU A 71  ? 0.3490 0.4639 0.6303 0.0604  -0.0453 -0.2042 53 LEU A CA  
445 C C   . LEU A 71  ? 0.3360 0.4387 0.6049 0.0702  -0.0472 -0.2082 53 LEU A C   
446 O O   . LEU A 71  ? 0.3364 0.4524 0.5856 0.0832  -0.0513 -0.2094 53 LEU A O   
447 C CB  . LEU A 71  ? 0.3651 0.4684 0.6300 0.0617  -0.0385 -0.1779 53 LEU A CB  
448 C CG  . LEU A 71  ? 0.3935 0.4987 0.6671 0.0505  -0.0309 -0.1713 53 LEU A CG  
449 C CD1 . LEU A 71  ? 0.3826 0.4697 0.6343 0.0521  -0.0258 -0.1480 53 LEU A CD1 
450 C CD2 . LEU A 71  ? 0.4836 0.5712 0.7764 0.0298  -0.0184 -0.1819 53 LEU A CD2 
451 N N   . GLY A 72  ? 0.3472 0.4187 0.6227 0.0644  -0.0420 -0.2102 54 GLY A N   
452 C CA  . GLY A 72  ? 0.3586 0.4173 0.6281 0.0771  -0.0436 -0.2165 54 GLY A CA  
453 C C   . GLY A 72  ? 0.3586 0.4154 0.6193 0.0889  -0.0425 -0.1982 54 GLY A C   
454 O O   . GLY A 72  ? 0.3553 0.4078 0.6104 0.0851  -0.0412 -0.1795 54 GLY A O   
455 N N   . PRO A 73  ? 0.3737 0.4380 0.6370 0.1029  -0.0426 -0.2076 55 PRO A N   
456 C CA  . PRO A 73  ? 0.3676 0.4406 0.6372 0.1141  -0.0428 -0.2002 55 PRO A CA  
457 C C   . PRO A 73  ? 0.4062 0.4462 0.6741 0.1198  -0.0519 -0.1862 55 PRO A C   
458 O O   . PRO A 73  ? 0.3757 0.4286 0.6470 0.1260  -0.0563 -0.1778 55 PRO A O   
459 C CB  . PRO A 73  ? 0.3863 0.4699 0.6690 0.1279  -0.0403 -0.2222 55 PRO A CB  
460 C CG  . PRO A 73  ? 0.4096 0.4980 0.6795 0.1219  -0.0359 -0.2370 55 PRO A CG  
461 C CD  . PRO A 73  ? 0.4124 0.4804 0.6777 0.1087  -0.0422 -0.2316 55 PRO A CD  
462 N N   . LYS A 74  ? 0.4289 0.4215 0.6857 0.1175  -0.0544 -0.1846 56 LYS A N   
463 C CA  . LYS A 74  ? 0.4735 0.4179 0.7088 0.1254  -0.0628 -0.1683 56 LYS A CA  
464 C C   . LYS A 74  ? 0.4800 0.4252 0.6982 0.1138  -0.0604 -0.1479 56 LYS A C   
465 O O   . LYS A 74  ? 0.4882 0.4068 0.6849 0.1253  -0.0710 -0.1354 56 LYS A O   
466 C CB  . LYS A 74  ? 0.5597 0.4360 0.7731 0.1201  -0.0588 -0.1685 56 LYS A CB  
467 C CG  . LYS A 74  ? 0.5966 0.4576 0.8027 0.0890  -0.0411 -0.1654 56 LYS A CG  
468 C CD  . LYS A 74  ? 0.6952 0.4897 0.8858 0.0780  -0.0310 -0.1727 56 LYS A CD  
469 C CE  . LYS A 74  ? 0.7287 0.5300 0.9337 0.0421  -0.0101 -0.1825 56 LYS A CE  
470 N NZ  . LYS A 74  ? 0.8735 0.6640 1.0595 0.0254  0.0029  -0.1634 56 LYS A NZ  
471 N N   . ASP A 75  ? 0.4303 0.4046 0.6555 0.0946  -0.0489 -0.1470 57 ASP A N   
472 C CA  . ASP A 75  ? 0.4223 0.3986 0.6341 0.0831  -0.0438 -0.1313 57 ASP A CA  
473 C C   . ASP A 75  ? 0.3845 0.4062 0.6067 0.0864  -0.0457 -0.1293 57 ASP A C   
474 O O   . ASP A 75  ? 0.3882 0.4166 0.6026 0.0768  -0.0402 -0.1199 57 ASP A O   
475 C CB  . ASP A 75  ? 0.4371 0.4148 0.6547 0.0613  -0.0296 -0.1357 57 ASP A CB  
476 C CG  . ASP A 75  ? 0.5856 0.5107 0.7909 0.0490  -0.0198 -0.1381 57 ASP A CG  
477 O OD1 . ASP A 75  ? 0.6562 0.5267 0.8265 0.0557  -0.0218 -0.1238 57 ASP A OD1 
478 O OD2 . ASP A 75  ? 0.6178 0.5515 0.8448 0.0340  -0.0111 -0.1557 57 ASP A OD2 
479 N N   . ILE A 76  ? 0.3609 0.4112 0.6003 0.0981  -0.0495 -0.1402 58 ILE A N   
480 C CA  . ILE A 76  ? 0.3503 0.4367 0.5964 0.0952  -0.0437 -0.1409 58 ILE A CA  
481 C C   . ILE A 76  ? 0.3551 0.4593 0.6189 0.1060  -0.0507 -0.1478 58 ILE A C   
482 O O   . ILE A 76  ? 0.3400 0.4504 0.6229 0.1203  -0.0570 -0.1623 58 ILE A O   
483 C CB  . ILE A 76  ? 0.3838 0.4910 0.6321 0.0937  -0.0341 -0.1529 58 ILE A CB  
484 C CG1 . ILE A 76  ? 0.4640 0.5650 0.6999 0.0867  -0.0333 -0.1516 58 ILE A CG1 
485 C CG2 . ILE A 76  ? 0.4438 0.5723 0.6874 0.0886  -0.0220 -0.1523 58 ILE A CG2 
486 C CD1 . ILE A 76  ? 0.4930 0.6047 0.7222 0.0912  -0.0314 -0.1668 58 ILE A CD1 
487 N N   . PHE A 77  ? 0.3346 0.4515 0.5977 0.0999  -0.0499 -0.1422 59 PHE A N   
488 C CA  . PHE A 77  ? 0.3348 0.4782 0.6237 0.1082  -0.0589 -0.1549 59 PHE A CA  
489 C C   . PHE A 77  ? 0.3066 0.4819 0.6082 0.0911  -0.0394 -0.1620 59 PHE A C   
490 O O   . PHE A 77  ? 0.3466 0.5077 0.6236 0.0774  -0.0294 -0.1482 59 PHE A O   
491 C CB  . PHE A 77  ? 0.3677 0.4874 0.6372 0.1162  -0.0791 -0.1443 59 PHE A CB  
492 C CG  . PHE A 77  ? 0.3862 0.4558 0.6267 0.1309  -0.0935 -0.1340 59 PHE A CG  
493 C CD1 . PHE A 77  ? 0.4608 0.4915 0.6709 0.1181  -0.0814 -0.1183 59 PHE A CD1 
494 C CD2 . PHE A 77  ? 0.4370 0.4952 0.6798 0.1573  -0.1178 -0.1421 59 PHE A CD2 
495 C CE1 . PHE A 77  ? 0.4886 0.4640 0.6680 0.1251  -0.0869 -0.1099 59 PHE A CE1 
496 C CE2 . PHE A 77  ? 0.5108 0.5050 0.7130 0.1710  -0.1285 -0.1300 59 PHE A CE2 
497 C CZ  . PHE A 77  ? 0.5287 0.4784 0.6975 0.1516  -0.1096 -0.1132 59 PHE A CZ  
498 N N   . PRO A 78  ? 0.3235 0.5386 0.6637 0.0908  -0.0313 -0.1857 60 PRO A N   
499 C CA  . PRO A 78  ? 0.3367 0.5728 0.6854 0.0684  -0.0069 -0.1937 60 PRO A CA  
500 C C   . PRO A 78  ? 0.3281 0.5619 0.6731 0.0597  -0.0145 -0.1881 60 PRO A C   
501 O O   . PRO A 78  ? 0.3377 0.5762 0.6927 0.0738  -0.0413 -0.1908 60 PRO A O   
502 C CB  . PRO A 78  ? 0.3516 0.6380 0.7554 0.0693  0.0024  -0.2273 60 PRO A CB  
503 C CG  . PRO A 78  ? 0.3518 0.6474 0.7805 0.0991  -0.0293 -0.2368 60 PRO A CG  
504 C CD  . PRO A 78  ? 0.3236 0.5659 0.7040 0.1096  -0.0415 -0.2095 60 PRO A CD  
505 N N   . TYR A 79  ? 0.3645 0.5822 0.6853 0.0389  0.0077  -0.1791 61 TYR A N   
506 C CA  . TYR A 79  ? 0.3613 0.5689 0.6717 0.0295  0.0035  -0.1733 61 TYR A CA  
507 C C   . TYR A 79  ? 0.3724 0.6230 0.7306 0.0224  -0.0023 -0.2013 61 TYR A C   
508 O O   . TYR A 79  ? 0.3400 0.5937 0.7001 0.0328  -0.0287 -0.2029 61 TYR A O   
509 C CB  . TYR A 79  ? 0.3844 0.5583 0.6564 0.0114  0.0297  -0.1598 61 TYR A CB  
510 C CG  . TYR A 79  ? 0.3593 0.5217 0.6235 -0.0018 0.0312  -0.1590 61 TYR A CG  
511 C CD1 . TYR A 79  ? 0.3744 0.5202 0.6199 0.0082  0.0110  -0.1461 61 TYR A CD1 
512 C CD2 . TYR A 79  ? 0.4036 0.5660 0.6751 -0.0271 0.0576  -0.1728 61 TYR A CD2 
513 C CE1 . TYR A 79  ? 0.3872 0.5199 0.6217 -0.0032 0.0132  -0.1473 61 TYR A CE1 
514 C CE2 . TYR A 79  ? 0.4144 0.5619 0.6776 -0.0402 0.0599  -0.1744 61 TYR A CE2 
515 C CZ  . TYR A 79  ? 0.4191 0.5530 0.6637 -0.0264 0.0358  -0.1618 61 TYR A CZ  
516 O OH  . TYR A 79  ? 0.4347 0.5522 0.6685 -0.0387 0.0383  -0.1658 61 TYR A OH  
517 N N   . SER A 80  ? 0.3990 0.6816 0.7935 0.0039  0.0235  -0.2258 62 SER A N   
518 C CA  . SER A 80  ? 0.4691 0.8012 0.9204 -0.0104 0.0234  -0.2606 62 SER A CA  
519 C C   . SER A 80  ? 0.4353 0.8142 0.9341 0.0179  -0.0186 -0.2833 62 SER A C   
520 O O   . SER A 80  ? 0.4130 0.8082 0.9252 0.0220  -0.0434 -0.2958 62 SER A O   
521 C CB  . SER A 80  ? 0.5080 0.8707 0.9975 -0.0386 0.0655  -0.2886 62 SER A CB  
522 O OG  . SER A 80  ? 0.5756 0.8841 1.0113 -0.0660 0.1043  -0.2698 62 SER A OG  
523 N N   . GLU A 81  ? 0.4295 0.8238 0.9467 0.0406  -0.0286 -0.2889 63 GLU A N   
524 C CA  . GLU A 81  ? 0.4568 0.8801 1.0062 0.0769  -0.0724 -0.3062 63 GLU A CA  
525 C C   . GLU A 81  ? 0.4225 0.7990 0.9163 0.0979  -0.1096 -0.2802 63 GLU A C   
526 O O   . GLU A 81  ? 0.3785 0.7743 0.8876 0.1221  -0.1483 -0.2970 63 GLU A O   
527 C CB  . GLU A 81  ? 0.5226 0.9434 1.0778 0.0989  -0.0737 -0.3056 63 GLU A CB  
528 C CG  . GLU A 81  ? 0.6210 1.0927 1.2327 0.0821  -0.0377 -0.3381 63 GLU A CG  
529 C CD  . GLU A 81  ? 0.6656 1.0998 1.2320 0.0525  0.0092  -0.3170 63 GLU A CD  
530 O OE1 . GLU A 81  ? 0.5640 0.9585 1.0827 0.0291  0.0268  -0.2929 63 GLU A OE1 
531 O OE2 . GLU A 81  ? 0.7283 1.1704 1.3033 0.0560  0.0270  -0.3263 63 GLU A OE2 
532 N N   . ASN A 82  ? 0.3764 0.6916 0.8041 0.0892  -0.0975 -0.2417 64 ASN A N   
533 C CA  . ASN A 82  ? 0.4089 0.6721 0.7772 0.1061  -0.1236 -0.2158 64 ASN A CA  
534 C C   . ASN A 82  ? 0.4201 0.6604 0.7534 0.0869  -0.1166 -0.2036 64 ASN A C   
535 O O   . ASN A 82  ? 0.4768 0.6715 0.7563 0.0957  -0.1292 -0.1820 64 ASN A O   
536 C CB  . ASN A 82  ? 0.4132 0.6263 0.7392 0.1128  -0.1161 -0.1869 64 ASN A CB  
537 C CG  . ASN A 82  ? 0.4398 0.6591 0.7865 0.1383  -0.1309 -0.1971 64 ASN A CG  
538 O OD1 . ASN A 82  ? 0.5292 0.7425 0.8730 0.1669  -0.1642 -0.2045 64 ASN A OD1 
539 N ND2 . ASN A 82  ? 0.4086 0.6363 0.7716 0.1308  -0.1078 -0.1991 64 ASN A ND2 
540 N N   . LYS A 83  ? 0.4055 0.6734 0.7672 0.0596  -0.0932 -0.2189 65 LYS A N   
541 C CA  . LYS A 83  ? 0.4447 0.6885 0.7762 0.0396  -0.0816 -0.2103 65 LYS A CA  
542 C C   . LYS A 83  ? 0.4906 0.7272 0.7990 0.0549  -0.1165 -0.2151 65 LYS A C   
543 O O   . LYS A 83  ? 0.4501 0.6424 0.7049 0.0530  -0.1152 -0.1942 65 LYS A O   
544 C CB  . LYS A 83  ? 0.4999 0.7726 0.8706 0.0076  -0.0515 -0.2335 65 LYS A CB  
545 C CG  . LYS A 83  ? 0.5854 0.8246 0.9241 -0.0150 -0.0337 -0.2257 65 LYS A CG  
546 C CD  . LYS A 83  ? 0.6050 0.8668 0.9821 -0.0489 -0.0050 -0.2540 65 LYS A CD  
547 N N   . GLU A 84  ? 0.4805 0.7609 0.8278 0.0724  -0.1485 -0.2451 66 GLU A N   
548 C CA  . GLU A 84  ? 0.5481 0.8230 0.8687 0.0913  -0.1880 -0.2547 66 GLU A CA  
549 C C   . GLU A 84  ? 0.5695 0.7803 0.8140 0.1210  -0.2104 -0.2232 66 GLU A C   
550 O O   . GLU A 84  ? 0.7001 0.8704 0.8833 0.1278  -0.2257 -0.2125 66 GLU A O   
551 C CB  . GLU A 84  ? 0.5628 0.9110 0.9539 0.1066  -0.2222 -0.3030 66 GLU A CB  
552 C CG  . GLU A 84  ? 0.6307 0.9996 1.0233 0.1017  -0.2458 -0.3304 66 GLU A CG  
553 C CD  . GLU A 84  ? 0.5943 1.0467 1.0667 0.1191  -0.2847 -0.3858 66 GLU A CD  
554 N N   . LYS A 85  ? 0.5397 0.7351 0.7830 0.1364  -0.2093 -0.2093 67 LYS A N   
555 C CA  . LYS A 85  ? 0.5999 0.7246 0.7686 0.1591  -0.2233 -0.1800 67 LYS A CA  
556 C C   . LYS A 85  ? 0.5743 0.6447 0.6907 0.1354  -0.1872 -0.1463 67 LYS A C   
557 O O   . LYS A 85  ? 0.5978 0.6117 0.6439 0.1397  -0.1914 -0.1279 67 LYS A O   
558 C CB  . LYS A 85  ? 0.6449 0.7702 0.8344 0.1832  -0.2341 -0.1814 67 LYS A CB  
559 C CG  . LYS A 85  ? 0.7601 0.8028 0.8714 0.2061  -0.2467 -0.1531 67 LYS A CG  
560 C CD  . LYS A 85  ? 0.8237 0.8698 0.9646 0.2287  -0.2553 -0.1593 67 LYS A CD  
561 C CE  . LYS A 85  ? 0.9503 0.9040 1.0154 0.2402  -0.2528 -0.1286 67 LYS A CE  
562 N NZ  . LYS A 85  ? 1.0568 0.9487 1.0530 0.2814  -0.2954 -0.1235 67 LYS A NZ  
563 N N   . TYR A 86  ? 0.4809 0.5686 0.6299 0.1116  -0.1523 -0.1411 68 TYR A N   
564 C CA  . TYR A 86  ? 0.4802 0.5269 0.5925 0.0951  -0.1231 -0.1155 68 TYR A CA  
565 C C   . TYR A 86  ? 0.4768 0.5314 0.5914 0.0714  -0.0996 -0.1154 68 TYR A C   
566 O O   . TYR A 86  ? 0.4785 0.5045 0.5660 0.0614  -0.0794 -0.0997 68 TYR A O   
567 C CB  . TYR A 86  ? 0.4485 0.4971 0.5827 0.0927  -0.1064 -0.1084 68 TYR A CB  
568 C CG  . TYR A 86  ? 0.4856 0.5138 0.6127 0.1150  -0.1242 -0.1066 68 TYR A CG  
569 C CD1 . TYR A 86  ? 0.5808 0.5500 0.6474 0.1305  -0.1399 -0.0929 68 TYR A CD1 
570 C CD2 . TYR A 86  ? 0.4697 0.5282 0.6420 0.1209  -0.1227 -0.1182 68 TYR A CD2 
571 C CE1 . TYR A 86  ? 0.6125 0.5494 0.6645 0.1532  -0.1561 -0.0902 68 TYR A CE1 
572 C CE2 . TYR A 86  ? 0.5198 0.5560 0.6864 0.1434  -0.1390 -0.1187 68 TYR A CE2 
573 C CZ  . TYR A 86  ? 0.6027 0.5760 0.7096 0.1603  -0.1564 -0.1042 68 TYR A CZ  
574 O OH  . TYR A 86  ? 0.6477 0.5869 0.7425 0.1847  -0.1722 -0.1039 68 TYR A OH  
575 N N   . GLY A 87  ? 0.4657 0.5578 0.6151 0.0622  -0.1008 -0.1357 69 GLY A N   
576 C CA  . GLY A 87  ? 0.4865 0.5776 0.6368 0.0405  -0.0768 -0.1361 69 GLY A CA  
577 C C   . GLY A 87  ? 0.5273 0.6008 0.6434 0.0376  -0.0854 -0.1408 69 GLY A C   
578 O O   . GLY A 87  ? 0.5922 0.6848 0.7276 0.0248  -0.0840 -0.1599 69 GLY A O   
579 N N   . LYS A 88  ? 0.5512 0.5851 0.6138 0.0478  -0.0922 -0.1256 70 LYS A N   
580 C CA  . LYS A 88  ? 0.5890 0.5972 0.6044 0.0463  -0.0984 -0.1287 70 LYS A CA  
581 C C   . LYS A 88  ? 0.5477 0.5220 0.5319 0.0355  -0.0682 -0.1119 70 LYS A C   
582 O O   . LYS A 88  ? 0.5231 0.4863 0.5083 0.0359  -0.0532 -0.0968 70 LYS A O   
583 C CB  . LYS A 88  ? 0.6748 0.6555 0.6389 0.0688  -0.1305 -0.1267 70 LYS A CB  
584 C CG  . LYS A 88  ? 0.7036 0.7240 0.7001 0.0868  -0.1696 -0.1511 70 LYS A CG  
585 N N   . PRO A 89  ? 0.5427 0.5040 0.5039 0.0260  -0.0589 -0.1190 71 PRO A N   
586 C CA  . PRO A 89  ? 0.5450 0.4807 0.4841 0.0182  -0.0295 -0.1088 71 PRO A CA  
587 C C   . PRO A 89  ? 0.5776 0.4787 0.4739 0.0218  -0.0208 -0.0925 71 PRO A C   
588 O O   . PRO A 89  ? 0.6169 0.4912 0.4684 0.0317  -0.0393 -0.0875 71 PRO A O   
589 C CB  . PRO A 89  ? 0.5800 0.5012 0.4885 0.0116  -0.0276 -0.1225 71 PRO A CB  
590 C CG  . PRO A 89  ? 0.5765 0.5284 0.5207 0.0080  -0.0461 -0.1420 71 PRO A CG  
591 C CD  . PRO A 89  ? 0.5711 0.5437 0.5309 0.0212  -0.0734 -0.1413 71 PRO A CD  
592 N N   . ASN A 90  ? 0.5652 0.4645 0.4745 0.0138  0.0078  -0.0870 72 ASN A N   
593 C CA  . ASN A 90  ? 0.6234 0.4919 0.5023 0.0090  0.0264  -0.0762 72 ASN A CA  
594 C C   . ASN A 90  ? 0.6292 0.4986 0.5131 -0.0032 0.0601  -0.0838 72 ASN A C   
595 O O   . ASN A 90  ? 0.5889 0.4885 0.5155 -0.0016 0.0646  -0.0939 72 ASN A O   
596 C CB  . ASN A 90  ? 0.5868 0.4735 0.5078 0.0114  0.0250  -0.0696 72 ASN A CB  
597 C CG  . ASN A 90  ? 0.6425 0.4900 0.5296 0.0046  0.0402  -0.0596 72 ASN A CG  
598 O OD1 . ASN A 90  ? 0.6657 0.5073 0.5545 -0.0105 0.0712  -0.0632 72 ASN A OD1 
599 N ND2 . ASN A 90  ? 0.6962 0.5142 0.5528 0.0157  0.0196  -0.0491 72 ASN A ND2 
600 N N   . LYS A 91  ? 0.6894 0.5225 0.5284 -0.0147 0.0852  -0.0805 73 LYS A N   
601 C CA  . LYS A 91  ? 0.7060 0.5458 0.5564 -0.0277 0.1221  -0.0939 73 LYS A CA  
602 C C   . LYS A 91  ? 0.6337 0.5180 0.5591 -0.0314 0.1381  -0.1036 73 LYS A C   
603 O O   . LYS A 91  ? 0.6112 0.5211 0.5705 -0.0351 0.1611  -0.1215 73 LYS A O   
604 C CB  . LYS A 91  ? 0.8195 0.6021 0.5930 -0.0438 0.1519  -0.0898 73 LYS A CB  
605 C CG  . LYS A 91  ? 0.9025 0.6548 0.6126 -0.0438 0.1551  -0.0958 73 LYS A CG  
606 N N   . ARG A 92  ? 0.6289 0.5250 0.5823 -0.0282 0.1246  -0.0957 74 ARG A N   
607 C CA  . ARG A 92  ? 0.6146 0.5544 0.6371 -0.0310 0.1358  -0.1089 74 ARG A CA  
608 C C   . ARG A 92  ? 0.5360 0.5205 0.6095 -0.0149 0.1271  -0.1230 74 ARG A C   
609 O O   . ARG A 92  ? 0.4723 0.4561 0.5395 -0.0010 0.1043  -0.1162 74 ARG A O   
610 C CB  . ARG A 92  ? 0.6363 0.5834 0.6802 -0.0262 0.1165  -0.1002 74 ARG A CB  
611 C CG  . ARG A 92  ? 0.7501 0.6460 0.7439 -0.0349 0.1175  -0.0843 74 ARG A CG  
612 C CD  . ARG A 92  ? 0.8760 0.7279 0.8275 -0.0588 0.1555  -0.0855 74 ARG A CD  
613 N NE  . ARG A 92  ? 0.8337 0.7103 0.8375 -0.0782 0.1833  -0.1032 74 ARG A NE  
614 C CZ  . ARG A 92  ? 0.8317 0.6809 0.8310 -0.0914 0.1923  -0.0997 74 ARG A CZ  
615 N NH1 . ARG A 92  ? 0.7564 0.6374 0.8133 -0.1128 0.2199  -0.1235 74 ARG A NH1 
616 N NH2 . ARG A 92  ? 0.8993 0.6906 0.8401 -0.0824 0.1732  -0.0763 74 ARG A NH2 
617 N N   . LYS A 93  ? 0.5159 0.5372 0.6404 -0.0162 0.1452  -0.1448 75 LYS A N   
618 C CA  . LYS A 93  ? 0.4960 0.5514 0.6618 0.0057  0.1347  -0.1596 75 LYS A CA  
619 C C   . LYS A 93  ? 0.4354 0.5014 0.6162 0.0253  0.1022  -0.1494 75 LYS A C   
620 O O   . LYS A 93  ? 0.3980 0.4762 0.5957 0.0230  0.0930  -0.1458 75 LYS A O   
621 C CB  . LYS A 93  ? 0.5274 0.6304 0.7556 0.0052  0.1554  -0.1911 75 LYS A CB  
622 C CG  . LYS A 93  ? 0.5806 0.6765 0.7972 -0.0094 0.1912  -0.2070 75 LYS A CG  
623 N N   . GLY A 94  ? 0.3868 0.4403 0.5535 0.0420  0.0881  -0.1446 76 GLY A N   
624 C CA  . GLY A 94  ? 0.3832 0.4345 0.5505 0.0590  0.0641  -0.1348 76 GLY A CA  
625 C C   . GLY A 94  ? 0.3952 0.4232 0.5307 0.0490  0.0536  -0.1155 76 GLY A C   
626 O O   . GLY A 94  ? 0.3832 0.4033 0.5123 0.0574  0.0409  -0.1078 76 GLY A O   
627 N N   . PHE A 95  ? 0.4046 0.4194 0.5174 0.0323  0.0593  -0.1093 77 PHE A N   
628 C CA  . PHE A 95  ? 0.3857 0.3895 0.4804 0.0278  0.0444  -0.0966 77 PHE A CA  
629 C C   . PHE A 95  ? 0.3854 0.3764 0.4650 0.0285  0.0368  -0.0956 77 PHE A C   
630 O O   . PHE A 95  ? 0.3770 0.3725 0.4632 0.0292  0.0265  -0.0920 77 PHE A O   
631 C CB  . PHE A 95  ? 0.3908 0.3743 0.4544 0.0167  0.0467  -0.0907 77 PHE A CB  
632 C CG  . PHE A 95  ? 0.3914 0.3710 0.4470 0.0193  0.0265  -0.0822 77 PHE A CG  
633 C CD1 . PHE A 95  ? 0.4129 0.3883 0.4537 0.0209  0.0113  -0.0834 77 PHE A CD1 
634 C CD2 . PHE A 95  ? 0.3793 0.3629 0.4481 0.0209  0.0224  -0.0779 77 PHE A CD2 
635 C CE1 . PHE A 95  ? 0.4026 0.3848 0.4480 0.0265  -0.0087 -0.0821 77 PHE A CE1 
636 C CE2 . PHE A 95  ? 0.3789 0.3609 0.4450 0.0273  0.0039  -0.0735 77 PHE A CE2 
637 C CZ  . PHE A 95  ? 0.4017 0.3860 0.4588 0.0316  -0.0125 -0.0764 77 PHE A CZ  
638 N N   . ASN A 96  ? 0.3813 0.3566 0.4425 0.0255  0.0451  -0.1021 78 ASN A N   
639 C CA  . ASN A 96  ? 0.3992 0.3595 0.4460 0.0203  0.0402  -0.1057 78 ASN A CA  
640 C C   . ASN A 96  ? 0.4105 0.3607 0.4661 0.0271  0.0438  -0.1057 78 ASN A C   
641 O O   . ASN A 96  ? 0.4019 0.3439 0.4554 0.0189  0.0419  -0.1063 78 ASN A O   
642 C CB  . ASN A 96  ? 0.4282 0.3701 0.4463 0.0140  0.0474  -0.1148 78 ASN A CB  
643 C CG  . ASN A 96  ? 0.4363 0.3730 0.4249 0.0082  0.0415  -0.1119 78 ASN A CG  
644 O OD1 . ASN A 96  ? 0.4219 0.3663 0.4119 0.0092  0.0257  -0.1049 78 ASN A OD1 
645 N ND2 . ASN A 96  ? 0.4519 0.3698 0.4081 0.0042  0.0543  -0.1176 78 ASN A ND2 
646 N N   . GLU A 97  ? 0.3926 0.3420 0.4570 0.0427  0.0491  -0.1066 79 GLU A N   
647 C CA  . GLU A 97  ? 0.4372 0.3670 0.4969 0.0564  0.0478  -0.1029 79 GLU A CA  
648 C C   . GLU A 97  ? 0.4255 0.3645 0.4898 0.0554  0.0402  -0.0935 79 GLU A C   
649 O O   . GLU A 97  ? 0.4489 0.3599 0.4936 0.0546  0.0441  -0.0885 79 GLU A O   
650 C CB  . GLU A 97  ? 0.4478 0.3830 0.5202 0.0812  0.0468  -0.1100 79 GLU A CB  
651 C CG  . GLU A 97  ? 0.5042 0.4138 0.5608 0.1042  0.0382  -0.1046 79 GLU A CG  
652 C CD  . GLU A 97  ? 0.6030 0.5159 0.6721 0.1350  0.0321  -0.1175 79 GLU A CD  
653 O OE1 . GLU A 97  ? 0.6292 0.5753 0.7308 0.1348  0.0387  -0.1336 79 GLU A OE1 
654 O OE2 . GLU A 97  ? 0.6679 0.5454 0.7102 0.1603  0.0219  -0.1131 79 GLU A OE2 
655 N N   . GLY A 98  ? 0.4007 0.3729 0.4865 0.0537  0.0332  -0.0921 80 GLY A N   
656 C CA  . GLY A 98  ? 0.3667 0.3511 0.4595 0.0526  0.0264  -0.0863 80 GLY A CA  
657 C C   . GLY A 98  ? 0.4000 0.3809 0.4889 0.0360  0.0288  -0.0863 80 GLY A C   
658 O O   . GLY A 98  ? 0.3981 0.3721 0.4817 0.0335  0.0331  -0.0841 80 GLY A O   
659 N N   . LEU A 99  ? 0.4016 0.3896 0.4934 0.0245  0.0261  -0.0919 81 LEU A N   
660 C CA  . LEU A 99  ? 0.4038 0.3971 0.5018 0.0093  0.0254  -0.1007 81 LEU A CA  
661 C C   . LEU A 99  ? 0.4264 0.3906 0.5113 -0.0016 0.0424  -0.1047 81 LEU A C   
662 O O   . LEU A 99  ? 0.4668 0.4364 0.5630 -0.0159 0.0504  -0.1120 81 LEU A O   
663 C CB  . LEU A 99  ? 0.4301 0.4306 0.5243 0.0039  0.0145  -0.1093 81 LEU A CB  
664 C CG  . LEU A 99  ? 0.4228 0.4345 0.5132 0.0124  -0.0010 -0.1048 81 LEU A CG  
665 C CD1 . LEU A 99  ? 0.4526 0.4556 0.5180 0.0102  -0.0121 -0.1121 81 LEU A CD1 
666 C CD2 . LEU A 99  ? 0.3937 0.4299 0.5086 0.0165  -0.0130 -0.1063 81 LEU A CD2 
667 N N   . TRP A 100 ? 0.4544 0.3845 0.5153 0.0043  0.0506  -0.1018 82 TRP A N   
668 C CA  . TRP A 100 ? 0.4779 0.3624 0.5144 -0.0045 0.0687  -0.1028 82 TRP A CA  
669 C C   . TRP A 100 ? 0.5081 0.3701 0.5252 0.0018  0.0774  -0.0911 82 TRP A C   
670 O O   . TRP A 100 ? 0.5319 0.3685 0.5356 -0.0167 0.0967  -0.0936 82 TRP A O   
671 C CB  . TRP A 100 ? 0.5115 0.3580 0.5231 0.0069  0.0731  -0.1029 82 TRP A CB  
672 C CG  . TRP A 100 ? 0.5562 0.3403 0.5332 -0.0019 0.0928  -0.1030 82 TRP A CG  
673 C CD1 . TRP A 100 ? 0.5801 0.3429 0.5544 -0.0287 0.1075  -0.1177 82 TRP A CD1 
674 C CD2 . TRP A 100 ? 0.6121 0.3368 0.5445 0.0154  0.1013  -0.0885 82 TRP A CD2 
675 N NE1 . TRP A 100 ? 0.6649 0.3568 0.5975 -0.0336 0.1291  -0.1124 82 TRP A NE1 
676 C CE2 . TRP A 100 ? 0.6891 0.3499 0.5881 -0.0057 0.1258  -0.0926 82 TRP A CE2 
677 C CE3 . TRP A 100 ? 0.6420 0.3580 0.5553 0.0460  0.0897  -0.0746 82 TRP A CE3 
678 C CZ2 . TRP A 100 ? 0.7892 0.3658 0.6254 0.0054  0.1404  -0.0783 82 TRP A CZ2 
679 C CZ3 . TRP A 100 ? 0.7188 0.3579 0.5708 0.0612  0.0983  -0.0621 82 TRP A CZ3 
680 C CH2 . TRP A 100 ? 0.7844 0.3493 0.5931 0.0422  0.1239  -0.0616 82 TRP A CH2 
681 N N   . GLU A 101 ? 0.5006 0.3704 0.5139 0.0265  0.0649  -0.0810 83 GLU A N   
682 C CA  . GLU A 101 ? 0.5235 0.3675 0.5065 0.0388  0.0678  -0.0704 83 GLU A CA  
683 C C   . GLU A 101 ? 0.5026 0.3664 0.4972 0.0210  0.0770  -0.0729 83 GLU A C   
684 O O   . GLU A 101 ? 0.5558 0.3792 0.5138 0.0123  0.0969  -0.0685 83 GLU A O   
685 C CB  . GLU A 101 ? 0.5009 0.3645 0.4899 0.0688  0.0469  -0.0669 83 GLU A CB  
686 C CG  . GLU A 101 ? 0.5255 0.3637 0.4991 0.0932  0.0399  -0.0678 83 GLU A CG  
687 C CD  . GLU A 101 ? 0.5425 0.4110 0.5337 0.1227  0.0181  -0.0723 83 GLU A CD  
688 O OE1 . GLU A 101 ? 0.5079 0.4222 0.5310 0.1183  0.0102  -0.0760 83 GLU A OE1 
689 O OE2 . GLU A 101 ? 0.5559 0.4030 0.5318 0.1513  0.0079  -0.0754 83 GLU A OE2 
690 N N   . ILE A 102 ? 0.4103 0.3295 0.4501 0.0161  0.0652  -0.0806 84 ILE A N   
691 C CA  . ILE A 102 ? 0.4277 0.3728 0.4861 0.0048  0.0711  -0.0869 84 ILE A CA  
692 C C   . ILE A 102 ? 0.4690 0.4044 0.5316 -0.0244 0.0964  -0.0994 84 ILE A C   
693 O O   . ILE A 102 ? 0.4895 0.4251 0.5496 -0.0355 0.1142  -0.1040 84 ILE A O   
694 C CB  . ILE A 102 ? 0.3667 0.3654 0.4697 0.0090  0.0514  -0.0938 84 ILE A CB  
695 C CG1 . ILE A 102 ? 0.3620 0.3862 0.4839 0.0054  0.0555  -0.1011 84 ILE A CG1 
696 C CG2 . ILE A 102 ? 0.3717 0.3920 0.5008 -0.0020 0.0438  -0.1052 84 ILE A CG2 
697 C CD1 . ILE A 102 ? 0.3372 0.3948 0.4861 0.0195  0.0340  -0.1023 84 ILE A CD1 
698 N N   . ASP A 103 ? 0.5211 0.4491 0.5909 -0.0389 0.1006  -0.1083 85 ASP A N   
699 C CA  . ASP A 103 ? 0.5733 0.4929 0.6532 -0.0720 0.1279  -0.1263 85 ASP A CA  
700 C C   . ASP A 103 ? 0.6307 0.4706 0.6518 -0.0833 0.1580  -0.1169 85 ASP A C   
701 O O   . ASP A 103 ? 0.6861 0.5055 0.7027 -0.1137 0.1912  -0.1284 85 ASP A O   
702 C CB  . ASP A 103 ? 0.6233 0.5768 0.7431 -0.0849 0.1160  -0.1475 85 ASP A CB  
703 C CG  . ASP A 103 ? 0.6202 0.6460 0.7957 -0.0796 0.0907  -0.1637 85 ASP A CG  
704 O OD1 . ASP A 103 ? 0.6509 0.7067 0.8497 -0.0777 0.0930  -0.1680 85 ASP A OD1 
705 O OD2 . ASP A 103 ? 0.5691 0.6167 0.7592 -0.0743 0.0676  -0.1726 85 ASP A OD2 
706 N N   . ASN A 104 ? 0.6522 0.4436 0.6280 -0.0598 0.1487  -0.0987 86 ASN A N   
707 C CA  . ASN A 104 ? 0.7172 0.4200 0.6294 -0.0652 0.1733  -0.0894 86 ASN A CA  
708 C C   . ASN A 104 ? 0.7862 0.4250 0.6260 -0.0338 0.1708  -0.0643 86 ASN A C   
709 O O   . ASN A 104 ? 0.8580 0.4098 0.6302 -0.0372 0.1939  -0.0540 86 ASN A O   
710 C CB  . ASN A 104 ? 0.7371 0.4243 0.6511 -0.0617 0.1648  -0.0948 86 ASN A CB  
711 C CG  . ASN A 104 ? 0.6610 0.4017 0.6334 -0.0903 0.1639  -0.1217 86 ASN A CG  
712 O OD1 . ASN A 104 ? 0.6831 0.4050 0.6605 -0.1243 0.1899  -0.1389 86 ASN A OD1 
713 N ND2 . ASN A 104 ? 0.5685 0.3726 0.5817 -0.0770 0.1343  -0.1273 86 ASN A ND2 
714 N N   . ASN A 105 ? 0.7300 0.4068 0.5800 -0.0021 0.1415  -0.0560 87 ASN A N   
715 C CA  . ASN A 105 ? 0.7771 0.4013 0.5615 0.0330  0.1308  -0.0376 87 ASN A CA  
716 C C   . ASN A 105 ? 0.7387 0.4177 0.5454 0.0488  0.1106  -0.0375 87 ASN A C   
717 O O   . ASN A 105 ? 0.7338 0.4338 0.5467 0.0817  0.0807  -0.0354 87 ASN A O   
718 C CB  . ASN A 105 ? 0.8000 0.3977 0.5677 0.0676  0.1085  -0.0328 87 ASN A CB  
719 C CG  . ASN A 105 ? 0.9021 0.4244 0.5879 0.1064  0.0978  -0.0164 87 ASN A CG  
720 O OD1 . ASN A 105 ? 0.9974 0.4614 0.6167 0.1027  0.1145  -0.0043 87 ASN A OD1 
721 N ND2 . ASN A 105 ? 0.8934 0.4155 0.5813 0.1452  0.0696  -0.0182 87 ASN A ND2 
722 N N   . PRO A 106 ? 0.7212 0.4279 0.5468 0.0235  0.1284  -0.0445 88 PRO A N   
723 C CA  . PRO A 106 ? 0.6880 0.4533 0.5468 0.0334  0.1112  -0.0493 88 PRO A CA  
724 C C   . PRO A 106 ? 0.7705 0.5022 0.5693 0.0643  0.0976  -0.0381 88 PRO A C   
725 O O   . PRO A 106 ? 0.7269 0.5077 0.5549 0.0765  0.0778  -0.0444 88 PRO A O   
726 C CB  . PRO A 106 ? 0.6613 0.4560 0.5516 -0.0010 0.1383  -0.0632 88 PRO A CB  
727 C CG  . PRO A 106 ? 0.7385 0.4684 0.5849 -0.0283 0.1770  -0.0622 88 PRO A CG  
728 C CD  . PRO A 106 ? 0.7487 0.4397 0.5765 -0.0179 0.1673  -0.0542 88 PRO A CD  
729 N N   . LYS A 107 ? 0.8503 0.4964 0.5643 0.0797  0.1042  -0.0231 89 LYS A N   
730 C CA  . LYS A 107 ? 0.9646 0.5670 0.6055 0.1147  0.0867  -0.0128 89 LYS A CA  
731 C C   . LYS A 107 ? 0.9918 0.5807 0.6190 0.1591  0.0489  -0.0098 89 LYS A C   
732 O O   . LYS A 107 ? 1.0789 0.6214 0.6369 0.1952  0.0285  -0.0027 89 LYS A O   
733 C CB  . LYS A 107 ? 1.0689 0.5689 0.6030 0.1044  0.1220  0.0026  89 LYS A CB  
734 C CG  . LYS A 107 ? 1.0921 0.6076 0.6318 0.0665  0.1597  -0.0053 89 LYS A CG  
735 C CD  . LYS A 107 ? 1.2324 0.6374 0.6626 0.0480  0.2057  0.0089  89 LYS A CD  
736 C CE  . LYS A 107 ? 1.2720 0.6906 0.6931 0.0207  0.2402  -0.0010 89 LYS A CE  
737 N N   . VAL A 108 ? 0.9304 0.5603 0.6220 0.1586  0.0387  -0.0183 90 VAL A N   
738 C CA  . VAL A 108 ? 0.9672 0.6035 0.6670 0.1998  0.0044  -0.0235 90 VAL A CA  
739 C C   . VAL A 108 ? 1.0255 0.7175 0.7505 0.2291  -0.0315 -0.0363 90 VAL A C   
740 O O   . VAL A 108 ? 0.8615 0.6147 0.6362 0.2101  -0.0305 -0.0454 90 VAL A O   
741 C CB  . VAL A 108 ? 0.8800 0.5652 0.6548 0.1872  0.0056  -0.0350 90 VAL A CB  
742 C CG1 . VAL A 108 ? 0.7623 0.5384 0.6217 0.1641  0.0036  -0.0482 90 VAL A CG1 
743 C CG2 . VAL A 108 ? 0.8821 0.5653 0.6625 0.2280  -0.0214 -0.0434 90 VAL A CG2 
744 N N   . LYS A 109 ? 1.1890 0.8580 0.8799 0.2766  -0.0648 -0.0399 91 LYS A N   
745 C CA  . LYS A 109 ? 1.1875 0.9135 0.9069 0.3069  -0.1034 -0.0595 91 LYS A CA  
746 C C   . LYS A 109 ? 1.1622 0.9280 0.9332 0.3417  -0.1342 -0.0805 91 LYS A C   
747 O O   . LYS A 109 ? 1.0783 0.9018 0.9296 0.3221  -0.1242 -0.0930 91 LYS A O   
748 C CB  . LYS A 109 ? 1.2767 0.9379 0.8947 0.3392  -0.1215 -0.0503 91 LYS A CB  
749 C CG  . LYS A 109 ? 1.3467 0.9341 0.8806 0.3108  -0.0836 -0.0265 91 LYS A CG  
750 C CD  . LYS A 109 ? 1.2265 0.8764 0.8148 0.2701  -0.0627 -0.0341 91 LYS A CD  
751 C CE  . LYS A 109 ? 1.3346 0.9155 0.8333 0.2521  -0.0306 -0.0181 91 LYS A CE  
752 N NZ  . LYS A 109 ? 1.2461 0.8750 0.8061 0.2021  0.0062  -0.0232 91 LYS A NZ  
# 
loop_
_pdbx_poly_seq_scheme.asym_id 
_pdbx_poly_seq_scheme.entity_id 
_pdbx_poly_seq_scheme.seq_id 
_pdbx_poly_seq_scheme.mon_id 
_pdbx_poly_seq_scheme.ndb_seq_num 
_pdbx_poly_seq_scheme.pdb_seq_num 
_pdbx_poly_seq_scheme.auth_seq_num 
_pdbx_poly_seq_scheme.pdb_mon_id 
_pdbx_poly_seq_scheme.auth_mon_id 
_pdbx_poly_seq_scheme.pdb_strand_id 
_pdbx_poly_seq_scheme.pdb_ins_code 
_pdbx_poly_seq_scheme.hetero 
A 1 1   MET 1   -17 ?  ?   ?   A . n 
A 1 2   HIS 2   -16 ?  ?   ?   A . n 
A 1 3   HIS 3   -15 ?  ?   ?   A . n 
A 1 4   HIS 4   -14 ?  ?   ?   A . n 
A 1 5   HIS 5   -13 ?  ?   ?   A . n 
A 1 6   HIS 6   -12 ?  ?   ?   A . n 
A 1 7   HIS 7   -11 ?  ?   ?   A . n 
A 1 8   SER 8   -10 ?  ?   ?   A . n 
A 1 9   SER 9   -9  ?  ?   ?   A . n 
A 1 10  GLY 10  -8  ?  ?   ?   A . n 
A 1 11  ARG 11  -7  ?  ?   ?   A . n 
A 1 12  GLU 12  -6  ?  ?   ?   A . n 
A 1 13  ASN 13  -5  -5 ASN ASN A . n 
A 1 14  LEU 14  -4  -4 LEU LEU A . n 
A 1 15  TYR 15  -3  -3 TYR TYR A . n 
A 1 16  PHE 16  -2  -2 PHE PHE A . n 
A 1 17  GLN 17  -1  -1 GLN GLN A . n 
A 1 18  GLY 18  0   0  GLY GLY A . n 
A 1 19  MET 19  1   1  MET MET A . n 
A 1 20  THR 20  2   2  THR THR A . n 
A 1 21  ARG 21  3   3  ARG ARG A . n 
A 1 22  ASP 22  4   4  ASP ASP A . n 
A 1 23  PHE 23  5   5  PHE PHE A . n 
A 1 24  LYS 24  6   6  LYS LYS A . n 
A 1 25  PRO 25  7   7  PRO PRO A . n 
A 1 26  GLY 26  8   8  GLY GLY A . n 
A 1 27  ASP 27  9   9  ASP ASP A . n 
A 1 28  LEU 28  10  10 LEU LEU A . n 
A 1 29  ILE 29  11  11 ILE ILE A . n 
A 1 30  PHE 30  12  12 PHE PHE A . n 
A 1 31  ALA 31  13  13 ALA ALA A . n 
A 1 32  LYS 32  14  14 LYS LYS A . n 
A 1 33  MET 33  15  15 MET MET A . n 
A 1 34  LYS 34  16  16 LYS LYS A . n 
A 1 35  GLY 35  17  17 GLY GLY A . n 
A 1 36  TYR 36  18  18 TYR TYR A . n 
A 1 37  PRO 37  19  19 PRO PRO A . n 
A 1 38  HIS 38  20  20 HIS HIS A . n 
A 1 39  TRP 39  21  21 TRP TRP A . n 
A 1 40  PRO 40  22  22 PRO PRO A . n 
A 1 41  ALA 41  23  23 ALA ALA A . n 
A 1 42  ARG 42  24  24 ARG ARG A . n 
A 1 43  VAL 43  25  25 VAL VAL A . n 
A 1 44  ASP 44  26  26 ASP ASP A . n 
A 1 45  GLU 45  27  27 GLU GLU A . n 
A 1 46  VAL 46  28  28 VAL VAL A . n 
A 1 47  PRO 47  29  29 PRO PRO A . n 
A 1 48  ASP 48  30  30 ASP ASP A . n 
A 1 49  GLY 49  31  ?  ?   ?   A . n 
A 1 50  ALA 50  32  ?  ?   ?   A . n 
A 1 51  VAL 51  33  33 VAL VAL A . n 
A 1 52  LYS 52  34  34 LYS LYS A . n 
A 1 53  PRO 53  35  35 PRO PRO A . n 
A 1 54  PRO 54  36  36 PRO PRO A . n 
A 1 55  THR 55  37  37 THR THR A . n 
A 1 56  ASN 56  38  38 ASN ASN A . n 
A 1 57  LYS 57  39  39 LYS LYS A . n 
A 1 58  LEU 58  40  40 LEU LEU A . n 
A 1 59  PRO 59  41  41 PRO PRO A . n 
A 1 60  ILE 60  42  42 ILE ILE A . n 
A 1 61  PHE 61  43  43 PHE PHE A . n 
A 1 62  PHE 62  44  44 PHE PHE A . n 
A 1 63  PHE 63  45  45 PHE PHE A . n 
A 1 64  GLY 64  46  46 GLY GLY A . n 
A 1 65  THR 65  47  47 THR THR A . n 
A 1 66  HIS 66  48  48 HIS HIS A . n 
A 1 67  GLU 67  49  49 GLU GLU A . n 
A 1 68  THR 68  50  50 THR THR A . n 
A 1 69  ALA 69  51  51 ALA ALA A . n 
A 1 70  PHE 70  52  52 PHE PHE A . n 
A 1 71  LEU 71  53  53 LEU LEU A . n 
A 1 72  GLY 72  54  54 GLY GLY A . n 
A 1 73  PRO 73  55  55 PRO PRO A . n 
A 1 74  LYS 74  56  56 LYS LYS A . n 
A 1 75  ASP 75  57  57 ASP ASP A . n 
A 1 76  ILE 76  58  58 ILE ILE A . n 
A 1 77  PHE 77  59  59 PHE PHE A . n 
A 1 78  PRO 78  60  60 PRO PRO A . n 
A 1 79  TYR 79  61  61 TYR TYR A . n 
A 1 80  SER 80  62  62 SER SER A . n 
A 1 81  GLU 81  63  63 GLU GLU A . n 
A 1 82  ASN 82  64  64 ASN ASN A . n 
A 1 83  LYS 83  65  65 LYS LYS A . n 
A 1 84  GLU 84  66  66 GLU GLU A . n 
A 1 85  LYS 85  67  67 LYS LYS A . n 
A 1 86  TYR 86  68  68 TYR TYR A . n 
A 1 87  GLY 87  69  69 GLY GLY A . n 
A 1 88  LYS 88  70  70 LYS LYS A . n 
A 1 89  PRO 89  71  71 PRO PRO A . n 
A 1 90  ASN 90  72  72 ASN ASN A . n 
A 1 91  LYS 91  73  73 LYS LYS A . n 
A 1 92  ARG 92  74  74 ARG ARG A . n 
A 1 93  LYS 93  75  75 LYS LYS A . n 
A 1 94  GLY 94  76  76 GLY GLY A . n 
A 1 95  PHE 95  77  77 PHE PHE A . n 
A 1 96  ASN 96  78  78 ASN ASN A . n 
A 1 97  GLU 97  79  79 GLU GLU A . n 
A 1 98  GLY 98  80  80 GLY GLY A . n 
A 1 99  LEU 99  81  81 LEU LEU A . n 
A 1 100 TRP 100 82  82 TRP TRP A . n 
A 1 101 GLU 101 83  83 GLU GLU A . n 
A 1 102 ILE 102 84  84 ILE ILE A . n 
A 1 103 ASP 103 85  85 ASP ASP A . n 
A 1 104 ASN 104 86  86 ASN ASN A . n 
A 1 105 ASN 105 87  87 ASN ASN A . n 
A 1 106 PRO 106 88  88 PRO PRO A . n 
A 1 107 LYS 107 89  89 LYS LYS A . n 
A 1 108 VAL 108 90  90 VAL VAL A . n 
A 1 109 LYS 109 91  91 LYS LYS A . n 
A 1 110 PHE 110 92  ?  ?   ?   A . n 
A 1 111 SER 111 93  ?  ?   ?   A . n 
A 1 112 SER 112 94  ?  ?   ?   A . n 
A 1 113 GLN 113 95  ?  ?   ?   A . n 
A 1 114 GLN 114 96  ?  ?   ?   A . n 
A 1 115 ALA 115 97  ?  ?   ?   A . n 
A 1 116 ALA 116 98  ?  ?   ?   A . n 
A 1 117 THR 117 99  ?  ?   ?   A . n 
A 1 118 LYS 118 100 ?  ?   ?   A . n 
A 1 119 GLN 119 101 ?  ?   ?   A . n 
A 1 120 SER 120 102 ?  ?   ?   A . n 
A 1 121 ASN 121 103 ?  ?   ?   A . n 
A 1 122 ALA 122 104 ?  ?   ?   A . n 
A 1 123 SER 123 105 ?  ?   ?   A . n 
A 1 124 SER 124 106 ?  ?   ?   A . n 
A 1 125 ASP 125 107 ?  ?   ?   A . n 
A 1 126 VAL 126 108 ?  ?   ?   A . n 
A 1 127 GLU 127 109 ?  ?   ?   A . n 
A 1 128 VAL 128 110 ?  ?   ?   A . n 
A 1 129 GLU 129 111 ?  ?   ?   A . n 
A 1 130 GLU 130 112 ?  ?   ?   A . n 
A 1 131 LYS 131 113 ?  ?   ?   A . n 
A 1 132 GLU 132 114 ?  ?   ?   A . n 
A 1 133 THR 133 115 ?  ?   ?   A . n 
A 1 134 SER 134 116 ?  ?   ?   A . n 
A 1 135 VAL 135 117 ?  ?   ?   A . n 
A 1 136 SER 136 118 ?  ?   ?   A . n 
A 1 137 LYS 137 119 ?  ?   ?   A . n 
A 1 138 GLU 138 120 ?  ?   ?   A . n 
A 1 139 ASP 139 121 ?  ?   ?   A . n 
A 1 140 THR 140 122 ?  ?   ?   A . n 
A 1 141 ASP 141 123 ?  ?   ?   A . n 
A 1 142 HIS 142 124 ?  ?   ?   A . n 
A 1 143 GLU 143 125 ?  ?   ?   A . n 
A 1 144 GLU 144 126 ?  ?   ?   A . n 
A 1 145 LYS 145 127 ?  ?   ?   A . n 
A 1 146 ALA 146 128 ?  ?   ?   A . n 
A 1 147 SER 147 129 ?  ?   ?   A . n 
A 1 148 ASN 148 130 ?  ?   ?   A . n 
A 1 149 GLU 149 131 ?  ?   ?   A . n 
A 1 150 ASP 150 132 ?  ?   ?   A . n 
A 1 151 VAL 151 133 ?  ?   ?   A . n 
A 1 152 THR 152 134 ?  ?   ?   A . n 
A 1 153 LYS 153 135 ?  ?   ?   A . n 
# 
_pdbx_SG_project.id                    1 
_pdbx_SG_project.project_name          ? 
_pdbx_SG_project.full_name_of_center   'Structural Genomics Consortium' 
_pdbx_SG_project.initial_of_center     SGC 
# 
loop_
_pdbx_nonpoly_scheme.asym_id 
_pdbx_nonpoly_scheme.entity_id 
_pdbx_nonpoly_scheme.mon_id 
_pdbx_nonpoly_scheme.ndb_seq_num 
_pdbx_nonpoly_scheme.pdb_seq_num 
_pdbx_nonpoly_scheme.auth_seq_num 
_pdbx_nonpoly_scheme.pdb_mon_id 
_pdbx_nonpoly_scheme.auth_mon_id 
_pdbx_nonpoly_scheme.pdb_strand_id 
_pdbx_nonpoly_scheme.pdb_ins_code 
B 2 SO4 1  201 1  SO4 SO4 A . 
C 2 SO4 1  202 3  SO4 SO4 A . 
D 2 SO4 1  203 4  SO4 SO4 A . 
E 3 GOL 1  204 1  GOL GOL A . 
F 4 UNX 1  205 1  UNX UNX A . 
G 4 UNX 1  206 2  UNX UNX A . 
H 4 UNX 1  207 3  UNX UNX A . 
I 4 UNX 1  208 4  UNX UNX A . 
J 4 UNX 1  209 6  UNX UNX A . 
K 5 HOH 1  301 1  HOH HOH A . 
K 5 HOH 2  302 2  HOH HOH A . 
K 5 HOH 3  303 3  HOH HOH A . 
K 5 HOH 4  304 4  HOH HOH A . 
K 5 HOH 5  305 5  HOH HOH A . 
K 5 HOH 6  306 6  HOH HOH A . 
K 5 HOH 7  307 8  HOH HOH A . 
K 5 HOH 8  308 9  HOH HOH A . 
K 5 HOH 9  309 10 HOH HOH A . 
K 5 HOH 10 310 11 HOH HOH A . 
K 5 HOH 11 311 12 HOH HOH A . 
K 5 HOH 12 312 13 HOH HOH A . 
K 5 HOH 13 313 15 HOH HOH A . 
K 5 HOH 14 314 16 HOH HOH A . 
K 5 HOH 15 315 17 HOH HOH A . 
K 5 HOH 16 316 18 HOH HOH A . 
K 5 HOH 17 317 19 HOH HOH A . 
K 5 HOH 18 318 20 HOH HOH A . 
K 5 HOH 19 319 21 HOH HOH A . 
K 5 HOH 20 320 22 HOH HOH A . 
K 5 HOH 21 321 23 HOH HOH A . 
K 5 HOH 22 322 24 HOH HOH A . 
K 5 HOH 23 323 25 HOH HOH A . 
K 5 HOH 24 324 26 HOH HOH A . 
K 5 HOH 25 325 27 HOH HOH A . 
K 5 HOH 26 326 28 HOH HOH A . 
K 5 HOH 27 327 29 HOH HOH A . 
K 5 HOH 28 328 30 HOH HOH A . 
K 5 HOH 29 329 31 HOH HOH A . 
K 5 HOH 30 330 32 HOH HOH A . 
# 
_pdbx_struct_assembly.id                   1 
_pdbx_struct_assembly.details              software_defined_assembly 
_pdbx_struct_assembly.method_details       PISA 
_pdbx_struct_assembly.oligomeric_details   monomeric 
_pdbx_struct_assembly.oligomeric_count     1 
# 
_pdbx_struct_assembly_gen.assembly_id       1 
_pdbx_struct_assembly_gen.oper_expression   1 
_pdbx_struct_assembly_gen.asym_id_list      A,B,C,D,E,F,G,H,I,J,K 
# 
_pdbx_struct_oper_list.id                   1 
_pdbx_struct_oper_list.type                 'identity operation' 
_pdbx_struct_oper_list.name                 1_555 
_pdbx_struct_oper_list.symmetry_operation   x,y,z 
_pdbx_struct_oper_list.matrix[1][1]         1.0000000000 
_pdbx_struct_oper_list.matrix[1][2]         0.0000000000 
_pdbx_struct_oper_list.matrix[1][3]         0.0000000000 
_pdbx_struct_oper_list.vector[1]            0.0000000000 
_pdbx_struct_oper_list.matrix[2][1]         0.0000000000 
_pdbx_struct_oper_list.matrix[2][2]         1.0000000000 
_pdbx_struct_oper_list.matrix[2][3]         0.0000000000 
_pdbx_struct_oper_list.vector[2]            0.0000000000 
_pdbx_struct_oper_list.matrix[3][1]         0.0000000000 
_pdbx_struct_oper_list.matrix[3][2]         0.0000000000 
_pdbx_struct_oper_list.matrix[3][3]         1.0000000000 
_pdbx_struct_oper_list.vector[3]            0.0000000000 
# 
loop_
_pdbx_struct_special_symmetry.id 
_pdbx_struct_special_symmetry.PDB_model_num 
_pdbx_struct_special_symmetry.auth_asym_id 
_pdbx_struct_special_symmetry.auth_comp_id 
_pdbx_struct_special_symmetry.auth_seq_id 
_pdbx_struct_special_symmetry.PDB_ins_code 
_pdbx_struct_special_symmetry.label_asym_id 
_pdbx_struct_special_symmetry.label_comp_id 
_pdbx_struct_special_symmetry.label_seq_id 
1 1 A HOH 302 ? K HOH . 
2 1 A HOH 303 ? K HOH . 
# 
loop_
_pdbx_audit_revision_history.ordinal 
_pdbx_audit_revision_history.data_content_type 
_pdbx_audit_revision_history.major_revision 
_pdbx_audit_revision_history.minor_revision 
_pdbx_audit_revision_history.revision_date 
1 'Structure model' 1 0 2012-08-29 
2 'Structure model' 1 1 2017-11-15 
3 'Structure model' 1 2 2021-08-04 
4 'Structure model' 1 3 2023-09-13 
# 
_pdbx_audit_revision_details.ordinal             1 
_pdbx_audit_revision_details.revision_ordinal    1 
_pdbx_audit_revision_details.data_content_type   'Structure model' 
_pdbx_audit_revision_details.provider            repository 
_pdbx_audit_revision_details.type                'Initial release' 
_pdbx_audit_revision_details.description         ? 
_pdbx_audit_revision_details.details             ? 
# 
loop_
_pdbx_audit_revision_group.ordinal 
_pdbx_audit_revision_group.revision_ordinal 
_pdbx_audit_revision_group.data_content_type 
_pdbx_audit_revision_group.group 
1 2 'Structure model' 'Refinement description' 
2 3 'Structure model' 'Database references'    
3 3 'Structure model' 'Derived calculations'   
4 4 'Structure model' 'Data collection'        
5 4 'Structure model' 'Database references'    
6 4 'Structure model' 'Refinement description' 
# 
loop_
_pdbx_audit_revision_category.ordinal 
_pdbx_audit_revision_category.revision_ordinal 
_pdbx_audit_revision_category.data_content_type 
_pdbx_audit_revision_category.category 
1 2 'Structure model' software                      
2 3 'Structure model' citation                      
3 3 'Structure model' citation_author               
4 3 'Structure model' struct_ref_seq_dif            
5 3 'Structure model' struct_site                   
6 4 'Structure model' chem_comp_atom                
7 4 'Structure model' chem_comp_bond                
8 4 'Structure model' database_2                    
9 4 'Structure model' pdbx_initial_refinement_model 
# 
loop_
_pdbx_audit_revision_item.ordinal 
_pdbx_audit_revision_item.revision_ordinal 
_pdbx_audit_revision_item.data_content_type 
_pdbx_audit_revision_item.item 
1  3 'Structure model' '_citation.country'                   
2  3 'Structure model' '_citation.journal_abbrev'            
3  3 'Structure model' '_citation.journal_id_ASTM'           
4  3 'Structure model' '_citation.journal_id_CSD'            
5  3 'Structure model' '_citation.journal_id_ISSN'           
6  3 'Structure model' '_citation.journal_volume'            
7  3 'Structure model' '_citation.page_first'                
8  3 'Structure model' '_citation.page_last'                 
9  3 'Structure model' '_citation.pdbx_database_id_DOI'      
10 3 'Structure model' '_citation.pdbx_database_id_PubMed'   
11 3 'Structure model' '_citation.title'                     
12 3 'Structure model' '_citation.year'                      
13 3 'Structure model' '_struct_ref_seq_dif.details'         
14 3 'Structure model' '_struct_site.pdbx_auth_asym_id'      
15 3 'Structure model' '_struct_site.pdbx_auth_comp_id'      
16 3 'Structure model' '_struct_site.pdbx_auth_seq_id'       
17 4 'Structure model' '_database_2.pdbx_DOI'                
18 4 'Structure model' '_database_2.pdbx_database_accession' 
# 
_pdbx_refine_tls.pdbx_refine_id   'X-RAY DIFFRACTION' 
_pdbx_refine_tls.id               1 
_pdbx_refine_tls.details          ? 
_pdbx_refine_tls.method           refined 
_pdbx_refine_tls.origin_x         -0.3653 
_pdbx_refine_tls.origin_y         0.2373 
_pdbx_refine_tls.origin_z         -0.3615 
_pdbx_refine_tls.T[1][1]          0.0459 
_pdbx_refine_tls.T[2][2]          0.1414 
_pdbx_refine_tls.T[3][3]          0.2341 
_pdbx_refine_tls.T[1][2]          0.0674 
_pdbx_refine_tls.T[1][3]          -0.0164 
_pdbx_refine_tls.T[2][3]          -0.1072 
_pdbx_refine_tls.L[1][1]          3.1191 
_pdbx_refine_tls.L[2][2]          6.9900 
_pdbx_refine_tls.L[3][3]          6.1566 
_pdbx_refine_tls.L[1][2]          -0.6544 
_pdbx_refine_tls.L[1][3]          -0.8673 
_pdbx_refine_tls.L[2][3]          4.0527 
_pdbx_refine_tls.S[1][1]          -0.1771 
_pdbx_refine_tls.S[2][2]          0.0628 
_pdbx_refine_tls.S[3][3]          0.1143 
_pdbx_refine_tls.S[1][2]          -0.2606 
_pdbx_refine_tls.S[1][3]          0.2539 
_pdbx_refine_tls.S[2][3]          0.0763 
_pdbx_refine_tls.S[2][1]          0.1539 
_pdbx_refine_tls.S[3][1]          0.1072 
_pdbx_refine_tls.S[3][2]          -0.0824 
# 
loop_
_pdbx_refine_tls_group.pdbx_refine_id 
_pdbx_refine_tls_group.id 
_pdbx_refine_tls_group.refine_tls_id 
_pdbx_refine_tls_group.beg_auth_asym_id 
_pdbx_refine_tls_group.beg_auth_seq_id 
_pdbx_refine_tls_group.end_auth_asym_id 
_pdbx_refine_tls_group.end_auth_seq_id 
_pdbx_refine_tls_group.selection_details 
_pdbx_refine_tls_group.beg_label_asym_id 
_pdbx_refine_tls_group.beg_label_seq_id 
_pdbx_refine_tls_group.end_label_asym_id 
_pdbx_refine_tls_group.end_label_seq_id 
_pdbx_refine_tls_group.selection 
'X-RAY DIFFRACTION' 1 1 A -5  A 91  ? . . . . ? 
'X-RAY DIFFRACTION' 2 1 A 201 A 209 ? . . . . ? 
'X-RAY DIFFRACTION' 3 1 A 301 A 330 ? . . . . ? 
# 
_phasing.method   MR 
# 
loop_
_software.pdbx_ordinal 
_software.name 
_software.version 
_software.date 
_software.type 
_software.contact_author 
_software.contact_author_email 
_software.classification 
_software.location 
_software.language 
_software.citation_id 
1 DENZO       .        ?                package 'Zbyszek Otwinowski' hkl@hkl-xray.com            'data reduction'  
http://www.hkl-xray.com/                     ?          ? 
2 SCALEPACK   .        ?                package 'Zbyszek Otwinowski' hkl@hkl-xray.com            'data scaling'    
http://www.hkl-xray.com/                     ?          ? 
3 PHASER      .        ?                program 'Randy J. Read'      cimr-phaser@lists.cam.ac.uk phasing           
http://www-structmed.cimr.cam.ac.uk/phaser/  ?          ? 
4 REFMAC      5.7.0027 ?                program 'Garib N. Murshudov' garib@ysbl.york.ac.uk       refinement        
http://www.ccp4.ac.uk/dist/html/refmac5.html Fortran_77 ? 
5 PDB_EXTRACT 3.11     'August 3, 2011' package PDB                  deposit@deposit.rcsb.org    'data extraction' 
http://sw-tools.pdb.org/apps/PDB_EXTRACT/    C++        ? 
6 HKL-2000    .        ?                ?       ?                    ?                           'data reduction'  ? ?          ? 
7 HKL-2000    .        ?                ?       ?                    ?                           'data scaling'    ? ?          ? 
# 
_pdbx_entry_details.entry_id                 4FU6 
_pdbx_entry_details.nonpolymer_details       ? 
_pdbx_entry_details.sequence_details         
;CALCULATED VALUES FOR MATTHEWS COEFFICIENT AND SOLVENT CONTENT(2.35/47.77) ARE BASED ON THE ENTIRE SEQUENCE OF THE CONSTRUCT. AUTHOR STATES THAT THE ACTUAL SEQUENCE MAY BE SHORTER DUE TO PROTEOLYTIC ACTIVITY.
;
_pdbx_entry_details.compound_details         ? 
_pdbx_entry_details.source_details           ? 
_pdbx_entry_details.has_ligand_of_interest   ? 
# 
loop_
_pdbx_validate_torsion.id 
_pdbx_validate_torsion.PDB_model_num 
_pdbx_validate_torsion.auth_comp_id 
_pdbx_validate_torsion.auth_asym_id 
_pdbx_validate_torsion.auth_seq_id 
_pdbx_validate_torsion.PDB_ins_code 
_pdbx_validate_torsion.label_alt_id 
_pdbx_validate_torsion.phi 
_pdbx_validate_torsion.psi 
1 1 TYR A -3 ? ? 69.39   -54.27 
2 1 ASN A 87 ? ? -148.77 55.44  
# 
loop_
_pdbx_unobs_or_zero_occ_atoms.id 
_pdbx_unobs_or_zero_occ_atoms.PDB_model_num 
_pdbx_unobs_or_zero_occ_atoms.polymer_flag 
_pdbx_unobs_or_zero_occ_atoms.occupancy_flag 
_pdbx_unobs_or_zero_occ_atoms.auth_asym_id 
_pdbx_unobs_or_zero_occ_atoms.auth_comp_id 
_pdbx_unobs_or_zero_occ_atoms.auth_seq_id 
_pdbx_unobs_or_zero_occ_atoms.PDB_ins_code 
_pdbx_unobs_or_zero_occ_atoms.auth_atom_id 
_pdbx_unobs_or_zero_occ_atoms.label_alt_id 
_pdbx_unobs_or_zero_occ_atoms.label_asym_id 
_pdbx_unobs_or_zero_occ_atoms.label_comp_id 
_pdbx_unobs_or_zero_occ_atoms.label_seq_id 
_pdbx_unobs_or_zero_occ_atoms.label_atom_id 
1  1 Y 1 A LYS 6  ? NZ  ? A LYS 24  NZ  
2  1 Y 1 A LYS 16 ? CD  ? A LYS 34  CD  
3  1 Y 1 A LYS 16 ? CE  ? A LYS 34  CE  
4  1 Y 1 A LYS 16 ? NZ  ? A LYS 34  NZ  
5  1 Y 1 A GLU 27 ? OE1 ? A GLU 45  OE1 
6  1 Y 1 A GLU 27 ? OE2 ? A GLU 45  OE2 
7  1 Y 1 A VAL 28 ? CG1 ? A VAL 46  CG1 
8  1 Y 1 A VAL 28 ? CG2 ? A VAL 46  CG2 
9  1 Y 1 A ASP 30 ? C   ? A ASP 48  C   
10 1 Y 1 A ASP 30 ? O   ? A ASP 48  O   
11 1 Y 1 A ASP 30 ? CB  ? A ASP 48  CB  
12 1 Y 1 A ASP 30 ? CG  ? A ASP 48  CG  
13 1 Y 1 A ASP 30 ? OD1 ? A ASP 48  OD1 
14 1 Y 1 A ASP 30 ? OD2 ? A ASP 48  OD2 
15 1 Y 1 A VAL 33 ? CG1 ? A VAL 51  CG1 
16 1 Y 1 A VAL 33 ? CG2 ? A VAL 51  CG2 
17 1 Y 1 A LYS 34 ? CG  ? A LYS 52  CG  
18 1 Y 1 A LYS 34 ? CD  ? A LYS 52  CD  
19 1 Y 1 A LYS 34 ? CE  ? A LYS 52  CE  
20 1 Y 1 A LYS 34 ? NZ  ? A LYS 52  NZ  
21 1 Y 1 A LYS 65 ? CE  ? A LYS 83  CE  
22 1 Y 1 A LYS 65 ? NZ  ? A LYS 83  NZ  
23 1 Y 1 A GLU 66 ? OE1 ? A GLU 84  OE1 
24 1 Y 1 A GLU 66 ? OE2 ? A GLU 84  OE2 
25 1 Y 1 A LYS 70 ? CD  ? A LYS 88  CD  
26 1 Y 1 A LYS 70 ? CE  ? A LYS 88  CE  
27 1 Y 1 A LYS 70 ? NZ  ? A LYS 88  NZ  
28 1 Y 1 A LYS 73 ? CD  ? A LYS 91  CD  
29 1 Y 1 A LYS 73 ? CE  ? A LYS 91  CE  
30 1 Y 1 A LYS 73 ? NZ  ? A LYS 91  NZ  
31 1 Y 1 A LYS 75 ? CD  ? A LYS 93  CD  
32 1 Y 1 A LYS 75 ? CE  ? A LYS 93  CE  
33 1 Y 1 A LYS 75 ? NZ  ? A LYS 93  NZ  
34 1 Y 1 A LYS 89 ? NZ  ? A LYS 107 NZ  
# 
loop_
_pdbx_unobs_or_zero_occ_residues.id 
_pdbx_unobs_or_zero_occ_residues.PDB_model_num 
_pdbx_unobs_or_zero_occ_residues.polymer_flag 
_pdbx_unobs_or_zero_occ_residues.occupancy_flag 
_pdbx_unobs_or_zero_occ_residues.auth_asym_id 
_pdbx_unobs_or_zero_occ_residues.auth_comp_id 
_pdbx_unobs_or_zero_occ_residues.auth_seq_id 
_pdbx_unobs_or_zero_occ_residues.PDB_ins_code 
_pdbx_unobs_or_zero_occ_residues.label_asym_id 
_pdbx_unobs_or_zero_occ_residues.label_comp_id 
_pdbx_unobs_or_zero_occ_residues.label_seq_id 
1  1 Y 1 A MET -17 ? A MET 1   
2  1 Y 1 A HIS -16 ? A HIS 2   
3  1 Y 1 A HIS -15 ? A HIS 3   
4  1 Y 1 A HIS -14 ? A HIS 4   
5  1 Y 1 A HIS -13 ? A HIS 5   
6  1 Y 1 A HIS -12 ? A HIS 6   
7  1 Y 1 A HIS -11 ? A HIS 7   
8  1 Y 1 A SER -10 ? A SER 8   
9  1 Y 1 A SER -9  ? A SER 9   
10 1 Y 1 A GLY -8  ? A GLY 10  
11 1 Y 1 A ARG -7  ? A ARG 11  
12 1 Y 1 A GLU -6  ? A GLU 12  
13 1 Y 1 A GLY 31  ? A GLY 49  
14 1 Y 1 A ALA 32  ? A ALA 50  
15 1 Y 1 A PHE 92  ? A PHE 110 
16 1 Y 1 A SER 93  ? A SER 111 
17 1 Y 1 A SER 94  ? A SER 112 
18 1 Y 1 A GLN 95  ? A GLN 113 
19 1 Y 1 A GLN 96  ? A GLN 114 
20 1 Y 1 A ALA 97  ? A ALA 115 
21 1 Y 1 A ALA 98  ? A ALA 116 
22 1 Y 1 A THR 99  ? A THR 117 
23 1 Y 1 A LYS 100 ? A LYS 118 
24 1 Y 1 A GLN 101 ? A GLN 119 
25 1 Y 1 A SER 102 ? A SER 120 
26 1 Y 1 A ASN 103 ? A ASN 121 
27 1 Y 1 A ALA 104 ? A ALA 122 
28 1 Y 1 A SER 105 ? A SER 123 
29 1 Y 1 A SER 106 ? A SER 124 
30 1 Y 1 A ASP 107 ? A ASP 125 
31 1 Y 1 A VAL 108 ? A VAL 126 
32 1 Y 1 A GLU 109 ? A GLU 127 
33 1 Y 1 A VAL 110 ? A VAL 128 
34 1 Y 1 A GLU 111 ? A GLU 129 
35 1 Y 1 A GLU 112 ? A GLU 130 
36 1 Y 1 A LYS 113 ? A LYS 131 
37 1 Y 1 A GLU 114 ? A GLU 132 
38 1 Y 1 A THR 115 ? A THR 133 
39 1 Y 1 A SER 116 ? A SER 134 
40 1 Y 1 A VAL 117 ? A VAL 135 
41 1 Y 1 A SER 118 ? A SER 136 
42 1 Y 1 A LYS 119 ? A LYS 137 
43 1 Y 1 A GLU 120 ? A GLU 138 
44 1 Y 1 A ASP 121 ? A ASP 139 
45 1 Y 1 A THR 122 ? A THR 140 
46 1 Y 1 A ASP 123 ? A ASP 141 
47 1 Y 1 A HIS 124 ? A HIS 142 
48 1 Y 1 A GLU 125 ? A GLU 143 
49 1 Y 1 A GLU 126 ? A GLU 144 
50 1 Y 1 A LYS 127 ? A LYS 145 
51 1 Y 1 A ALA 128 ? A ALA 146 
52 1 Y 1 A SER 129 ? A SER 147 
53 1 Y 1 A ASN 130 ? A ASN 148 
54 1 Y 1 A GLU 131 ? A GLU 149 
55 1 Y 1 A ASP 132 ? A ASP 150 
56 1 Y 1 A VAL 133 ? A VAL 151 
57 1 Y 1 A THR 134 ? A THR 152 
58 1 Y 1 A LYS 135 ? A LYS 153 
# 
loop_
_chem_comp_atom.comp_id 
_chem_comp_atom.atom_id 
_chem_comp_atom.type_symbol 
_chem_comp_atom.pdbx_aromatic_flag 
_chem_comp_atom.pdbx_stereo_config 
_chem_comp_atom.pdbx_ordinal 
ALA N    N N N 1   
ALA CA   C N S 2   
ALA C    C N N 3   
ALA O    O N N 4   
ALA CB   C N N 5   
ALA OXT  O N N 6   
ALA H    H N N 7   
ALA H2   H N N 8   
ALA HA   H N N 9   
ALA HB1  H N N 10  
ALA HB2  H N N 11  
ALA HB3  H N N 12  
ALA HXT  H N N 13  
ARG N    N N N 14  
ARG CA   C N S 15  
ARG C    C N N 16  
ARG O    O N N 17  
ARG CB   C N N 18  
ARG CG   C N N 19  
ARG CD   C N N 20  
ARG NE   N N N 21  
ARG CZ   C N N 22  
ARG NH1  N N N 23  
ARG NH2  N N N 24  
ARG OXT  O N N 25  
ARG H    H N N 26  
ARG H2   H N N 27  
ARG HA   H N N 28  
ARG HB2  H N N 29  
ARG HB3  H N N 30  
ARG HG2  H N N 31  
ARG HG3  H N N 32  
ARG HD2  H N N 33  
ARG HD3  H N N 34  
ARG HE   H N N 35  
ARG HH11 H N N 36  
ARG HH12 H N N 37  
ARG HH21 H N N 38  
ARG HH22 H N N 39  
ARG HXT  H N N 40  
ASN N    N N N 41  
ASN CA   C N S 42  
ASN C    C N N 43  
ASN O    O N N 44  
ASN CB   C N N 45  
ASN CG   C N N 46  
ASN OD1  O N N 47  
ASN ND2  N N N 48  
ASN OXT  O N N 49  
ASN H    H N N 50  
ASN H2   H N N 51  
ASN HA   H N N 52  
ASN HB2  H N N 53  
ASN HB3  H N N 54  
ASN HD21 H N N 55  
ASN HD22 H N N 56  
ASN HXT  H N N 57  
ASP N    N N N 58  
ASP CA   C N S 59  
ASP C    C N N 60  
ASP O    O N N 61  
ASP CB   C N N 62  
ASP CG   C N N 63  
ASP OD1  O N N 64  
ASP OD2  O N N 65  
ASP OXT  O N N 66  
ASP H    H N N 67  
ASP H2   H N N 68  
ASP HA   H N N 69  
ASP HB2  H N N 70  
ASP HB3  H N N 71  
ASP HD2  H N N 72  
ASP HXT  H N N 73  
GLN N    N N N 74  
GLN CA   C N S 75  
GLN C    C N N 76  
GLN O    O N N 77  
GLN CB   C N N 78  
GLN CG   C N N 79  
GLN CD   C N N 80  
GLN OE1  O N N 81  
GLN NE2  N N N 82  
GLN OXT  O N N 83  
GLN H    H N N 84  
GLN H2   H N N 85  
GLN HA   H N N 86  
GLN HB2  H N N 87  
GLN HB3  H N N 88  
GLN HG2  H N N 89  
GLN HG3  H N N 90  
GLN HE21 H N N 91  
GLN HE22 H N N 92  
GLN HXT  H N N 93  
GLU N    N N N 94  
GLU CA   C N S 95  
GLU C    C N N 96  
GLU O    O N N 97  
GLU CB   C N N 98  
GLU CG   C N N 99  
GLU CD   C N N 100 
GLU OE1  O N N 101 
GLU OE2  O N N 102 
GLU OXT  O N N 103 
GLU H    H N N 104 
GLU H2   H N N 105 
GLU HA   H N N 106 
GLU HB2  H N N 107 
GLU HB3  H N N 108 
GLU HG2  H N N 109 
GLU HG3  H N N 110 
GLU HE2  H N N 111 
GLU HXT  H N N 112 
GLY N    N N N 113 
GLY CA   C N N 114 
GLY C    C N N 115 
GLY O    O N N 116 
GLY OXT  O N N 117 
GLY H    H N N 118 
GLY H2   H N N 119 
GLY HA2  H N N 120 
GLY HA3  H N N 121 
GLY HXT  H N N 122 
GOL C1   C N N 123 
GOL O1   O N N 124 
GOL C2   C N N 125 
GOL O2   O N N 126 
GOL C3   C N N 127 
GOL O3   O N N 128 
GOL H11  H N N 129 
GOL H12  H N N 130 
GOL HO1  H N N 131 
GOL H2   H N N 132 
GOL HO2  H N N 133 
GOL H31  H N N 134 
GOL H32  H N N 135 
GOL HO3  H N N 136 
HIS N    N N N 137 
HIS CA   C N S 138 
HIS C    C N N 139 
HIS O    O N N 140 
HIS CB   C N N 141 
HIS CG   C Y N 142 
HIS ND1  N Y N 143 
HIS CD2  C Y N 144 
HIS CE1  C Y N 145 
HIS NE2  N Y N 146 
HIS OXT  O N N 147 
HIS H    H N N 148 
HIS H2   H N N 149 
HIS HA   H N N 150 
HIS HB2  H N N 151 
HIS HB3  H N N 152 
HIS HD1  H N N 153 
HIS HD2  H N N 154 
HIS HE1  H N N 155 
HIS HE2  H N N 156 
HIS HXT  H N N 157 
HOH O    O N N 158 
HOH H1   H N N 159 
HOH H2   H N N 160 
ILE N    N N N 161 
ILE CA   C N S 162 
ILE C    C N N 163 
ILE O    O N N 164 
ILE CB   C N S 165 
ILE CG1  C N N 166 
ILE CG2  C N N 167 
ILE CD1  C N N 168 
ILE OXT  O N N 169 
ILE H    H N N 170 
ILE H2   H N N 171 
ILE HA   H N N 172 
ILE HB   H N N 173 
ILE HG12 H N N 174 
ILE HG13 H N N 175 
ILE HG21 H N N 176 
ILE HG22 H N N 177 
ILE HG23 H N N 178 
ILE HD11 H N N 179 
ILE HD12 H N N 180 
ILE HD13 H N N 181 
ILE HXT  H N N 182 
LEU N    N N N 183 
LEU CA   C N S 184 
LEU C    C N N 185 
LEU O    O N N 186 
LEU CB   C N N 187 
LEU CG   C N N 188 
LEU CD1  C N N 189 
LEU CD2  C N N 190 
LEU OXT  O N N 191 
LEU H    H N N 192 
LEU H2   H N N 193 
LEU HA   H N N 194 
LEU HB2  H N N 195 
LEU HB3  H N N 196 
LEU HG   H N N 197 
LEU HD11 H N N 198 
LEU HD12 H N N 199 
LEU HD13 H N N 200 
LEU HD21 H N N 201 
LEU HD22 H N N 202 
LEU HD23 H N N 203 
LEU HXT  H N N 204 
LYS N    N N N 205 
LYS CA   C N S 206 
LYS C    C N N 207 
LYS O    O N N 208 
LYS CB   C N N 209 
LYS CG   C N N 210 
LYS CD   C N N 211 
LYS CE   C N N 212 
LYS NZ   N N N 213 
LYS OXT  O N N 214 
LYS H    H N N 215 
LYS H2   H N N 216 
LYS HA   H N N 217 
LYS HB2  H N N 218 
LYS HB3  H N N 219 
LYS HG2  H N N 220 
LYS HG3  H N N 221 
LYS HD2  H N N 222 
LYS HD3  H N N 223 
LYS HE2  H N N 224 
LYS HE3  H N N 225 
LYS HZ1  H N N 226 
LYS HZ2  H N N 227 
LYS HZ3  H N N 228 
LYS HXT  H N N 229 
MET N    N N N 230 
MET CA   C N S 231 
MET C    C N N 232 
MET O    O N N 233 
MET CB   C N N 234 
MET CG   C N N 235 
MET SD   S N N 236 
MET CE   C N N 237 
MET OXT  O N N 238 
MET H    H N N 239 
MET H2   H N N 240 
MET HA   H N N 241 
MET HB2  H N N 242 
MET HB3  H N N 243 
MET HG2  H N N 244 
MET HG3  H N N 245 
MET HE1  H N N 246 
MET HE2  H N N 247 
MET HE3  H N N 248 
MET HXT  H N N 249 
PHE N    N N N 250 
PHE CA   C N S 251 
PHE C    C N N 252 
PHE O    O N N 253 
PHE CB   C N N 254 
PHE CG   C Y N 255 
PHE CD1  C Y N 256 
PHE CD2  C Y N 257 
PHE CE1  C Y N 258 
PHE CE2  C Y N 259 
PHE CZ   C Y N 260 
PHE OXT  O N N 261 
PHE H    H N N 262 
PHE H2   H N N 263 
PHE HA   H N N 264 
PHE HB2  H N N 265 
PHE HB3  H N N 266 
PHE HD1  H N N 267 
PHE HD2  H N N 268 
PHE HE1  H N N 269 
PHE HE2  H N N 270 
PHE HZ   H N N 271 
PHE HXT  H N N 272 
PRO N    N N N 273 
PRO CA   C N S 274 
PRO C    C N N 275 
PRO O    O N N 276 
PRO CB   C N N 277 
PRO CG   C N N 278 
PRO CD   C N N 279 
PRO OXT  O N N 280 
PRO H    H N N 281 
PRO HA   H N N 282 
PRO HB2  H N N 283 
PRO HB3  H N N 284 
PRO HG2  H N N 285 
PRO HG3  H N N 286 
PRO HD2  H N N 287 
PRO HD3  H N N 288 
PRO HXT  H N N 289 
SER N    N N N 290 
SER CA   C N S 291 
SER C    C N N 292 
SER O    O N N 293 
SER CB   C N N 294 
SER OG   O N N 295 
SER OXT  O N N 296 
SER H    H N N 297 
SER H2   H N N 298 
SER HA   H N N 299 
SER HB2  H N N 300 
SER HB3  H N N 301 
SER HG   H N N 302 
SER HXT  H N N 303 
SO4 S    S N N 304 
SO4 O1   O N N 305 
SO4 O2   O N N 306 
SO4 O3   O N N 307 
SO4 O4   O N N 308 
THR N    N N N 309 
THR CA   C N S 310 
THR C    C N N 311 
THR O    O N N 312 
THR CB   C N R 313 
THR OG1  O N N 314 
THR CG2  C N N 315 
THR OXT  O N N 316 
THR H    H N N 317 
THR H2   H N N 318 
THR HA   H N N 319 
THR HB   H N N 320 
THR HG1  H N N 321 
THR HG21 H N N 322 
THR HG22 H N N 323 
THR HG23 H N N 324 
THR HXT  H N N 325 
TRP N    N N N 326 
TRP CA   C N S 327 
TRP C    C N N 328 
TRP O    O N N 329 
TRP CB   C N N 330 
TRP CG   C Y N 331 
TRP CD1  C Y N 332 
TRP CD2  C Y N 333 
TRP NE1  N Y N 334 
TRP CE2  C Y N 335 
TRP CE3  C Y N 336 
TRP CZ2  C Y N 337 
TRP CZ3  C Y N 338 
TRP CH2  C Y N 339 
TRP OXT  O N N 340 
TRP H    H N N 341 
TRP H2   H N N 342 
TRP HA   H N N 343 
TRP HB2  H N N 344 
TRP HB3  H N N 345 
TRP HD1  H N N 346 
TRP HE1  H N N 347 
TRP HE3  H N N 348 
TRP HZ2  H N N 349 
TRP HZ3  H N N 350 
TRP HH2  H N N 351 
TRP HXT  H N N 352 
TYR N    N N N 353 
TYR CA   C N S 354 
TYR C    C N N 355 
TYR O    O N N 356 
TYR CB   C N N 357 
TYR CG   C Y N 358 
TYR CD1  C Y N 359 
TYR CD2  C Y N 360 
TYR CE1  C Y N 361 
TYR CE2  C Y N 362 
TYR CZ   C Y N 363 
TYR OH   O N N 364 
TYR OXT  O N N 365 
TYR H    H N N 366 
TYR H2   H N N 367 
TYR HA   H N N 368 
TYR HB2  H N N 369 
TYR HB3  H N N 370 
TYR HD1  H N N 371 
TYR HD2  H N N 372 
TYR HE1  H N N 373 
TYR HE2  H N N 374 
TYR HH   H N N 375 
TYR HXT  H N N 376 
VAL N    N N N 377 
VAL CA   C N S 378 
VAL C    C N N 379 
VAL O    O N N 380 
VAL CB   C N N 381 
VAL CG1  C N N 382 
VAL CG2  C N N 383 
VAL OXT  O N N 384 
VAL H    H N N 385 
VAL H2   H N N 386 
VAL HA   H N N 387 
VAL HB   H N N 388 
VAL HG11 H N N 389 
VAL HG12 H N N 390 
VAL HG13 H N N 391 
VAL HG21 H N N 392 
VAL HG22 H N N 393 
VAL HG23 H N N 394 
VAL HXT  H N N 395 
# 
loop_
_chem_comp_bond.comp_id 
_chem_comp_bond.atom_id_1 
_chem_comp_bond.atom_id_2 
_chem_comp_bond.value_order 
_chem_comp_bond.pdbx_aromatic_flag 
_chem_comp_bond.pdbx_stereo_config 
_chem_comp_bond.pdbx_ordinal 
ALA N   CA   sing N N 1   
ALA N   H    sing N N 2   
ALA N   H2   sing N N 3   
ALA CA  C    sing N N 4   
ALA CA  CB   sing N N 5   
ALA CA  HA   sing N N 6   
ALA C   O    doub N N 7   
ALA C   OXT  sing N N 8   
ALA CB  HB1  sing N N 9   
ALA CB  HB2  sing N N 10  
ALA CB  HB3  sing N N 11  
ALA OXT HXT  sing N N 12  
ARG N   CA   sing N N 13  
ARG N   H    sing N N 14  
ARG N   H2   sing N N 15  
ARG CA  C    sing N N 16  
ARG CA  CB   sing N N 17  
ARG CA  HA   sing N N 18  
ARG C   O    doub N N 19  
ARG C   OXT  sing N N 20  
ARG CB  CG   sing N N 21  
ARG CB  HB2  sing N N 22  
ARG CB  HB3  sing N N 23  
ARG CG  CD   sing N N 24  
ARG CG  HG2  sing N N 25  
ARG CG  HG3  sing N N 26  
ARG CD  NE   sing N N 27  
ARG CD  HD2  sing N N 28  
ARG CD  HD3  sing N N 29  
ARG NE  CZ   sing N N 30  
ARG NE  HE   sing N N 31  
ARG CZ  NH1  sing N N 32  
ARG CZ  NH2  doub N N 33  
ARG NH1 HH11 sing N N 34  
ARG NH1 HH12 sing N N 35  
ARG NH2 HH21 sing N N 36  
ARG NH2 HH22 sing N N 37  
ARG OXT HXT  sing N N 38  
ASN N   CA   sing N N 39  
ASN N   H    sing N N 40  
ASN N   H2   sing N N 41  
ASN CA  C    sing N N 42  
ASN CA  CB   sing N N 43  
ASN CA  HA   sing N N 44  
ASN C   O    doub N N 45  
ASN C   OXT  sing N N 46  
ASN CB  CG   sing N N 47  
ASN CB  HB2  sing N N 48  
ASN CB  HB3  sing N N 49  
ASN CG  OD1  doub N N 50  
ASN CG  ND2  sing N N 51  
ASN ND2 HD21 sing N N 52  
ASN ND2 HD22 sing N N 53  
ASN OXT HXT  sing N N 54  
ASP N   CA   sing N N 55  
ASP N   H    sing N N 56  
ASP N   H2   sing N N 57  
ASP CA  C    sing N N 58  
ASP CA  CB   sing N N 59  
ASP CA  HA   sing N N 60  
ASP C   O    doub N N 61  
ASP C   OXT  sing N N 62  
ASP CB  CG   sing N N 63  
ASP CB  HB2  sing N N 64  
ASP CB  HB3  sing N N 65  
ASP CG  OD1  doub N N 66  
ASP CG  OD2  sing N N 67  
ASP OD2 HD2  sing N N 68  
ASP OXT HXT  sing N N 69  
GLN N   CA   sing N N 70  
GLN N   H    sing N N 71  
GLN N   H2   sing N N 72  
GLN CA  C    sing N N 73  
GLN CA  CB   sing N N 74  
GLN CA  HA   sing N N 75  
GLN C   O    doub N N 76  
GLN C   OXT  sing N N 77  
GLN CB  CG   sing N N 78  
GLN CB  HB2  sing N N 79  
GLN CB  HB3  sing N N 80  
GLN CG  CD   sing N N 81  
GLN CG  HG2  sing N N 82  
GLN CG  HG3  sing N N 83  
GLN CD  OE1  doub N N 84  
GLN CD  NE2  sing N N 85  
GLN NE2 HE21 sing N N 86  
GLN NE2 HE22 sing N N 87  
GLN OXT HXT  sing N N 88  
GLU N   CA   sing N N 89  
GLU N   H    sing N N 90  
GLU N   H2   sing N N 91  
GLU CA  C    sing N N 92  
GLU CA  CB   sing N N 93  
GLU CA  HA   sing N N 94  
GLU C   O    doub N N 95  
GLU C   OXT  sing N N 96  
GLU CB  CG   sing N N 97  
GLU CB  HB2  sing N N 98  
GLU CB  HB3  sing N N 99  
GLU CG  CD   sing N N 100 
GLU CG  HG2  sing N N 101 
GLU CG  HG3  sing N N 102 
GLU CD  OE1  doub N N 103 
GLU CD  OE2  sing N N 104 
GLU OE2 HE2  sing N N 105 
GLU OXT HXT  sing N N 106 
GLY N   CA   sing N N 107 
GLY N   H    sing N N 108 
GLY N   H2   sing N N 109 
GLY CA  C    sing N N 110 
GLY CA  HA2  sing N N 111 
GLY CA  HA3  sing N N 112 
GLY C   O    doub N N 113 
GLY C   OXT  sing N N 114 
GLY OXT HXT  sing N N 115 
GOL C1  O1   sing N N 116 
GOL C1  C2   sing N N 117 
GOL C1  H11  sing N N 118 
GOL C1  H12  sing N N 119 
GOL O1  HO1  sing N N 120 
GOL C2  O2   sing N N 121 
GOL C2  C3   sing N N 122 
GOL C2  H2   sing N N 123 
GOL O2  HO2  sing N N 124 
GOL C3  O3   sing N N 125 
GOL C3  H31  sing N N 126 
GOL C3  H32  sing N N 127 
GOL O3  HO3  sing N N 128 
HIS N   CA   sing N N 129 
HIS N   H    sing N N 130 
HIS N   H2   sing N N 131 
HIS CA  C    sing N N 132 
HIS CA  CB   sing N N 133 
HIS CA  HA   sing N N 134 
HIS C   O    doub N N 135 
HIS C   OXT  sing N N 136 
HIS CB  CG   sing N N 137 
HIS CB  HB2  sing N N 138 
HIS CB  HB3  sing N N 139 
HIS CG  ND1  sing Y N 140 
HIS CG  CD2  doub Y N 141 
HIS ND1 CE1  doub Y N 142 
HIS ND1 HD1  sing N N 143 
HIS CD2 NE2  sing Y N 144 
HIS CD2 HD2  sing N N 145 
HIS CE1 NE2  sing Y N 146 
HIS CE1 HE1  sing N N 147 
HIS NE2 HE2  sing N N 148 
HIS OXT HXT  sing N N 149 
HOH O   H1   sing N N 150 
HOH O   H2   sing N N 151 
ILE N   CA   sing N N 152 
ILE N   H    sing N N 153 
ILE N   H2   sing N N 154 
ILE CA  C    sing N N 155 
ILE CA  CB   sing N N 156 
ILE CA  HA   sing N N 157 
ILE C   O    doub N N 158 
ILE C   OXT  sing N N 159 
ILE CB  CG1  sing N N 160 
ILE CB  CG2  sing N N 161 
ILE CB  HB   sing N N 162 
ILE CG1 CD1  sing N N 163 
ILE CG1 HG12 sing N N 164 
ILE CG1 HG13 sing N N 165 
ILE CG2 HG21 sing N N 166 
ILE CG2 HG22 sing N N 167 
ILE CG2 HG23 sing N N 168 
ILE CD1 HD11 sing N N 169 
ILE CD1 HD12 sing N N 170 
ILE CD1 HD13 sing N N 171 
ILE OXT HXT  sing N N 172 
LEU N   CA   sing N N 173 
LEU N   H    sing N N 174 
LEU N   H2   sing N N 175 
LEU CA  C    sing N N 176 
LEU CA  CB   sing N N 177 
LEU CA  HA   sing N N 178 
LEU C   O    doub N N 179 
LEU C   OXT  sing N N 180 
LEU CB  CG   sing N N 181 
LEU CB  HB2  sing N N 182 
LEU CB  HB3  sing N N 183 
LEU CG  CD1  sing N N 184 
LEU CG  CD2  sing N N 185 
LEU CG  HG   sing N N 186 
LEU CD1 HD11 sing N N 187 
LEU CD1 HD12 sing N N 188 
LEU CD1 HD13 sing N N 189 
LEU CD2 HD21 sing N N 190 
LEU CD2 HD22 sing N N 191 
LEU CD2 HD23 sing N N 192 
LEU OXT HXT  sing N N 193 
LYS N   CA   sing N N 194 
LYS N   H    sing N N 195 
LYS N   H2   sing N N 196 
LYS CA  C    sing N N 197 
LYS CA  CB   sing N N 198 
LYS CA  HA   sing N N 199 
LYS C   O    doub N N 200 
LYS C   OXT  sing N N 201 
LYS CB  CG   sing N N 202 
LYS CB  HB2  sing N N 203 
LYS CB  HB3  sing N N 204 
LYS CG  CD   sing N N 205 
LYS CG  HG2  sing N N 206 
LYS CG  HG3  sing N N 207 
LYS CD  CE   sing N N 208 
LYS CD  HD2  sing N N 209 
LYS CD  HD3  sing N N 210 
LYS CE  NZ   sing N N 211 
LYS CE  HE2  sing N N 212 
LYS CE  HE3  sing N N 213 
LYS NZ  HZ1  sing N N 214 
LYS NZ  HZ2  sing N N 215 
LYS NZ  HZ3  sing N N 216 
LYS OXT HXT  sing N N 217 
MET N   CA   sing N N 218 
MET N   H    sing N N 219 
MET N   H2   sing N N 220 
MET CA  C    sing N N 221 
MET CA  CB   sing N N 222 
MET CA  HA   sing N N 223 
MET C   O    doub N N 224 
MET C   OXT  sing N N 225 
MET CB  CG   sing N N 226 
MET CB  HB2  sing N N 227 
MET CB  HB3  sing N N 228 
MET CG  SD   sing N N 229 
MET CG  HG2  sing N N 230 
MET CG  HG3  sing N N 231 
MET SD  CE   sing N N 232 
MET CE  HE1  sing N N 233 
MET CE  HE2  sing N N 234 
MET CE  HE3  sing N N 235 
MET OXT HXT  sing N N 236 
PHE N   CA   sing N N 237 
PHE N   H    sing N N 238 
PHE N   H2   sing N N 239 
PHE CA  C    sing N N 240 
PHE CA  CB   sing N N 241 
PHE CA  HA   sing N N 242 
PHE C   O    doub N N 243 
PHE C   OXT  sing N N 244 
PHE CB  CG   sing N N 245 
PHE CB  HB2  sing N N 246 
PHE CB  HB3  sing N N 247 
PHE CG  CD1  doub Y N 248 
PHE CG  CD2  sing Y N 249 
PHE CD1 CE1  sing Y N 250 
PHE CD1 HD1  sing N N 251 
PHE CD2 CE2  doub Y N 252 
PHE CD2 HD2  sing N N 253 
PHE CE1 CZ   doub Y N 254 
PHE CE1 HE1  sing N N 255 
PHE CE2 CZ   sing Y N 256 
PHE CE2 HE2  sing N N 257 
PHE CZ  HZ   sing N N 258 
PHE OXT HXT  sing N N 259 
PRO N   CA   sing N N 260 
PRO N   CD   sing N N 261 
PRO N   H    sing N N 262 
PRO CA  C    sing N N 263 
PRO CA  CB   sing N N 264 
PRO CA  HA   sing N N 265 
PRO C   O    doub N N 266 
PRO C   OXT  sing N N 267 
PRO CB  CG   sing N N 268 
PRO CB  HB2  sing N N 269 
PRO CB  HB3  sing N N 270 
PRO CG  CD   sing N N 271 
PRO CG  HG2  sing N N 272 
PRO CG  HG3  sing N N 273 
PRO CD  HD2  sing N N 274 
PRO CD  HD3  sing N N 275 
PRO OXT HXT  sing N N 276 
SER N   CA   sing N N 277 
SER N   H    sing N N 278 
SER N   H2   sing N N 279 
SER CA  C    sing N N 280 
SER CA  CB   sing N N 281 
SER CA  HA   sing N N 282 
SER C   O    doub N N 283 
SER C   OXT  sing N N 284 
SER CB  OG   sing N N 285 
SER CB  HB2  sing N N 286 
SER CB  HB3  sing N N 287 
SER OG  HG   sing N N 288 
SER OXT HXT  sing N N 289 
SO4 S   O1   doub N N 290 
SO4 S   O2   doub N N 291 
SO4 S   O3   sing N N 292 
SO4 S   O4   sing N N 293 
THR N   CA   sing N N 294 
THR N   H    sing N N 295 
THR N   H2   sing N N 296 
THR CA  C    sing N N 297 
THR CA  CB   sing N N 298 
THR CA  HA   sing N N 299 
THR C   O    doub N N 300 
THR C   OXT  sing N N 301 
THR CB  OG1  sing N N 302 
THR CB  CG2  sing N N 303 
THR CB  HB   sing N N 304 
THR OG1 HG1  sing N N 305 
THR CG2 HG21 sing N N 306 
THR CG2 HG22 sing N N 307 
THR CG2 HG23 sing N N 308 
THR OXT HXT  sing N N 309 
TRP N   CA   sing N N 310 
TRP N   H    sing N N 311 
TRP N   H2   sing N N 312 
TRP CA  C    sing N N 313 
TRP CA  CB   sing N N 314 
TRP CA  HA   sing N N 315 
TRP C   O    doub N N 316 
TRP C   OXT  sing N N 317 
TRP CB  CG   sing N N 318 
TRP CB  HB2  sing N N 319 
TRP CB  HB3  sing N N 320 
TRP CG  CD1  doub Y N 321 
TRP CG  CD2  sing Y N 322 
TRP CD1 NE1  sing Y N 323 
TRP CD1 HD1  sing N N 324 
TRP CD2 CE2  doub Y N 325 
TRP CD2 CE3  sing Y N 326 
TRP NE1 CE2  sing Y N 327 
TRP NE1 HE1  sing N N 328 
TRP CE2 CZ2  sing Y N 329 
TRP CE3 CZ3  doub Y N 330 
TRP CE3 HE3  sing N N 331 
TRP CZ2 CH2  doub Y N 332 
TRP CZ2 HZ2  sing N N 333 
TRP CZ3 CH2  sing Y N 334 
TRP CZ3 HZ3  sing N N 335 
TRP CH2 HH2  sing N N 336 
TRP OXT HXT  sing N N 337 
TYR N   CA   sing N N 338 
TYR N   H    sing N N 339 
TYR N   H2   sing N N 340 
TYR CA  C    sing N N 341 
TYR CA  CB   sing N N 342 
TYR CA  HA   sing N N 343 
TYR C   O    doub N N 344 
TYR C   OXT  sing N N 345 
TYR CB  CG   sing N N 346 
TYR CB  HB2  sing N N 347 
TYR CB  HB3  sing N N 348 
TYR CG  CD1  doub Y N 349 
TYR CG  CD2  sing Y N 350 
TYR CD1 CE1  sing Y N 351 
TYR CD1 HD1  sing N N 352 
TYR CD2 CE2  doub Y N 353 
TYR CD2 HD2  sing N N 354 
TYR CE1 CZ   doub Y N 355 
TYR CE1 HE1  sing N N 356 
TYR CE2 CZ   sing Y N 357 
TYR CE2 HE2  sing N N 358 
TYR CZ  OH   sing N N 359 
TYR OH  HH   sing N N 360 
TYR OXT HXT  sing N N 361 
VAL N   CA   sing N N 362 
VAL N   H    sing N N 363 
VAL N   H2   sing N N 364 
VAL CA  C    sing N N 365 
VAL CA  CB   sing N N 366 
VAL CA  HA   sing N N 367 
VAL C   O    doub N N 368 
VAL C   OXT  sing N N 369 
VAL CB  CG1  sing N N 370 
VAL CB  CG2  sing N N 371 
VAL CB  HB   sing N N 372 
VAL CG1 HG11 sing N N 373 
VAL CG1 HG12 sing N N 374 
VAL CG1 HG13 sing N N 375 
VAL CG2 HG21 sing N N 376 
VAL CG2 HG22 sing N N 377 
VAL CG2 HG23 sing N N 378 
VAL OXT HXT  sing N N 379 
# 
loop_
_pdbx_entity_nonpoly.entity_id 
_pdbx_entity_nonpoly.name 
_pdbx_entity_nonpoly.comp_id 
2 'SULFATE ION'         SO4 
3 GLYCEROL              GOL 
4 'UNKNOWN ATOM OR ION' UNX 
5 water                 HOH 
# 
_pdbx_initial_refinement_model.id               1 
_pdbx_initial_refinement_model.entity_id_list   ? 
_pdbx_initial_refinement_model.type             'experimental model' 
_pdbx_initial_refinement_model.source_name      PDB 
_pdbx_initial_refinement_model.accession_code   3QBY 
_pdbx_initial_refinement_model.details          'pdb entry 3QBY' 
# 
